data_6R5P
#
_entry.id   6R5P
#
_cell.length_a   70.713
_cell.length_b   73.624
_cell.length_c   81.509
_cell.angle_alpha   65.38
_cell.angle_beta   73.41
_cell.angle_gamma   69.89
#
_symmetry.space_group_name_H-M   'P 1'
#
loop_
_entity.id
_entity.type
_entity.pdbx_description
1 polymer 'Periplasmic beta-glucosidase'
2 non-polymer beta-D-glucopyranose
3 non-polymer 'MAGNESIUM ION'
4 water water
#
_entity_poly.entity_id   1
_entity_poly.type   'polypeptide(L)'
_entity_poly.pdbx_seq_one_letter_code
;MGSSHHHHHHSSGLVPRGSHMAGQGESGNPPATDKERFIASLMARMSNAEKIGQLRLVSVGADHPKEALMADIRAGKVGA
IFNTVTRPDIRAMQDQVRHSRLKIPLFHAYDVAHGHRTIFPISLGLAASWDPEVVARSARISALEASADGLDMSFSPMVD
ITRDARWGRVSEGFGEDTYLTSLLSGVMVRAYQGSNLAAPDSIMAAVKHFALYGAAEGGRDYNTVDMSLPRMFQDYLPPY
KAAVDAGAGAVMVSLNTINGVPATANRWLLTDLLRQQWGFKGLTISNHGAVKELIKHGLAGNERDATRLAIQAGVDMNMN
DDLYSTWLPKLLAAGEIDQADIDRACRDVLAAKYDLGLFADPYRRLGKPDDPPFDTNAESRLHRQAAREVAREGLVLLKN
RDGLLPLKKQGRIAVIGPLAKSQRDVIGSWSAAGVPRQAVTVYQGLANAVGERATLLYAKGANVSGDQAILDYLNSYNPE
VEVDPRSAEAMLEEALRTARDADLVVAVVGESQGMAHEASSRTDLRIPASQRRLLKALKATGKPLVLVLMNGRPLSLGWE
QENADAILETWFSGTEGGNAIADVLFGEHNPSGKLTMSFPRSVGQVPVYYNHLNTGRPMDHDNPGKYTSRYFDEANGPLY
PFGYGLSYTEFSLSPLRLSSERLARGATLEARVTLSNSGKRAGATVVQLYLQDPVASLSRPVKELRGFRKVMLEPGESRE
IVFRLGEADLKFYDSQLRHTAEPGEFKVFVGLDSAQTESRSFTLL
;
_entity_poly.pdbx_strand_id   B,A
#
loop_
_chem_comp.id
_chem_comp.type
_chem_comp.name
_chem_comp.formula
BGC D-saccharide, beta linking beta-D-glucopyranose 'C6 H12 O6'
MG non-polymer 'MAGNESIUM ION' 'Mg 2'
#
# COMPACT_ATOMS: atom_id res chain seq x y z
N THR A 33 13.14 38.67 26.72
CA THR A 33 14.60 38.95 26.61
C THR A 33 15.32 38.62 27.93
N ASP A 34 14.58 38.49 29.05
CA ASP A 34 15.11 37.89 30.31
C ASP A 34 15.73 36.52 29.98
N LYS A 35 15.00 35.68 29.26
CA LYS A 35 15.42 34.31 28.82
C LYS A 35 16.61 34.44 27.86
N GLU A 36 16.49 35.27 26.81
CA GLU A 36 17.54 35.49 25.79
C GLU A 36 18.84 35.91 26.49
N ARG A 37 18.77 36.91 27.37
CA ARG A 37 19.93 37.42 28.17
C ARG A 37 20.57 36.27 28.93
N PHE A 38 19.77 35.59 29.77
CA PHE A 38 20.18 34.46 30.63
C PHE A 38 20.91 33.39 29.80
N ILE A 39 20.31 32.96 28.68
CA ILE A 39 20.84 31.89 27.79
C ILE A 39 22.16 32.36 27.15
N ALA A 40 22.20 33.57 26.59
CA ALA A 40 23.37 34.15 25.88
C ALA A 40 24.61 34.14 26.78
N SER A 41 24.44 34.54 28.05
CA SER A 41 25.53 34.70 29.05
C SER A 41 25.98 33.34 29.61
N LEU A 42 25.06 32.35 29.66
CA LEU A 42 25.41 30.95 30.06
C LEU A 42 26.26 30.32 28.96
N MET A 43 25.89 30.54 27.70
CA MET A 43 26.57 29.93 26.53
C MET A 43 27.93 30.61 26.29
N ALA A 44 28.08 31.89 26.69
CA ALA A 44 29.36 32.62 26.64
C ALA A 44 30.33 32.05 27.70
N ARG A 45 29.78 31.47 28.77
CA ARG A 45 30.56 30.80 29.85
C ARG A 45 31.03 29.40 29.39
N MET A 46 30.39 28.80 28.39
CA MET A 46 30.46 27.34 28.14
C MET A 46 31.55 27.01 27.13
N SER A 47 32.23 25.88 27.34
CA SER A 47 33.17 25.26 26.35
C SER A 47 32.35 24.44 25.36
N ASN A 48 32.95 24.04 24.23
CA ASN A 48 32.29 23.16 23.22
C ASN A 48 32.01 21.79 23.88
N ALA A 49 32.92 21.29 24.71
CA ALA A 49 32.75 20.02 25.47
C ALA A 49 31.46 20.08 26.28
N GLU A 50 31.23 21.19 26.98
CA GLU A 50 30.06 21.43 27.85
C GLU A 50 28.79 21.56 26.99
N LYS A 51 28.89 22.23 25.84
CA LYS A 51 27.77 22.45 24.89
C LYS A 51 27.34 21.10 24.28
N ILE A 52 28.30 20.33 23.78
CA ILE A 52 28.07 18.98 23.20
C ILE A 52 27.47 18.05 24.27
N GLY A 53 27.88 18.22 25.53
CA GLY A 53 27.36 17.46 26.68
C GLY A 53 25.86 17.65 26.84
N GLN A 54 25.35 18.85 26.52
CA GLN A 54 23.92 19.22 26.69
C GLN A 54 23.05 18.48 25.67
N LEU A 55 23.64 17.98 24.58
CA LEU A 55 22.93 17.35 23.45
C LEU A 55 22.80 15.84 23.67
N ARG A 56 23.36 15.32 24.77
CA ARG A 56 23.42 13.87 25.05
C ARG A 56 22.23 13.45 25.93
N LEU A 57 21.30 12.68 25.34
CA LEU A 57 20.10 12.10 26.01
C LEU A 57 20.28 10.58 26.12
N VAL A 58 20.30 10.05 27.35
CA VAL A 58 20.64 8.61 27.64
C VAL A 58 19.68 8.03 28.68
N SER A 59 19.60 6.70 28.75
CA SER A 59 18.89 5.93 29.82
C SER A 59 19.84 4.91 30.43
N VAL A 60 19.59 4.51 31.68
CA VAL A 60 20.36 3.46 32.40
C VAL A 60 20.07 2.10 31.72
N GLY A 61 21.12 1.39 31.31
CA GLY A 61 21.00 0.08 30.64
C GLY A 61 22.36 -0.53 30.36
N ALA A 62 22.40 -1.54 29.48
CA ALA A 62 23.64 -2.20 29.02
C ALA A 62 24.60 -1.12 28.48
N ASP A 63 24.15 -0.26 27.57
CA ASP A 63 25.00 0.76 26.89
C ASP A 63 25.57 1.77 27.91
N HIS A 64 24.84 2.03 29.00
CA HIS A 64 25.19 3.06 30.03
C HIS A 64 24.92 2.51 31.43
N PRO A 65 25.86 1.73 32.03
CA PRO A 65 25.73 1.30 33.42
C PRO A 65 25.51 2.51 34.34
N LYS A 66 24.68 2.32 35.38
CA LYS A 66 24.18 3.40 36.27
C LYS A 66 25.32 4.31 36.75
N GLU A 67 26.45 3.72 37.19
CA GLU A 67 27.50 4.45 37.97
C GLU A 67 28.40 5.27 37.04
N ALA A 68 28.74 4.75 35.85
CA ALA A 68 29.52 5.48 34.82
C ALA A 68 28.67 6.64 34.26
N LEU A 69 27.35 6.50 34.28
CA LEU A 69 26.38 7.55 33.86
C LEU A 69 26.42 8.69 34.88
N MET A 70 26.36 8.37 36.17
CA MET A 70 26.40 9.35 37.29
C MET A 70 27.71 10.14 37.19
N ALA A 71 28.81 9.45 36.89
CA ALA A 71 30.17 10.03 36.71
C ALA A 71 30.16 11.01 35.55
N ASP A 72 29.45 10.66 34.46
CA ASP A 72 29.31 11.50 33.24
C ASP A 72 28.51 12.75 33.59
N ILE A 73 27.47 12.63 34.42
CA ILE A 73 26.62 13.79 34.85
C ILE A 73 27.51 14.76 35.63
N ARG A 74 28.28 14.25 36.60
CA ARG A 74 29.20 15.04 37.47
C ARG A 74 30.22 15.80 36.61
N ALA A 75 30.59 15.28 35.45
CA ALA A 75 31.62 15.85 34.54
C ALA A 75 30.98 16.78 33.49
N GLY A 76 29.68 17.09 33.63
CA GLY A 76 28.93 18.00 32.75
C GLY A 76 28.73 17.42 31.35
N LYS A 77 28.61 16.10 31.23
CA LYS A 77 28.65 15.36 29.92
C LYS A 77 27.31 14.67 29.62
N VAL A 78 26.23 15.06 30.30
CA VAL A 78 24.86 14.53 30.07
C VAL A 78 23.87 15.69 30.11
N GLY A 79 23.06 15.84 29.07
CA GLY A 79 22.07 16.92 28.93
C GLY A 79 20.72 16.51 29.50
N ALA A 80 20.34 15.24 29.36
CA ALA A 80 19.03 14.75 29.83
C ALA A 80 19.04 13.23 29.99
N ILE A 81 18.04 12.74 30.72
CA ILE A 81 17.79 11.31 31.04
C ILE A 81 16.39 10.95 30.54
N PHE A 82 16.21 9.75 30.00
CA PHE A 82 14.89 9.13 29.76
C PHE A 82 14.86 7.76 30.46
N ASN A 83 13.66 7.34 30.89
CA ASN A 83 13.34 6.02 31.49
C ASN A 83 13.74 5.95 32.98
N THR A 84 14.02 7.08 33.63
CA THR A 84 14.18 7.14 35.12
C THR A 84 12.97 7.91 35.68
N VAL A 85 12.14 7.23 36.48
CA VAL A 85 10.67 7.55 36.56
C VAL A 85 10.14 7.63 38.01
N THR A 86 11.00 7.64 39.03
CA THR A 86 10.61 7.82 40.46
C THR A 86 11.41 8.97 41.06
N ARG A 87 10.84 9.63 42.07
CA ARG A 87 11.48 10.79 42.76
C ARG A 87 12.85 10.39 43.29
N PRO A 88 12.97 9.39 44.20
CA PRO A 88 14.28 9.03 44.74
C PRO A 88 15.31 8.83 43.63
N ASP A 89 14.92 8.18 42.52
CA ASP A 89 15.81 7.83 41.38
C ASP A 89 16.20 9.08 40.58
N ILE A 90 15.26 10.02 40.40
CA ILE A 90 15.49 11.28 39.62
C ILE A 90 16.28 12.26 40.48
N ARG A 91 15.92 12.40 41.76
CA ARG A 91 16.72 13.18 42.76
C ARG A 91 18.19 12.75 42.66
N ALA A 92 18.45 11.44 42.72
CA ALA A 92 19.80 10.84 42.74
C ALA A 92 20.63 11.36 41.56
N MET A 93 19.99 11.56 40.40
CA MET A 93 20.64 12.00 39.14
C MET A 93 20.93 13.51 39.23
N GLN A 94 19.92 14.32 39.53
CA GLN A 94 19.99 15.80 39.64
C GLN A 94 21.03 16.18 40.70
N ASP A 95 21.17 15.37 41.75
CA ASP A 95 22.19 15.53 42.82
C ASP A 95 23.60 15.51 42.24
N GLN A 96 23.84 14.81 41.12
CA GLN A 96 25.20 14.67 40.51
C GLN A 96 25.59 15.97 39.80
N VAL A 97 24.61 16.82 39.48
CA VAL A 97 24.81 18.06 38.66
C VAL A 97 25.65 19.08 39.45
N ARG A 98 25.47 19.14 40.78
CA ARG A 98 26.21 20.10 41.66
C ARG A 98 27.72 19.88 41.54
N HIS A 99 28.16 18.69 41.12
CA HIS A 99 29.60 18.33 40.97
C HIS A 99 30.16 18.83 39.64
N SER A 100 29.32 19.14 38.65
CA SER A 100 29.74 19.76 37.36
C SER A 100 30.14 21.22 37.61
N ARG A 101 30.95 21.78 36.71
CA ARG A 101 31.44 23.18 36.78
C ARG A 101 30.26 24.15 36.78
N LEU A 102 29.39 24.09 35.77
CA LEU A 102 28.30 25.08 35.56
C LEU A 102 27.00 24.64 36.24
N LYS A 103 26.93 23.40 36.73
CA LYS A 103 25.75 22.89 37.48
C LYS A 103 24.48 23.01 36.64
N ILE A 104 24.56 22.78 35.32
CA ILE A 104 23.36 22.85 34.42
C ILE A 104 22.47 21.66 34.77
N PRO A 105 21.20 21.89 35.19
CA PRO A 105 20.31 20.81 35.58
C PRO A 105 19.94 19.88 34.40
N LEU A 106 19.68 18.62 34.70
CA LEU A 106 19.05 17.66 33.75
C LEU A 106 17.55 17.94 33.67
N PHE A 107 16.93 17.63 32.54
CA PHE A 107 15.49 17.32 32.46
C PHE A 107 15.38 15.80 32.33
N HIS A 108 14.24 15.25 32.76
CA HIS A 108 13.95 13.78 32.78
C HIS A 108 12.70 13.51 31.94
N ALA A 109 12.79 12.56 31.00
CA ALA A 109 11.71 12.24 30.05
C ALA A 109 11.25 10.79 30.26
N TYR A 110 10.06 10.47 29.73
CA TYR A 110 9.46 9.12 29.74
C TYR A 110 8.37 9.05 28.66
N ASP A 111 7.92 7.84 28.33
CA ASP A 111 6.86 7.57 27.33
C ASP A 111 5.52 7.53 28.07
N VAL A 112 5.00 8.70 28.44
CA VAL A 112 3.67 8.87 29.07
C VAL A 112 2.66 9.07 27.93
N ALA A 113 2.27 7.98 27.28
CA ALA A 113 1.52 7.99 25.99
C ALA A 113 0.02 8.13 26.25
N HIS A 114 -0.53 7.35 27.19
CA HIS A 114 -1.96 7.33 27.57
C HIS A 114 -2.09 7.03 29.07
N GLY A 115 -1.34 7.76 29.90
CA GLY A 115 -1.27 7.55 31.36
C GLY A 115 0.15 7.33 31.81
N HIS A 116 0.45 7.63 33.09
CA HIS A 116 1.76 7.39 33.73
C HIS A 116 1.65 6.19 34.67
N ARG A 117 0.87 6.30 35.75
CA ARG A 117 0.62 5.22 36.74
C ARG A 117 -0.84 4.76 36.65
N THR A 118 -1.79 5.71 36.65
CA THR A 118 -3.21 5.47 36.27
C THR A 118 -3.29 5.47 34.74
N ILE A 119 -3.54 4.32 34.13
CA ILE A 119 -3.52 4.15 32.64
C ILE A 119 -4.93 4.35 32.10
N PHE A 120 -5.07 5.34 31.20
CA PHE A 120 -6.29 5.60 30.40
C PHE A 120 -6.27 4.71 29.16
N PRO A 121 -7.35 4.66 28.36
CA PRO A 121 -7.36 3.85 27.14
C PRO A 121 -6.22 4.27 26.20
N ILE A 122 -5.74 3.35 25.37
CA ILE A 122 -4.79 3.66 24.25
C ILE A 122 -5.40 4.79 23.43
N SER A 123 -4.55 5.62 22.80
CA SER A 123 -4.93 6.86 22.07
C SER A 123 -6.06 6.58 21.06
N LEU A 124 -5.95 5.49 20.30
CA LEU A 124 -6.97 5.06 19.31
C LEU A 124 -8.32 4.95 20.03
N GLY A 125 -8.33 4.47 21.28
CA GLY A 125 -9.53 4.37 22.14
C GLY A 125 -10.01 5.74 22.59
N LEU A 126 -9.10 6.63 23.03
CA LEU A 126 -9.37 8.02 23.47
C LEU A 126 -10.05 8.79 22.33
N ALA A 127 -9.45 8.74 21.13
CA ALA A 127 -9.97 9.39 19.90
C ALA A 127 -11.46 9.07 19.75
N ALA A 128 -11.84 7.81 20.04
CA ALA A 128 -13.19 7.24 19.82
C ALA A 128 -14.24 7.94 20.70
N SER A 129 -13.81 8.71 21.70
CA SER A 129 -14.69 9.53 22.58
C SER A 129 -15.18 10.78 21.86
N TRP A 130 -14.49 11.23 20.80
CA TRP A 130 -14.86 12.41 19.98
C TRP A 130 -15.06 13.66 20.86
N ASP A 131 -14.34 13.75 21.98
CA ASP A 131 -14.56 14.78 23.02
C ASP A 131 -13.22 15.32 23.48
N PRO A 132 -12.78 16.49 22.96
CA PRO A 132 -11.57 17.15 23.43
C PRO A 132 -11.37 17.18 24.96
N GLU A 133 -12.44 17.45 25.73
CA GLU A 133 -12.36 17.61 27.20
C GLU A 133 -11.99 16.27 27.85
N VAL A 134 -12.53 15.16 27.35
CA VAL A 134 -12.19 13.78 27.82
C VAL A 134 -10.71 13.52 27.51
N VAL A 135 -10.26 13.77 26.27
CA VAL A 135 -8.85 13.55 25.84
C VAL A 135 -7.93 14.45 26.69
N ALA A 136 -8.33 15.71 26.95
CA ALA A 136 -7.59 16.71 27.74
C ALA A 136 -7.40 16.22 29.18
N ARG A 137 -8.47 15.68 29.78
CA ARG A 137 -8.47 15.18 31.17
C ARG A 137 -7.46 14.04 31.33
N SER A 138 -7.28 13.19 30.31
CA SER A 138 -6.34 12.05 30.31
C SER A 138 -4.89 12.58 30.29
N ALA A 139 -4.65 13.63 29.49
CA ALA A 139 -3.32 14.27 29.34
C ALA A 139 -2.96 15.07 30.60
N ARG A 140 -3.91 15.84 31.14
CA ARG A 140 -3.72 16.67 32.36
C ARG A 140 -3.31 15.76 33.52
N ILE A 141 -4.02 14.65 33.70
CA ILE A 141 -3.81 13.70 34.83
C ILE A 141 -2.53 12.93 34.61
N SER A 142 -2.21 12.58 33.36
CA SER A 142 -0.92 11.98 32.95
C SER A 142 0.22 12.92 33.36
N ALA A 143 0.13 14.20 33.00
CA ALA A 143 1.14 15.24 33.31
C ALA A 143 1.28 15.38 34.83
N LEU A 144 0.14 15.49 35.52
CA LEU A 144 0.03 15.63 37.00
C LEU A 144 0.81 14.49 37.68
N GLU A 145 0.50 13.25 37.31
CA GLU A 145 1.11 12.01 37.90
C GLU A 145 2.62 11.93 37.59
N ALA A 146 3.01 12.18 36.34
CA ALA A 146 4.40 12.06 35.85
C ALA A 146 5.28 13.14 36.50
N SER A 147 4.79 14.37 36.53
CA SER A 147 5.43 15.53 37.20
C SER A 147 5.59 15.23 38.68
N ALA A 148 4.56 14.70 39.32
CA ALA A 148 4.52 14.32 40.75
C ALA A 148 5.63 13.31 41.06
N ASP A 149 6.05 12.50 40.09
CA ASP A 149 7.10 11.45 40.25
C ASP A 149 8.47 12.03 39.88
N GLY A 150 8.52 13.23 39.31
CA GLY A 150 9.78 13.96 39.04
C GLY A 150 10.02 14.25 37.56
N LEU A 151 9.19 13.70 36.67
CA LEU A 151 9.39 13.79 35.20
C LEU A 151 9.06 15.20 34.70
N ASP A 152 9.83 15.69 33.72
CA ASP A 152 9.74 17.05 33.13
C ASP A 152 9.10 17.00 31.73
N MET A 153 9.24 15.87 31.03
CA MET A 153 8.91 15.72 29.60
C MET A 153 8.28 14.34 29.36
N SER A 154 7.30 14.28 28.46
CA SER A 154 6.81 13.01 27.88
C SER A 154 7.00 13.03 26.35
N PHE A 155 7.59 11.98 25.80
CA PHE A 155 7.59 11.67 24.35
C PHE A 155 6.13 11.35 23.97
N SER A 156 5.35 12.43 23.82
CA SER A 156 3.88 12.40 23.60
CA SER A 156 3.89 12.40 23.59
C SER A 156 3.42 13.83 23.32
N PRO A 157 2.34 14.06 22.52
CA PRO A 157 1.53 13.00 21.91
C PRO A 157 2.12 12.40 20.62
N MET A 158 1.84 11.12 20.38
CA MET A 158 2.02 10.46 19.06
C MET A 158 0.80 10.81 18.21
N VAL A 159 1.01 11.48 17.06
CA VAL A 159 -0.07 12.12 16.25
C VAL A 159 0.11 11.76 14.77
N ASP A 160 0.68 10.58 14.51
CA ASP A 160 0.90 10.05 13.13
C ASP A 160 -0.44 9.56 12.57
N ILE A 161 -0.82 10.06 11.39
CA ILE A 161 -2.00 9.57 10.62
C ILE A 161 -1.74 8.12 10.19
N THR A 162 -2.73 7.25 10.39
CA THR A 162 -2.70 5.78 10.14
C THR A 162 -3.86 5.36 9.24
N ARG A 163 -3.58 4.97 7.99
CA ARG A 163 -4.59 4.41 7.04
C ARG A 163 -4.34 2.92 6.79
N ASP A 164 -3.33 2.34 7.47
CA ASP A 164 -2.86 0.95 7.29
C ASP A 164 -2.98 0.20 8.63
N ALA A 165 -4.04 -0.59 8.79
CA ALA A 165 -4.40 -1.30 10.04
C ALA A 165 -3.33 -2.36 10.41
N ARG A 166 -2.47 -2.75 9.47
CA ARG A 166 -1.41 -3.77 9.69
C ARG A 166 -0.33 -3.24 10.64
N TRP A 167 -0.07 -1.93 10.62
CA TRP A 167 1.03 -1.24 11.35
C TRP A 167 0.85 -1.43 12.86
N GLY A 168 1.93 -1.82 13.55
CA GLY A 168 1.94 -2.11 15.00
C GLY A 168 1.43 -0.94 15.84
N ARG A 169 1.75 0.29 15.44
CA ARG A 169 1.67 1.49 16.33
C ARG A 169 0.42 2.32 16.06
N VAL A 170 -0.62 1.77 15.43
CA VAL A 170 -1.88 2.51 15.16
C VAL A 170 -2.60 2.76 16.49
N SER A 171 -2.35 1.91 17.49
CA SER A 171 -2.90 2.01 18.87
C SER A 171 -2.48 3.34 19.52
N GLU A 172 -1.31 3.88 19.14
CA GLU A 172 -0.70 5.09 19.75
C GLU A 172 -1.24 6.39 19.12
N GLY A 173 -1.85 6.30 17.93
CA GLY A 173 -2.41 7.45 17.19
C GLY A 173 -3.88 7.66 17.49
N PHE A 174 -4.52 8.57 16.77
CA PHE A 174 -5.95 8.96 16.94
C PHE A 174 -6.79 8.52 15.72
N GLY A 175 -6.23 7.66 14.86
CA GLY A 175 -6.93 7.07 13.70
C GLY A 175 -6.48 7.70 12.37
N GLU A 176 -7.40 7.78 11.41
CA GLU A 176 -7.07 8.04 9.98
C GLU A 176 -7.43 9.46 9.55
N ASP A 177 -8.21 10.21 10.35
CA ASP A 177 -8.73 11.53 9.91
C ASP A 177 -7.78 12.64 10.34
N THR A 178 -7.42 13.51 9.38
CA THR A 178 -6.45 14.63 9.54
C THR A 178 -7.00 15.68 10.51
N TYR A 179 -8.28 16.02 10.39
CA TYR A 179 -8.94 17.09 11.18
C TYR A 179 -8.97 16.69 12.65
N LEU A 180 -9.43 15.47 12.95
CA LEU A 180 -9.59 14.95 14.33
C LEU A 180 -8.22 14.78 14.99
N THR A 181 -7.26 14.16 14.30
CA THR A 181 -5.89 13.90 14.82
C THR A 181 -5.19 15.24 15.07
N SER A 182 -5.33 16.21 14.14
CA SER A 182 -4.78 17.58 14.26
C SER A 182 -5.36 18.29 15.49
N LEU A 183 -6.68 18.22 15.70
CA LEU A 183 -7.38 18.88 16.84
C LEU A 183 -6.86 18.28 18.14
N LEU A 184 -6.92 16.95 18.30
CA LEU A 184 -6.51 16.24 19.54
C LEU A 184 -5.00 16.42 19.78
N SER A 185 -4.18 16.59 18.74
CA SER A 185 -2.74 16.91 18.86
C SER A 185 -2.57 18.20 19.67
N GLY A 186 -3.27 19.27 19.25
CA GLY A 186 -3.36 20.55 19.98
C GLY A 186 -3.89 20.37 21.39
N VAL A 187 -4.95 19.57 21.59
CA VAL A 187 -5.61 19.38 22.92
C VAL A 187 -4.60 18.77 23.89
N MET A 188 -3.94 17.67 23.47
CA MET A 188 -2.94 16.91 24.26
C MET A 188 -1.81 17.84 24.71
N VAL A 189 -1.24 18.62 23.79
CA VAL A 189 -0.08 19.52 24.05
C VAL A 189 -0.45 20.54 25.12
N ARG A 190 -1.58 21.22 24.98
CA ARG A 190 -2.02 22.31 25.90
C ARG A 190 -2.33 21.74 27.28
N ALA A 191 -2.89 20.52 27.34
CA ALA A 191 -3.21 19.80 28.59
C ALA A 191 -1.93 19.47 29.36
N TYR A 192 -0.97 18.81 28.70
CA TYR A 192 0.35 18.43 29.27
C TYR A 192 1.06 19.66 29.82
N GLN A 193 1.28 20.66 28.97
CA GLN A 193 2.16 21.84 29.25
C GLN A 193 1.43 22.85 30.14
N GLY A 194 0.10 22.81 30.18
CA GLY A 194 -0.73 23.66 31.05
C GLY A 194 -0.56 25.13 30.71
N SER A 195 -0.71 25.98 31.72
CA SER A 195 -0.71 27.47 31.62
C SER A 195 0.73 28.00 31.71
N ASN A 196 1.65 27.22 32.26
CA ASN A 196 3.07 27.59 32.49
C ASN A 196 3.89 26.30 32.59
N LEU A 197 4.96 26.17 31.79
CA LEU A 197 5.83 24.96 31.74
C LEU A 197 6.70 24.88 33.00
N ALA A 198 6.82 25.99 33.75
CA ALA A 198 7.53 26.04 35.05
C ALA A 198 6.70 25.33 36.13
N ALA A 199 5.37 25.32 36.00
CA ALA A 199 4.43 24.78 37.00
C ALA A 199 4.89 23.39 37.44
N PRO A 200 4.80 23.05 38.75
CA PRO A 200 5.25 21.74 39.23
C PRO A 200 4.39 20.55 38.75
N ASP A 201 3.18 20.82 38.22
CA ASP A 201 2.23 19.77 37.75
C ASP A 201 2.07 19.82 36.22
N SER A 202 2.97 20.55 35.54
CA SER A 202 3.07 20.63 34.06
C SER A 202 4.30 19.84 33.59
N ILE A 203 4.22 19.23 32.40
CA ILE A 203 5.37 18.62 31.69
C ILE A 203 5.42 19.15 30.25
N MET A 204 6.58 19.06 29.60
CA MET A 204 6.79 19.47 28.19
C MET A 204 6.30 18.33 27.28
N ALA A 205 5.49 18.69 26.27
CA ALA A 205 5.05 17.78 25.18
C ALA A 205 6.16 17.70 24.15
N ALA A 206 6.68 16.49 23.89
CA ALA A 206 7.59 16.19 22.78
C ALA A 206 6.80 15.40 21.73
N VAL A 207 6.11 16.11 20.84
CA VAL A 207 5.23 15.52 19.79
C VAL A 207 6.06 14.60 18.90
N LYS A 208 5.44 13.53 18.38
CA LYS A 208 6.13 12.48 17.57
C LYS A 208 5.11 11.80 16.65
N HIS A 209 5.59 11.09 15.61
CA HIS A 209 6.96 11.05 15.18
C HIS A 209 7.10 11.83 13.86
N PHE A 210 7.88 12.91 13.86
CA PHE A 210 8.07 13.83 12.72
C PHE A 210 9.04 13.20 11.73
N ALA A 211 8.56 12.69 10.58
CA ALA A 211 7.17 12.77 10.16
C ALA A 211 6.81 11.61 9.22
N LEU A 212 5.50 11.38 9.04
CA LEU A 212 4.91 10.50 7.98
C LEU A 212 5.03 9.03 8.35
N TYR A 213 5.34 8.72 9.62
CA TYR A 213 5.77 7.38 10.14
C TYR A 213 4.65 6.34 9.96
N GLY A 214 3.39 6.77 10.02
CA GLY A 214 2.21 5.89 9.93
C GLY A 214 1.98 5.30 8.54
N ALA A 215 2.71 5.77 7.53
CA ALA A 215 2.48 5.44 6.09
C ALA A 215 3.55 4.46 5.60
N ALA A 216 4.14 3.67 6.50
CA ALA A 216 5.17 2.66 6.17
C ALA A 216 4.60 1.71 5.10
N GLU A 217 5.40 1.39 4.07
CA GLU A 217 5.01 0.39 3.04
C GLU A 217 4.77 -0.96 3.70
N GLY A 218 3.66 -1.61 3.35
CA GLY A 218 3.29 -2.96 3.83
C GLY A 218 2.87 -2.95 5.29
N GLY A 219 2.79 -1.76 5.91
CA GLY A 219 2.53 -1.61 7.36
C GLY A 219 3.66 -2.21 8.20
N ARG A 220 4.82 -2.50 7.59
CA ARG A 220 6.03 -2.97 8.29
C ARG A 220 6.66 -1.77 9.00
N ASP A 221 6.87 -1.85 10.32
CA ASP A 221 7.39 -0.71 11.13
C ASP A 221 8.78 -0.33 10.60
N TYR A 222 9.12 0.96 10.69
CA TYR A 222 10.44 1.55 10.30
C TYR A 222 10.59 1.61 8.77
N ASN A 223 9.64 1.06 8.02
CA ASN A 223 9.79 0.82 6.56
C ASN A 223 9.56 2.11 5.77
N THR A 224 10.11 2.15 4.56
CA THR A 224 9.99 3.23 3.54
C THR A 224 8.59 3.87 3.57
N VAL A 225 8.55 5.20 3.59
CA VAL A 225 7.34 6.03 3.31
C VAL A 225 7.64 6.85 2.05
N ASP A 226 6.74 6.82 1.09
CA ASP A 226 6.90 7.51 -0.21
C ASP A 226 5.57 8.11 -0.65
N MET A 227 5.47 9.44 -0.70
CA MET A 227 4.23 10.13 -1.12
C MET A 227 4.53 11.50 -1.74
N SER A 228 3.57 11.99 -2.53
CA SER A 228 3.53 13.33 -3.17
C SER A 228 3.50 14.41 -2.09
N LEU A 229 3.89 15.63 -2.46
CA LEU A 229 3.94 16.77 -1.51
C LEU A 229 2.52 17.31 -1.26
N PRO A 230 1.60 17.31 -2.25
CA PRO A 230 0.20 17.62 -1.97
C PRO A 230 -0.48 16.75 -0.90
N ARG A 231 -0.26 15.42 -0.94
CA ARG A 231 -0.83 14.48 0.07
C ARG A 231 -0.18 14.75 1.43
N MET A 232 1.14 14.96 1.42
CA MET A 232 1.97 15.23 2.62
C MET A 232 1.40 16.43 3.38
N PHE A 233 1.24 17.56 2.69
CA PHE A 233 0.83 18.85 3.30
C PHE A 233 -0.65 18.81 3.68
N GLN A 234 -1.49 18.17 2.86
CA GLN A 234 -2.96 18.17 3.08
C GLN A 234 -3.34 17.19 4.20
N ASP A 235 -2.81 15.97 4.20
CA ASP A 235 -3.35 14.84 5.01
C ASP A 235 -2.44 14.52 6.21
N TYR A 236 -1.12 14.45 6.02
CA TYR A 236 -0.20 13.78 6.97
C TYR A 236 0.50 14.78 7.92
N LEU A 237 0.83 15.98 7.45
CA LEU A 237 1.66 16.95 8.22
C LEU A 237 0.85 17.74 9.24
N PRO A 238 -0.42 18.16 8.97
CA PRO A 238 -1.14 19.04 9.89
C PRO A 238 -1.09 18.69 11.38
N PRO A 239 -1.14 17.42 11.82
CA PRO A 239 -1.05 17.10 13.25
C PRO A 239 0.24 17.58 13.95
N TYR A 240 1.39 17.52 13.25
CA TYR A 240 2.69 18.00 13.74
C TYR A 240 2.63 19.53 13.88
N LYS A 241 2.06 20.21 12.89
CA LYS A 241 1.95 21.68 12.86
C LYS A 241 1.03 22.15 14.00
N ALA A 242 0.01 21.37 14.35
CA ALA A 242 -0.97 21.68 15.42
C ALA A 242 -0.25 21.67 16.77
N ALA A 243 0.59 20.67 17.00
CA ALA A 243 1.44 20.54 18.21
C ALA A 243 2.33 21.78 18.35
N VAL A 244 3.01 22.17 17.27
CA VAL A 244 3.87 23.39 17.19
C VAL A 244 3.02 24.61 17.53
N ASP A 245 1.88 24.79 16.86
CA ASP A 245 0.96 25.94 17.04
C ASP A 245 0.42 25.97 18.48
N ALA A 246 0.23 24.82 19.12
CA ALA A 246 -0.26 24.70 20.52
C ALA A 246 0.88 25.01 21.51
N GLY A 247 2.13 25.08 21.03
CA GLY A 247 3.31 25.50 21.81
C GLY A 247 4.16 24.34 22.28
N ALA A 248 4.17 23.21 21.56
CA ALA A 248 5.01 22.03 21.88
C ALA A 248 6.45 22.53 22.08
N GLY A 249 7.04 22.24 23.23
CA GLY A 249 8.43 22.62 23.57
C GLY A 249 9.44 21.77 22.84
N ALA A 250 9.02 20.61 22.32
CA ALA A 250 9.91 19.61 21.67
C ALA A 250 9.17 18.86 20.55
N VAL A 251 9.96 18.38 19.58
CA VAL A 251 9.54 17.49 18.45
C VAL A 251 10.52 16.32 18.39
N MET A 252 10.03 15.08 18.37
CA MET A 252 10.87 13.87 18.18
C MET A 252 10.86 13.48 16.70
N VAL A 253 12.04 13.24 16.13
CA VAL A 253 12.21 12.95 14.68
C VAL A 253 12.07 11.44 14.47
N SER A 254 11.43 11.06 13.35
CA SER A 254 11.03 9.67 13.03
C SER A 254 12.21 8.87 12.45
N LEU A 255 12.07 7.54 12.41
CA LEU A 255 13.12 6.57 12.00
C LEU A 255 13.03 6.29 10.50
N ASN A 256 11.90 6.62 9.87
CA ASN A 256 11.52 6.25 8.48
C ASN A 256 12.11 7.23 7.46
N THR A 257 12.37 6.76 6.24
CA THR A 257 12.70 7.63 5.07
C THR A 257 11.45 8.41 4.67
N ILE A 258 11.65 9.64 4.20
CA ILE A 258 10.64 10.46 3.48
C ILE A 258 11.16 10.68 2.05
N ASN A 259 10.56 9.99 1.08
CA ASN A 259 10.89 10.10 -0.38
C ASN A 259 12.40 9.94 -0.59
N GLY A 260 13.02 8.98 0.12
CA GLY A 260 14.42 8.58 -0.07
C GLY A 260 15.35 9.07 1.03
N VAL A 261 14.93 10.08 1.80
CA VAL A 261 15.77 10.76 2.83
C VAL A 261 15.25 10.44 4.24
N PRO A 262 16.04 9.73 5.07
CA PRO A 262 15.71 9.54 6.48
C PRO A 262 15.41 10.91 7.13
N ALA A 263 14.32 11.00 7.88
CA ALA A 263 13.86 12.23 8.58
C ALA A 263 15.02 12.81 9.42
N THR A 264 15.87 11.93 9.97
CA THR A 264 16.99 12.28 10.87
C THR A 264 18.09 13.03 10.10
N ALA A 265 18.17 12.86 8.78
CA ALA A 265 19.14 13.56 7.89
C ALA A 265 18.41 14.45 6.89
N ASN A 266 17.12 14.74 7.11
CA ASN A 266 16.25 15.45 6.14
C ASN A 266 16.26 16.94 6.51
N ARG A 267 17.21 17.70 5.96
CA ARG A 267 17.36 19.16 6.24
C ARG A 267 16.05 19.87 5.86
N TRP A 268 15.46 19.50 4.73
CA TRP A 268 14.20 20.13 4.23
C TRP A 268 13.11 20.03 5.32
N LEU A 269 12.96 18.85 5.92
CA LEU A 269 11.86 18.55 6.89
C LEU A 269 12.09 19.31 8.20
N LEU A 270 13.32 19.31 8.71
CA LEU A 270 13.66 19.78 10.08
C LEU A 270 14.06 21.27 10.07
N THR A 271 14.55 21.82 8.96
CA THR A 271 15.05 23.21 8.86
C THR A 271 14.09 24.06 8.01
N ASP A 272 13.94 23.72 6.72
CA ASP A 272 13.12 24.51 5.77
C ASP A 272 11.65 24.52 6.23
N LEU A 273 11.08 23.34 6.50
CA LEU A 273 9.65 23.26 6.96
C LEU A 273 9.57 23.65 8.44
N LEU A 274 10.09 22.81 9.34
CA LEU A 274 9.83 22.89 10.80
C LEU A 274 10.19 24.28 11.33
N ARG A 275 11.37 24.81 11.00
CA ARG A 275 11.90 26.03 11.65
C ARG A 275 11.58 27.26 10.78
N GLN A 276 12.02 27.28 9.52
CA GLN A 276 11.95 28.49 8.67
C GLN A 276 10.49 28.79 8.28
N GLN A 277 9.63 27.77 8.13
CA GLN A 277 8.26 27.93 7.54
C GLN A 277 7.19 27.89 8.65
N TRP A 278 7.28 26.93 9.58
CA TRP A 278 6.32 26.78 10.71
C TRP A 278 6.76 27.65 11.90
N GLY A 279 8.01 28.10 11.93
CA GLY A 279 8.53 29.01 12.98
C GLY A 279 8.69 28.31 14.32
N PHE A 280 8.92 27.00 14.32
CA PHE A 280 9.19 26.21 15.55
C PHE A 280 10.43 26.79 16.23
N LYS A 281 10.38 26.93 17.56
CA LYS A 281 11.43 27.62 18.34
C LYS A 281 11.92 26.75 19.50
N GLY A 282 11.60 25.45 19.47
CA GLY A 282 11.87 24.49 20.55
C GLY A 282 13.02 23.56 20.20
N LEU A 283 12.97 22.34 20.74
CA LEU A 283 14.08 21.35 20.75
C LEU A 283 13.70 20.17 19.84
N THR A 284 14.60 19.77 18.92
CA THR A 284 14.45 18.53 18.12
C THR A 284 15.20 17.40 18.85
N ILE A 285 14.59 16.22 18.94
CA ILE A 285 15.13 15.03 19.66
C ILE A 285 15.16 13.85 18.68
N SER A 286 16.33 13.24 18.47
CA SER A 286 16.50 12.03 17.62
C SER A 286 15.67 10.89 18.20
N ASN A 287 15.40 9.86 17.40
CA ASN A 287 14.75 8.61 17.88
C ASN A 287 15.86 7.67 18.36
N HIS A 288 15.50 6.55 18.99
CA HIS A 288 16.45 5.64 19.70
C HIS A 288 17.45 5.05 18.70
N GLY A 289 18.67 5.60 18.68
CA GLY A 289 19.78 5.14 17.82
C GLY A 289 19.65 5.59 16.37
N ALA A 290 18.84 6.63 16.12
CA ALA A 290 18.39 7.08 14.78
C ALA A 290 19.55 7.69 13.96
N VAL A 291 20.48 8.36 14.63
CA VAL A 291 21.68 8.99 13.98
C VAL A 291 22.54 7.88 13.39
N LYS A 292 22.87 6.86 14.20
CA LYS A 292 23.74 5.72 13.79
C LYS A 292 23.08 4.91 12.67
N GLU A 293 21.75 4.84 12.65
CA GLU A 293 20.96 4.03 11.67
C GLU A 293 21.04 4.64 10.26
N LEU A 294 21.49 5.89 10.13
CA LEU A 294 21.74 6.56 8.82
C LEU A 294 22.74 5.74 8.02
N ILE A 295 23.52 4.87 8.67
CA ILE A 295 24.50 3.95 8.02
C ILE A 295 23.72 2.85 7.30
N LYS A 296 22.72 2.26 7.96
CA LYS A 296 21.93 1.11 7.42
C LYS A 296 20.91 1.63 6.41
N HIS A 297 20.48 2.89 6.55
CA HIS A 297 19.66 3.61 5.54
C HIS A 297 20.46 3.76 4.24
N GLY A 298 21.79 3.69 4.31
CA GLY A 298 22.70 3.84 3.16
C GLY A 298 22.94 5.31 2.82
N LEU A 299 22.86 6.18 3.83
CA LEU A 299 23.08 7.66 3.74
C LEU A 299 24.51 8.01 4.19
N ALA A 300 25.21 7.09 4.86
CA ALA A 300 26.55 7.32 5.44
C ALA A 300 27.32 5.99 5.58
N GLY A 301 28.61 6.01 5.23
CA GLY A 301 29.52 4.86 5.32
C GLY A 301 30.02 4.63 6.73
N ASN A 302 29.87 5.61 7.63
CA ASN A 302 30.46 5.56 9.00
C ASN A 302 29.72 6.52 9.93
N GLU A 303 30.09 6.49 11.22
CA GLU A 303 29.41 7.23 12.33
C GLU A 303 29.79 8.72 12.27
N ARG A 304 31.00 9.02 11.81
CA ARG A 304 31.50 10.41 11.66
C ARG A 304 30.57 11.18 10.71
N ASP A 305 30.30 10.61 9.53
CA ASP A 305 29.46 11.24 8.47
C ASP A 305 27.99 11.22 8.89
N ALA A 306 27.55 10.18 9.60
CA ALA A 306 26.16 10.02 10.10
C ALA A 306 25.84 11.17 11.08
N THR A 307 26.81 11.52 11.93
CA THR A 307 26.70 12.62 12.92
C THR A 307 26.53 13.95 12.17
N ARG A 308 27.39 14.23 11.17
CA ARG A 308 27.41 15.51 10.41
C ARG A 308 26.03 15.73 9.78
N LEU A 309 25.47 14.71 9.14
CA LEU A 309 24.18 14.81 8.40
C LEU A 309 23.07 15.22 9.38
N ALA A 310 23.04 14.60 10.57
CA ALA A 310 21.96 14.75 11.56
C ALA A 310 22.00 16.15 12.18
N ILE A 311 23.16 16.63 12.64
CA ILE A 311 23.25 17.95 13.32
C ILE A 311 23.02 19.08 12.30
N GLN A 312 23.48 18.92 11.05
CA GLN A 312 23.33 19.94 9.97
C GLN A 312 21.93 19.90 9.36
N ALA A 313 21.21 18.78 9.47
CA ALA A 313 19.79 18.65 9.03
C ALA A 313 18.89 19.40 10.01
N GLY A 314 19.24 19.38 11.30
CA GLY A 314 18.53 20.12 12.37
C GLY A 314 18.08 19.22 13.52
N VAL A 315 18.85 18.17 13.83
CA VAL A 315 18.64 17.31 15.03
C VAL A 315 19.51 17.87 16.17
N ASP A 316 18.89 18.42 17.22
CA ASP A 316 19.62 19.04 18.36
C ASP A 316 20.15 17.93 19.28
N MET A 317 19.27 17.06 19.75
CA MET A 317 19.53 16.14 20.88
C MET A 317 19.59 14.68 20.38
N ASN A 318 20.62 13.96 20.80
CA ASN A 318 21.02 12.60 20.30
C ASN A 318 20.69 11.55 21.35
N MET A 319 19.82 10.60 21.03
CA MET A 319 19.29 9.59 21.99
C MET A 319 20.12 8.29 21.91
N ASN A 320 20.96 8.06 22.92
CA ASN A 320 21.53 6.75 23.35
C ASN A 320 22.79 6.37 22.56
N ASP A 321 22.86 6.56 21.23
CA ASP A 321 23.97 5.98 20.42
C ASP A 321 25.28 6.74 20.70
N ASP A 322 25.19 7.99 21.19
CA ASP A 322 26.31 8.81 21.70
C ASP A 322 27.28 9.17 20.58
N LEU A 323 26.82 9.17 19.32
CA LEU A 323 27.65 9.55 18.15
C LEU A 323 28.01 11.05 18.23
N TYR A 324 27.13 11.87 18.84
CA TYR A 324 27.31 13.34 18.98
C TYR A 324 28.53 13.64 19.88
N SER A 325 28.63 12.99 21.03
CA SER A 325 29.77 13.15 21.98
C SER A 325 31.07 12.63 21.36
N THR A 326 30.99 11.52 20.61
CA THR A 326 32.16 10.82 20.00
C THR A 326 32.74 11.63 18.83
N TRP A 327 31.93 12.39 18.09
CA TRP A 327 32.32 12.88 16.74
C TRP A 327 32.20 14.39 16.55
N LEU A 328 31.35 15.11 17.30
CA LEU A 328 31.12 16.57 17.06
C LEU A 328 32.41 17.37 17.21
N PRO A 329 33.27 17.10 18.24
CA PRO A 329 34.56 17.78 18.34
C PRO A 329 35.45 17.65 17.08
N LYS A 330 35.61 16.44 16.55
CA LYS A 330 36.50 16.16 15.39
C LYS A 330 35.94 16.77 14.11
N LEU A 331 34.63 16.69 13.89
CA LEU A 331 33.93 17.32 12.74
C LEU A 331 34.18 18.83 12.76
N LEU A 332 34.16 19.45 13.94
CA LEU A 332 34.36 20.93 14.08
C LEU A 332 35.83 21.27 13.77
N ALA A 333 36.77 20.54 14.40
CA ALA A 333 38.23 20.67 14.18
C ALA A 333 38.57 20.66 12.68
N ALA A 334 37.90 19.82 11.88
CA ALA A 334 38.18 19.60 10.44
C ALA A 334 37.27 20.47 9.55
N GLY A 335 36.43 21.33 10.14
CA GLY A 335 35.58 22.31 9.43
C GLY A 335 34.38 21.69 8.74
N GLU A 336 34.10 20.40 8.98
CA GLU A 336 32.99 19.64 8.32
C GLU A 336 31.63 20.13 8.86
N ILE A 337 31.62 20.73 10.05
CA ILE A 337 30.43 21.42 10.63
C ILE A 337 30.86 22.79 11.13
N ASP A 338 29.89 23.68 11.36
CA ASP A 338 30.07 25.07 11.85
C ASP A 338 29.77 25.12 13.35
N GLN A 339 30.38 26.05 14.08
CA GLN A 339 30.09 26.36 15.51
C GLN A 339 28.58 26.62 15.67
N ALA A 340 27.97 27.30 14.69
CA ALA A 340 26.54 27.66 14.66
C ALA A 340 25.68 26.38 14.72
N ASP A 341 26.16 25.26 14.16
CA ASP A 341 25.50 23.93 14.24
C ASP A 341 25.44 23.48 15.71
N ILE A 342 26.56 23.56 16.44
CA ILE A 342 26.67 23.20 17.89
C ILE A 342 25.76 24.15 18.69
N ASP A 343 25.87 25.46 18.45
CA ASP A 343 25.20 26.51 19.26
C ASP A 343 23.68 26.40 19.11
N ARG A 344 23.18 26.20 17.89
CA ARG A 344 21.73 26.04 17.62
C ARG A 344 21.17 24.95 18.55
N ALA A 345 21.80 23.77 18.53
CA ALA A 345 21.37 22.57 19.30
C ALA A 345 21.43 22.85 20.81
N CYS A 346 22.53 23.42 21.28
CA CYS A 346 22.76 23.70 22.73
C CYS A 346 21.74 24.74 23.22
N ARG A 347 21.56 25.84 22.48
CA ARG A 347 20.63 26.92 22.87
C ARG A 347 19.22 26.35 23.00
N ASP A 348 18.85 25.44 22.09
CA ASP A 348 17.54 24.73 22.07
C ASP A 348 17.38 23.93 23.37
N VAL A 349 18.40 23.15 23.76
CA VAL A 349 18.36 22.33 25.01
C VAL A 349 18.17 23.26 26.21
N LEU A 350 18.94 24.35 26.28
CA LEU A 350 18.95 25.29 27.44
C LEU A 350 17.59 26.01 27.52
N ALA A 351 17.04 26.43 26.37
CA ALA A 351 15.74 27.14 26.29
C ALA A 351 14.63 26.24 26.84
N ALA A 352 14.69 24.95 26.53
CA ALA A 352 13.72 23.92 26.98
C ALA A 352 13.81 23.81 28.50
N LYS A 353 15.03 23.65 29.01
CA LYS A 353 15.36 23.54 30.46
C LYS A 353 14.90 24.79 31.19
N TYR A 354 15.08 25.97 30.59
CA TYR A 354 14.69 27.29 31.16
C TYR A 354 13.17 27.34 31.37
N ASP A 355 12.39 27.09 30.31
CA ASP A 355 10.91 27.17 30.29
C ASP A 355 10.30 26.16 31.27
N LEU A 356 11.01 25.08 31.58
CA LEU A 356 10.58 24.04 32.56
C LEU A 356 10.84 24.54 33.98
N GLY A 357 11.58 25.65 34.12
CA GLY A 357 11.88 26.33 35.39
C GLY A 357 13.02 25.68 36.13
N LEU A 358 13.81 24.84 35.46
CA LEU A 358 14.85 23.99 36.10
C LEU A 358 16.07 24.83 36.49
N PHE A 359 16.30 25.96 35.80
CA PHE A 359 17.37 26.94 36.14
C PHE A 359 16.97 27.75 37.38
N ALA A 360 15.67 27.94 37.63
CA ALA A 360 15.13 28.62 38.82
C ALA A 360 15.12 27.65 40.01
N ASP A 361 14.83 26.36 39.78
CA ASP A 361 14.79 25.33 40.85
C ASP A 361 14.82 23.94 40.24
N PRO A 362 16.02 23.31 40.13
CA PRO A 362 16.11 21.95 39.57
C PRO A 362 15.21 20.94 40.26
N TYR A 363 14.86 21.18 41.54
CA TYR A 363 14.10 20.22 42.41
C TYR A 363 12.63 20.65 42.54
N ARG A 364 12.11 21.43 41.60
CA ARG A 364 10.74 22.00 41.66
C ARG A 364 9.69 20.90 41.45
N ARG A 365 10.06 19.78 40.82
CA ARG A 365 9.16 18.60 40.62
C ARG A 365 9.61 17.42 41.49
N LEU A 366 10.57 17.62 42.40
CA LEU A 366 11.20 16.52 43.20
C LEU A 366 10.99 16.75 44.69
N GLY A 367 10.09 17.67 45.06
CA GLY A 367 9.81 18.02 46.48
C GLY A 367 10.99 18.74 47.13
N LYS A 368 11.20 18.49 48.42
CA LYS A 368 12.28 19.11 49.27
C LYS A 368 13.07 17.96 49.91
N PRO A 369 14.36 18.18 50.26
CA PRO A 369 15.24 17.05 50.59
C PRO A 369 14.80 16.30 51.87
N ASP A 370 14.10 17.02 52.76
CA ASP A 370 13.64 16.54 54.10
C ASP A 370 12.22 15.97 54.01
N ASP A 371 11.54 16.05 52.85
CA ASP A 371 10.17 15.48 52.67
C ASP A 371 10.16 14.01 53.08
N PRO A 372 9.08 13.52 53.74
CA PRO A 372 9.02 12.11 54.15
C PRO A 372 8.84 11.17 52.96
N PRO A 373 9.54 10.01 52.92
CA PRO A 373 9.40 9.09 51.79
C PRO A 373 7.97 8.53 51.69
N PHE A 374 7.63 7.96 50.53
CA PHE A 374 6.30 7.37 50.22
C PHE A 374 6.46 6.20 49.25
N ASP A 375 5.43 5.35 49.19
CA ASP A 375 5.26 4.28 48.17
C ASP A 375 4.78 4.93 46.88
N THR A 376 5.60 4.93 45.82
CA THR A 376 5.28 5.54 44.51
C THR A 376 3.93 4.98 44.02
N ASN A 377 3.75 3.66 44.12
CA ASN A 377 2.58 2.93 43.58
C ASN A 377 1.47 2.83 44.65
N ALA A 378 1.41 3.80 45.57
CA ALA A 378 0.37 3.88 46.61
C ALA A 378 -0.97 4.14 45.92
N GLU A 379 -2.01 3.45 46.39
CA GLU A 379 -3.39 3.48 45.87
C GLU A 379 -3.93 4.92 45.84
N SER A 380 -3.51 5.75 46.79
CA SER A 380 -3.99 7.14 47.00
C SER A 380 -3.42 8.11 45.97
N ARG A 381 -2.38 7.70 45.22
CA ARG A 381 -1.72 8.55 44.19
C ARG A 381 -2.34 8.29 42.81
N LEU A 382 -3.27 7.32 42.71
CA LEU A 382 -3.99 6.96 41.45
C LEU A 382 -5.22 7.86 41.28
N HIS A 383 -5.81 7.84 40.08
CA HIS A 383 -7.01 8.64 39.70
C HIS A 383 -8.02 7.71 39.04
N ARG A 384 -8.51 6.71 39.78
CA ARG A 384 -9.41 5.64 39.30
C ARG A 384 -10.75 6.22 38.82
N GLN A 385 -11.28 7.27 39.47
CA GLN A 385 -12.54 7.93 39.05
C GLN A 385 -12.38 8.43 37.62
N ALA A 386 -11.31 9.18 37.37
CA ALA A 386 -10.98 9.78 36.05
C ALA A 386 -10.84 8.67 35.01
N ALA A 387 -10.06 7.62 35.30
CA ALA A 387 -9.75 6.52 34.36
C ALA A 387 -11.02 5.80 33.93
N ARG A 388 -11.89 5.48 34.88
CA ARG A 388 -13.20 4.79 34.67
C ARG A 388 -14.12 5.69 33.83
N GLU A 389 -14.21 6.99 34.15
CA GLU A 389 -15.11 7.95 33.45
C GLU A 389 -14.61 8.20 32.01
N VAL A 390 -13.30 8.18 31.78
CA VAL A 390 -12.69 8.40 30.43
C VAL A 390 -12.88 7.13 29.60
N ALA A 391 -12.68 5.95 30.22
CA ALA A 391 -12.72 4.62 29.57
C ALA A 391 -14.11 4.33 29.00
N ARG A 392 -15.17 4.83 29.62
CA ARG A 392 -16.58 4.65 29.17
C ARG A 392 -16.81 5.33 27.81
N GLU A 393 -16.25 6.52 27.62
CA GLU A 393 -16.60 7.44 26.50
C GLU A 393 -16.13 6.86 25.15
N GLY A 394 -15.07 6.05 25.16
CA GLY A 394 -14.40 5.53 23.95
C GLY A 394 -14.85 4.12 23.57
N LEU A 395 -15.58 3.41 24.45
CA LEU A 395 -16.14 2.07 24.12
C LEU A 395 -17.15 2.26 22.97
N VAL A 396 -17.04 1.43 21.92
CA VAL A 396 -17.85 1.55 20.68
C VAL A 396 -18.73 0.30 20.55
N LEU A 397 -20.06 0.48 20.57
CA LEU A 397 -21.03 -0.62 20.37
C LEU A 397 -21.19 -0.84 18.87
N LEU A 398 -20.67 -1.96 18.35
CA LEU A 398 -20.62 -2.27 16.89
C LEU A 398 -21.87 -3.07 16.48
N LYS A 399 -22.42 -3.91 17.37
CA LYS A 399 -23.63 -4.74 17.10
C LYS A 399 -24.44 -4.97 18.39
N ASN A 400 -25.77 -4.98 18.28
CA ASN A 400 -26.72 -5.25 19.40
C ASN A 400 -28.04 -5.79 18.84
N ARG A 401 -28.07 -7.09 18.50
CA ARG A 401 -29.25 -7.81 17.97
C ARG A 401 -30.36 -7.84 19.04
N ASP A 402 -31.54 -7.28 18.73
CA ASP A 402 -32.78 -7.36 19.53
C ASP A 402 -32.52 -6.93 20.99
N GLY A 403 -31.87 -5.77 21.17
CA GLY A 403 -31.64 -5.14 22.48
C GLY A 403 -31.16 -6.11 23.55
N LEU A 404 -30.25 -7.03 23.20
CA LEU A 404 -29.60 -7.96 24.16
C LEU A 404 -28.91 -7.13 25.25
N LEU A 405 -28.04 -6.21 24.83
CA LEU A 405 -27.46 -5.17 25.73
C LEU A 405 -28.47 -4.03 25.84
N PRO A 406 -28.58 -3.36 27.01
CA PRO A 406 -27.84 -3.74 28.21
C PRO A 406 -28.35 -5.02 28.88
N LEU A 407 -27.46 -5.75 29.56
CA LEU A 407 -27.78 -6.97 30.36
C LEU A 407 -28.46 -6.57 31.67
N LYS A 408 -29.23 -7.49 32.25
CA LYS A 408 -29.74 -7.42 33.65
C LYS A 408 -28.74 -8.13 34.56
N LYS A 409 -28.64 -7.70 35.83
CA LYS A 409 -27.69 -8.27 36.83
C LYS A 409 -28.33 -9.48 37.54
N GLN A 410 -28.68 -10.52 36.79
CA GLN A 410 -29.36 -11.73 37.30
C GLN A 410 -28.80 -12.98 36.60
N GLY A 411 -29.21 -14.16 37.04
CA GLY A 411 -28.96 -15.46 36.38
C GLY A 411 -27.49 -15.85 36.38
N ARG A 412 -27.10 -16.71 35.43
CA ARG A 412 -25.74 -17.28 35.29
C ARG A 412 -25.11 -16.74 33.99
N ILE A 413 -23.98 -16.03 34.10
CA ILE A 413 -23.22 -15.43 32.96
C ILE A 413 -21.88 -16.15 32.85
N ALA A 414 -21.65 -16.88 31.77
CA ALA A 414 -20.34 -17.46 31.41
C ALA A 414 -19.44 -16.31 30.90
N VAL A 415 -18.30 -16.10 31.55
CA VAL A 415 -17.25 -15.14 31.08
C VAL A 415 -16.08 -15.97 30.56
N ILE A 416 -15.93 -16.03 29.23
CA ILE A 416 -15.00 -16.98 28.54
C ILE A 416 -14.05 -16.18 27.65
N GLY A 417 -12.77 -16.56 27.63
CA GLY A 417 -11.78 -16.04 26.66
C GLY A 417 -10.43 -15.75 27.32
N PRO A 418 -9.34 -15.67 26.51
CA PRO A 418 -7.99 -15.44 27.04
C PRO A 418 -7.73 -14.00 27.53
N LEU A 419 -8.62 -13.06 27.25
CA LEU A 419 -8.44 -11.63 27.67
C LEU A 419 -9.40 -11.27 28.80
N ALA A 420 -10.21 -12.21 29.27
CA ALA A 420 -11.23 -12.02 30.32
C ALA A 420 -10.56 -11.65 31.65
N LYS A 421 -9.53 -12.40 32.05
CA LYS A 421 -8.81 -12.24 33.33
C LYS A 421 -7.39 -11.70 33.09
N SER A 422 -7.14 -11.00 31.98
CA SER A 422 -5.81 -10.46 31.62
C SER A 422 -5.66 -9.02 32.11
N GLN A 423 -4.77 -8.79 33.08
CA GLN A 423 -4.43 -7.45 33.62
C GLN A 423 -3.37 -6.79 32.73
N ARG A 424 -2.40 -7.58 32.24
CA ARG A 424 -1.27 -7.09 31.42
C ARG A 424 -1.81 -6.44 30.14
N ASP A 425 -2.80 -7.05 29.50
CA ASP A 425 -3.28 -6.63 28.15
C ASP A 425 -4.19 -5.40 28.29
N VAL A 426 -5.09 -5.36 29.28
CA VAL A 426 -6.13 -4.30 29.40
C VAL A 426 -5.48 -2.92 29.52
N ILE A 427 -4.24 -2.82 30.01
CA ILE A 427 -3.51 -1.51 30.13
C ILE A 427 -2.80 -1.17 28.81
N GLY A 428 -2.79 -2.09 27.83
CA GLY A 428 -2.34 -1.83 26.45
C GLY A 428 -0.83 -1.69 26.34
N SER A 429 -0.35 -1.40 25.13
CA SER A 429 1.06 -1.09 24.81
C SER A 429 1.39 0.33 25.32
N TRP A 430 2.69 0.64 25.46
CA TRP A 430 3.21 1.92 25.98
C TRP A 430 2.40 2.31 27.23
N SER A 431 2.46 1.46 28.25
CA SER A 431 1.69 1.60 29.52
C SER A 431 2.50 2.32 30.60
N ALA A 432 3.61 2.97 30.25
CA ALA A 432 4.42 3.82 31.15
C ALA A 432 4.68 3.07 32.47
N ALA A 433 4.40 3.71 33.62
CA ALA A 433 4.61 3.17 34.99
C ALA A 433 3.39 2.38 35.48
N GLY A 434 2.39 2.15 34.62
CA GLY A 434 1.18 1.37 34.97
C GLY A 434 1.53 -0.01 35.51
N VAL A 435 0.92 -0.39 36.62
CA VAL A 435 1.13 -1.70 37.31
C VAL A 435 0.00 -2.66 36.92
N PRO A 436 0.32 -3.78 36.22
CA PRO A 436 -0.67 -4.83 35.95
C PRO A 436 -1.57 -5.19 37.14
N ARG A 437 -0.98 -5.47 38.31
CA ARG A 437 -1.71 -5.99 39.48
C ARG A 437 -2.80 -5.00 39.93
N GLN A 438 -2.65 -3.70 39.63
CA GLN A 438 -3.61 -2.63 40.07
C GLN A 438 -4.77 -2.48 39.06
N ALA A 439 -4.71 -3.19 37.93
CA ALA A 439 -5.68 -3.05 36.82
C ALA A 439 -6.91 -3.91 37.08
N VAL A 440 -8.10 -3.40 36.75
CA VAL A 440 -9.39 -4.14 36.83
C VAL A 440 -9.59 -4.89 35.51
N THR A 441 -9.54 -6.22 35.53
CA THR A 441 -9.85 -7.09 34.35
C THR A 441 -11.34 -6.97 34.01
N VAL A 442 -11.74 -7.48 32.85
CA VAL A 442 -13.17 -7.52 32.40
C VAL A 442 -13.95 -8.43 33.36
N TYR A 443 -13.36 -9.56 33.75
CA TYR A 443 -13.99 -10.53 34.69
C TYR A 443 -14.30 -9.84 36.02
N GLN A 444 -13.28 -9.17 36.58
CA GLN A 444 -13.35 -8.45 37.89
C GLN A 444 -14.38 -7.33 37.79
N GLY A 445 -14.40 -6.63 36.66
CA GLY A 445 -15.37 -5.54 36.38
C GLY A 445 -16.79 -6.04 36.55
N LEU A 446 -17.09 -7.22 36.00
CA LEU A 446 -18.42 -7.87 36.05
C LEU A 446 -18.68 -8.37 37.48
N ALA A 447 -17.66 -8.94 38.13
CA ALA A 447 -17.72 -9.45 39.52
C ALA A 447 -18.20 -8.34 40.45
N ASN A 448 -17.58 -7.15 40.35
CA ASN A 448 -17.88 -5.96 41.20
C ASN A 448 -19.30 -5.46 40.89
N ALA A 449 -19.69 -5.50 39.62
CA ALA A 449 -20.95 -4.89 39.11
C ALA A 449 -22.17 -5.75 39.49
N VAL A 450 -22.01 -7.08 39.62
CA VAL A 450 -23.14 -8.02 39.93
C VAL A 450 -23.10 -8.40 41.42
N GLY A 451 -21.97 -8.23 42.07
CA GLY A 451 -21.98 -8.60 43.49
C GLY A 451 -22.47 -10.01 43.65
N GLU A 452 -23.49 -10.18 44.49
CA GLU A 452 -24.07 -11.49 44.84
C GLU A 452 -25.38 -11.74 44.10
N ARG A 453 -25.72 -10.91 43.11
CA ARG A 453 -27.06 -10.97 42.45
C ARG A 453 -27.05 -11.92 41.24
N ALA A 454 -25.90 -12.08 40.58
CA ALA A 454 -25.71 -12.99 39.43
C ALA A 454 -24.53 -13.92 39.72
N THR A 455 -24.48 -15.08 39.05
CA THR A 455 -23.36 -16.05 39.12
C THR A 455 -22.54 -15.94 37.84
N LEU A 456 -21.27 -15.55 37.96
CA LEU A 456 -20.28 -15.56 36.85
C LEU A 456 -19.56 -16.92 36.86
N LEU A 457 -19.52 -17.60 35.71
CA LEU A 457 -18.70 -18.82 35.52
C LEU A 457 -17.54 -18.47 34.59
N TYR A 458 -16.32 -18.90 34.94
CA TYR A 458 -15.08 -18.58 34.18
C TYR A 458 -14.56 -19.84 33.48
N ALA A 459 -13.99 -19.63 32.29
CA ALA A 459 -13.22 -20.61 31.50
C ALA A 459 -12.38 -19.82 30.47
N LYS A 460 -11.09 -20.12 30.38
CA LYS A 460 -10.16 -19.38 29.49
C LYS A 460 -10.54 -19.64 28.03
N GLY A 461 -10.81 -20.90 27.67
CA GLY A 461 -11.40 -21.28 26.37
C GLY A 461 -10.37 -21.48 25.28
N ALA A 462 -9.36 -20.62 25.21
CA ALA A 462 -8.22 -20.73 24.27
C ALA A 462 -7.07 -19.85 24.76
N ASN A 463 -5.86 -20.13 24.29
CA ASN A 463 -4.70 -19.21 24.43
C ASN A 463 -4.86 -18.11 23.38
N VAL A 464 -4.21 -16.96 23.60
CA VAL A 464 -4.38 -15.76 22.73
C VAL A 464 -4.07 -16.15 21.27
N SER A 465 -3.01 -16.92 21.05
CA SER A 465 -2.71 -17.60 19.75
C SER A 465 -2.59 -19.12 19.97
N GLY A 466 -2.92 -19.90 18.94
CA GLY A 466 -2.69 -21.36 18.87
C GLY A 466 -1.47 -21.69 18.04
N ASP A 467 -0.72 -20.67 17.61
CA ASP A 467 0.53 -20.75 16.82
C ASP A 467 1.72 -20.53 17.77
N GLN A 468 2.54 -21.56 17.98
CA GLN A 468 3.66 -21.55 18.96
C GLN A 468 4.68 -20.47 18.57
N ALA A 469 4.85 -20.20 17.27
CA ALA A 469 5.75 -19.16 16.72
C ALA A 469 5.31 -17.76 17.20
N ILE A 470 4.00 -17.48 17.15
CA ILE A 470 3.44 -16.17 17.62
C ILE A 470 3.59 -16.10 19.14
N LEU A 471 3.35 -17.19 19.87
CA LEU A 471 3.54 -17.23 21.35
C LEU A 471 5.02 -16.97 21.70
N ASP A 472 5.93 -17.58 20.93
CA ASP A 472 7.40 -17.38 21.08
C ASP A 472 7.69 -15.89 20.95
N TYR A 473 7.18 -15.24 19.89
CA TYR A 473 7.36 -13.79 19.61
C TYR A 473 6.83 -12.96 20.78
N LEU A 474 5.61 -13.22 21.24
CA LEU A 474 4.90 -12.42 22.27
C LEU A 474 5.60 -12.55 23.63
N ASN A 475 6.27 -13.68 23.88
CA ASN A 475 6.97 -13.97 25.16
C ASN A 475 8.49 -13.87 24.99
N SER A 476 8.98 -13.20 23.95
CA SER A 476 10.42 -13.23 23.53
C SER A 476 11.29 -12.41 24.51
N TYR A 477 10.93 -11.16 24.79
CA TYR A 477 11.74 -10.24 25.64
C TYR A 477 11.28 -10.35 27.11
N ASN A 478 9.97 -10.34 27.31
CA ASN A 478 9.29 -10.45 28.62
C ASN A 478 8.19 -11.50 28.50
N PRO A 479 7.75 -12.12 29.62
CA PRO A 479 6.60 -13.02 29.57
C PRO A 479 5.32 -12.17 29.65
N GLU A 480 4.79 -11.80 28.48
CA GLU A 480 3.63 -10.87 28.34
C GLU A 480 2.33 -11.68 28.31
N VAL A 481 2.40 -12.96 27.95
CA VAL A 481 1.24 -13.80 27.54
C VAL A 481 1.30 -15.13 28.28
N GLU A 482 0.35 -15.35 29.20
CA GLU A 482 0.28 -16.55 30.07
C GLU A 482 -0.31 -17.70 29.25
N VAL A 483 0.48 -18.74 29.00
CA VAL A 483 0.10 -19.92 28.17
C VAL A 483 -0.43 -21.03 29.09
N ASP A 484 -1.67 -21.46 28.87
CA ASP A 484 -2.25 -22.67 29.50
C ASP A 484 -1.56 -23.90 28.89
N PRO A 485 -1.05 -24.84 29.72
CA PRO A 485 -0.30 -25.98 29.21
C PRO A 485 -1.17 -27.09 28.57
N ARG A 486 -2.50 -26.96 28.65
CA ARG A 486 -3.47 -27.96 28.14
C ARG A 486 -3.59 -27.83 26.62
N SER A 487 -4.27 -28.79 25.99
CA SER A 487 -4.59 -28.80 24.53
C SER A 487 -5.73 -27.81 24.25
N ALA A 488 -5.77 -27.28 23.02
CA ALA A 488 -6.86 -26.44 22.49
C ALA A 488 -8.20 -27.14 22.77
N GLU A 489 -8.27 -28.46 22.50
CA GLU A 489 -9.50 -29.29 22.58
C GLU A 489 -9.99 -29.36 24.04
N ALA A 490 -9.07 -29.57 24.99
CA ALA A 490 -9.34 -29.63 26.45
C ALA A 490 -9.96 -28.30 26.91
N MET A 491 -9.34 -27.18 26.51
CA MET A 491 -9.80 -25.81 26.87
C MET A 491 -11.19 -25.56 26.28
N LEU A 492 -11.42 -25.98 25.03
CA LEU A 492 -12.71 -25.80 24.31
C LEU A 492 -13.82 -26.57 25.03
N GLU A 493 -13.58 -27.83 25.38
CA GLU A 493 -14.54 -28.68 26.13
C GLU A 493 -14.94 -27.98 27.43
N GLU A 494 -13.95 -27.44 28.15
CA GLU A 494 -14.16 -26.74 29.45
C GLU A 494 -15.02 -25.50 29.22
N ALA A 495 -14.70 -24.73 28.17
CA ALA A 495 -15.45 -23.51 27.77
C ALA A 495 -16.88 -23.88 27.39
N LEU A 496 -17.03 -24.91 26.54
CA LEU A 496 -18.35 -25.40 26.07
C LEU A 496 -19.21 -25.83 27.27
N ARG A 497 -18.59 -26.51 28.23
CA ARG A 497 -19.26 -27.03 29.45
C ARG A 497 -19.76 -25.87 30.31
N THR A 498 -18.98 -24.78 30.37
CA THR A 498 -19.29 -23.52 31.11
C THR A 498 -20.47 -22.81 30.43
N ALA A 499 -20.45 -22.73 29.09
CA ALA A 499 -21.50 -22.07 28.29
C ALA A 499 -22.84 -22.80 28.51
N ARG A 500 -22.79 -24.13 28.55
CA ARG A 500 -23.98 -25.00 28.77
C ARG A 500 -24.59 -24.74 30.16
N ASP A 501 -23.77 -24.46 31.18
CA ASP A 501 -24.23 -24.17 32.57
C ASP A 501 -24.86 -22.78 32.67
N ALA A 502 -24.71 -21.94 31.63
CA ALA A 502 -24.96 -20.47 31.71
C ALA A 502 -26.21 -20.07 30.92
N ASP A 503 -26.73 -18.88 31.23
CA ASP A 503 -27.86 -18.24 30.51
C ASP A 503 -27.32 -17.52 29.27
N LEU A 504 -26.12 -16.96 29.33
CA LEU A 504 -25.46 -16.31 28.18
C LEU A 504 -23.95 -16.27 28.36
N VAL A 505 -23.23 -16.32 27.23
CA VAL A 505 -21.74 -16.21 27.16
C VAL A 505 -21.38 -14.75 26.90
N VAL A 506 -20.42 -14.22 27.66
CA VAL A 506 -19.71 -12.95 27.36
C VAL A 506 -18.27 -13.35 27.00
N ALA A 507 -17.97 -13.44 25.70
CA ALA A 507 -16.65 -13.85 25.16
C ALA A 507 -15.73 -12.63 25.17
N VAL A 508 -14.62 -12.70 25.89
CA VAL A 508 -13.60 -11.60 25.93
C VAL A 508 -12.41 -12.06 25.08
N VAL A 509 -12.26 -11.46 23.90
CA VAL A 509 -11.38 -11.95 22.81
C VAL A 509 -10.70 -10.77 22.13
N GLY A 510 -9.75 -11.06 21.23
CA GLY A 510 -9.01 -10.10 20.41
C GLY A 510 -7.51 -10.30 20.51
N GLU A 511 -6.76 -9.19 20.55
CA GLU A 511 -5.28 -9.16 20.56
C GLU A 511 -4.76 -9.06 21.99
N SER A 512 -3.61 -9.67 22.26
CA SER A 512 -2.72 -9.29 23.39
C SER A 512 -2.08 -7.95 23.03
N GLN A 513 -1.74 -7.12 24.03
CA GLN A 513 -1.18 -5.76 23.84
C GLN A 513 0.16 -5.85 23.10
N GLY A 514 0.84 -7.01 23.17
CA GLY A 514 2.11 -7.29 22.47
C GLY A 514 1.95 -7.34 20.95
N MET A 515 0.71 -7.41 20.45
CA MET A 515 0.38 -7.49 19.00
C MET A 515 0.21 -6.09 18.41
N ALA A 516 -0.07 -5.09 19.24
CA ALA A 516 -0.17 -3.66 18.84
C ALA A 516 0.94 -2.85 19.54
N HIS A 517 2.17 -3.33 19.39
CA HIS A 517 3.40 -2.63 19.86
CA HIS A 517 3.46 -2.72 19.84
C HIS A 517 4.20 -2.13 18.66
N GLU A 518 5.25 -1.34 18.92
CA GLU A 518 6.35 -1.04 17.97
C GLU A 518 6.85 -2.37 17.37
N ALA A 519 6.88 -2.47 16.04
CA ALA A 519 7.45 -3.59 15.26
C ALA A 519 6.47 -4.77 15.15
N SER A 520 5.30 -4.70 15.81
CA SER A 520 4.28 -5.78 15.81
C SER A 520 3.32 -5.65 14.62
N SER A 521 3.85 -5.58 13.39
CA SER A 521 3.05 -5.54 12.14
C SER A 521 2.44 -6.93 11.89
N ARG A 522 1.19 -6.95 11.42
CA ARG A 522 0.40 -8.18 11.15
C ARG A 522 0.09 -8.30 9.66
N THR A 523 0.08 -9.54 9.15
CA THR A 523 -0.39 -9.91 7.80
C THR A 523 -1.87 -10.31 7.84
N ASP A 524 -2.47 -10.37 9.02
CA ASP A 524 -3.85 -10.87 9.24
C ASP A 524 -4.56 -9.96 10.25
N LEU A 525 -5.70 -9.39 9.89
CA LEU A 525 -6.43 -8.40 10.73
C LEU A 525 -7.57 -9.07 11.51
N ARG A 526 -7.75 -10.39 11.38
CA ARG A 526 -8.83 -11.12 12.10
C ARG A 526 -8.45 -11.32 13.58
N ILE A 527 -9.43 -11.70 14.39
CA ILE A 527 -9.18 -12.32 15.73
C ILE A 527 -8.32 -13.56 15.50
N PRO A 528 -7.28 -13.80 16.34
CA PRO A 528 -6.45 -15.00 16.22
C PRO A 528 -7.26 -16.30 16.14
N ALA A 529 -6.79 -17.25 15.33
CA ALA A 529 -7.50 -18.47 14.87
C ALA A 529 -7.97 -19.33 16.05
N SER A 530 -7.19 -19.42 17.12
CA SER A 530 -7.52 -20.19 18.35
C SER A 530 -8.80 -19.64 18.98
N GLN A 531 -8.99 -18.32 18.95
CA GLN A 531 -10.14 -17.62 19.59
C GLN A 531 -11.35 -17.68 18.65
N ARG A 532 -11.12 -17.69 17.33
CA ARG A 532 -12.19 -17.80 16.31
C ARG A 532 -12.79 -19.21 16.38
N ARG A 533 -11.94 -20.21 16.60
CA ARG A 533 -12.37 -21.62 16.80
C ARG A 533 -13.22 -21.70 18.07
N LEU A 534 -12.84 -20.96 19.12
CA LEU A 534 -13.59 -20.84 20.40
C LEU A 534 -14.96 -20.22 20.14
N LEU A 535 -15.00 -19.11 19.40
CA LEU A 535 -16.25 -18.34 19.15
C LEU A 535 -17.25 -19.20 18.35
N LYS A 536 -16.77 -20.05 17.44
CA LYS A 536 -17.63 -20.90 16.58
C LYS A 536 -18.25 -22.01 17.44
N ALA A 537 -17.43 -22.63 18.29
CA ALA A 537 -17.86 -23.62 19.30
C ALA A 537 -18.96 -23.00 20.19
N LEU A 538 -18.72 -21.79 20.70
CA LEU A 538 -19.65 -21.05 21.61
C LEU A 538 -20.95 -20.73 20.88
N LYS A 539 -20.87 -20.21 19.66
CA LYS A 539 -22.03 -19.94 18.77
C LYS A 539 -22.91 -21.20 18.69
N ALA A 540 -22.29 -22.37 18.54
CA ALA A 540 -22.94 -23.68 18.29
C ALA A 540 -23.69 -24.17 19.53
N THR A 541 -23.44 -23.62 20.72
CA THR A 541 -24.19 -23.96 21.96
C THR A 541 -25.58 -23.31 21.94
N GLY A 542 -25.81 -22.32 21.07
CA GLY A 542 -27.10 -21.63 20.92
C GLY A 542 -27.32 -20.56 21.98
N LYS A 543 -26.37 -20.35 22.89
CA LYS A 543 -26.47 -19.33 23.97
C LYS A 543 -26.29 -17.94 23.37
N PRO A 544 -27.04 -16.90 23.81
CA PRO A 544 -26.73 -15.52 23.43
C PRO A 544 -25.22 -15.26 23.61
N LEU A 545 -24.56 -14.75 22.57
CA LEU A 545 -23.10 -14.54 22.54
C LEU A 545 -22.79 -13.05 22.45
N VAL A 546 -22.28 -12.46 23.54
CA VAL A 546 -21.77 -11.06 23.59
C VAL A 546 -20.24 -11.11 23.40
N LEU A 547 -19.72 -10.35 22.42
CA LEU A 547 -18.26 -10.19 22.17
C LEU A 547 -17.79 -8.89 22.80
N VAL A 548 -16.90 -8.99 23.78
CA VAL A 548 -16.06 -7.88 24.30
C VAL A 548 -14.71 -8.00 23.58
N LEU A 549 -14.42 -7.07 22.65
CA LEU A 549 -13.18 -7.05 21.82
C LEU A 549 -12.10 -6.26 22.53
N MET A 550 -10.87 -6.79 22.54
CA MET A 550 -9.66 -6.02 22.89
C MET A 550 -8.69 -6.07 21.70
N ASN A 551 -8.15 -4.92 21.32
CA ASN A 551 -7.37 -4.75 20.07
C ASN A 551 -6.75 -3.34 20.08
N GLY A 552 -5.58 -3.21 19.45
CA GLY A 552 -4.88 -1.92 19.26
C GLY A 552 -4.93 -1.47 17.82
N ARG A 553 -5.83 -2.03 17.01
CA ARG A 553 -5.97 -1.73 15.56
C ARG A 553 -7.33 -2.18 15.05
N PRO A 554 -7.80 -1.66 13.89
CA PRO A 554 -8.97 -2.23 13.24
C PRO A 554 -8.80 -3.75 13.00
N LEU A 555 -9.83 -4.52 13.33
CA LEU A 555 -9.88 -6.00 13.10
C LEU A 555 -10.81 -6.32 11.94
N SER A 556 -10.64 -7.52 11.37
CA SER A 556 -11.55 -8.12 10.36
CA SER A 556 -11.55 -8.11 10.36
C SER A 556 -12.60 -8.96 11.08
N LEU A 557 -13.86 -8.53 11.02
CA LEU A 557 -14.98 -9.06 11.86
C LEU A 557 -16.20 -9.42 10.99
N GLY A 558 -15.97 -9.81 9.73
CA GLY A 558 -17.03 -10.35 8.87
C GLY A 558 -17.88 -11.36 9.62
N TRP A 559 -17.25 -12.42 10.14
CA TRP A 559 -17.94 -13.59 10.75
C TRP A 559 -18.68 -13.13 12.00
N GLU A 560 -18.01 -12.35 12.85
CA GLU A 560 -18.54 -11.87 14.16
C GLU A 560 -19.76 -10.99 13.90
N GLN A 561 -19.78 -10.25 12.78
CA GLN A 561 -20.88 -9.33 12.42
C GLN A 561 -22.13 -10.15 12.05
N GLU A 562 -21.97 -11.32 11.42
CA GLU A 562 -23.10 -12.20 11.01
C GLU A 562 -23.62 -13.04 12.19
N ASN A 563 -22.78 -13.35 13.18
CA ASN A 563 -22.98 -14.48 14.11
C ASN A 563 -23.13 -14.02 15.57
N ALA A 564 -22.31 -13.07 16.04
CA ALA A 564 -22.39 -12.57 17.43
C ALA A 564 -23.73 -11.84 17.60
N ASP A 565 -24.34 -11.97 18.78
CA ASP A 565 -25.63 -11.31 19.10
C ASP A 565 -25.36 -9.85 19.44
N ALA A 566 -24.19 -9.53 20.00
CA ALA A 566 -23.73 -8.14 20.26
C ALA A 566 -22.21 -8.10 20.27
N ILE A 567 -21.64 -6.98 19.81
CA ILE A 567 -20.16 -6.72 19.80
C ILE A 567 -19.91 -5.36 20.46
N LEU A 568 -18.96 -5.33 21.41
CA LEU A 568 -18.47 -4.08 22.06
C LEU A 568 -16.96 -3.95 21.80
N GLU A 569 -16.55 -2.87 21.14
CA GLU A 569 -15.14 -2.51 20.90
C GLU A 569 -14.62 -1.77 22.14
N THR A 570 -13.68 -2.36 22.88
CA THR A 570 -13.13 -1.82 24.15
C THR A 570 -11.65 -1.45 23.98
N TRP A 571 -11.08 -1.66 22.79
CA TRP A 571 -9.65 -1.38 22.51
C TRP A 571 -8.81 -2.05 23.60
N PHE A 572 -7.84 -1.33 24.16
CA PHE A 572 -7.31 -1.56 25.54
C PHE A 572 -7.76 -0.35 26.37
N SER A 573 -8.59 -0.58 27.39
CA SER A 573 -9.35 0.50 28.10
CA SER A 573 -9.35 0.48 28.11
C SER A 573 -8.68 0.88 29.42
N GLY A 574 -7.50 0.31 29.72
CA GLY A 574 -6.59 0.80 30.78
C GLY A 574 -6.87 0.26 32.17
N THR A 575 -6.35 0.94 33.20
CA THR A 575 -6.30 0.50 34.61
C THR A 575 -7.71 0.18 35.10
N GLU A 576 -8.70 1.02 34.75
CA GLU A 576 -10.11 0.88 35.19
C GLU A 576 -10.99 0.40 34.02
N GLY A 577 -10.40 -0.30 33.04
CA GLY A 577 -11.10 -0.81 31.85
C GLY A 577 -12.29 -1.69 32.22
N GLY A 578 -12.05 -2.71 33.06
CA GLY A 578 -13.05 -3.72 33.43
C GLY A 578 -14.31 -3.08 33.98
N ASN A 579 -14.16 -2.11 34.87
CA ASN A 579 -15.28 -1.37 35.52
C ASN A 579 -16.07 -0.63 34.43
N ALA A 580 -15.38 0.16 33.59
CA ALA A 580 -15.98 0.96 32.48
C ALA A 580 -16.76 0.07 31.51
N ILE A 581 -16.22 -1.12 31.20
CA ILE A 581 -16.84 -2.13 30.28
C ILE A 581 -18.10 -2.71 30.96
N ALA A 582 -18.01 -3.06 32.24
CA ALA A 582 -19.13 -3.57 33.06
C ALA A 582 -20.24 -2.50 33.14
N ASP A 583 -19.88 -1.21 33.27
CA ASP A 583 -20.85 -0.09 33.35
C ASP A 583 -21.66 -0.04 32.05
N VAL A 584 -21.00 -0.22 30.91
CA VAL A 584 -21.62 -0.15 29.56
C VAL A 584 -22.44 -1.42 29.32
N LEU A 585 -21.98 -2.58 29.79
CA LEU A 585 -22.66 -3.88 29.59
C LEU A 585 -23.96 -3.95 30.40
N PHE A 586 -24.04 -3.26 31.53
CA PHE A 586 -25.21 -3.32 32.46
C PHE A 586 -26.02 -2.02 32.40
N GLY A 587 -25.65 -1.09 31.51
CA GLY A 587 -26.48 0.06 31.12
C GLY A 587 -26.33 1.26 32.03
N GLU A 588 -25.40 1.21 32.99
CA GLU A 588 -25.00 2.37 33.84
C GLU A 588 -24.49 3.50 32.93
N HIS A 589 -23.85 3.13 31.82
CA HIS A 589 -23.43 4.05 30.73
C HIS A 589 -24.04 3.56 29.41
N ASN A 590 -24.46 4.49 28.54
CA ASN A 590 -24.99 4.20 27.19
C ASN A 590 -23.83 4.37 26.19
N PRO A 591 -23.37 3.30 25.51
CA PRO A 591 -22.24 3.42 24.59
C PRO A 591 -22.38 4.64 23.66
N SER A 592 -21.40 5.56 23.71
CA SER A 592 -21.35 6.85 22.97
C SER A 592 -20.17 6.90 21.99
N GLY A 593 -19.20 6.00 22.12
CA GLY A 593 -17.96 6.00 21.33
C GLY A 593 -18.18 5.67 19.87
N LYS A 594 -17.41 6.29 18.98
CA LYS A 594 -17.48 6.09 17.50
C LYS A 594 -16.07 5.93 16.94
N LEU A 595 -15.91 5.11 15.90
CA LEU A 595 -14.59 4.76 15.27
C LEU A 595 -13.98 6.01 14.64
N THR A 596 -12.66 6.19 14.78
CA THR A 596 -11.85 7.25 14.13
C THR A 596 -10.96 6.62 13.03
N MET A 597 -11.09 5.32 12.81
CA MET A 597 -10.32 4.57 11.79
C MET A 597 -11.23 3.52 11.16
N SER A 598 -11.25 3.44 9.83
CA SER A 598 -12.13 2.53 9.05
C SER A 598 -11.72 1.07 9.33
N PHE A 599 -12.69 0.19 9.54
CA PHE A 599 -12.50 -1.27 9.78
C PHE A 599 -12.61 -2.01 8.46
N PRO A 600 -11.50 -2.54 7.90
CA PRO A 600 -11.54 -3.29 6.65
C PRO A 600 -12.23 -4.65 6.82
N ARG A 601 -12.87 -5.14 5.76
CA ARG A 601 -13.49 -6.50 5.71
C ARG A 601 -12.38 -7.56 5.80
N SER A 602 -11.27 -7.33 5.10
CA SER A 602 -10.04 -8.18 5.18
C SER A 602 -8.81 -7.32 4.95
N VAL A 603 -7.65 -7.83 5.36
CA VAL A 603 -6.30 -7.21 5.17
C VAL A 603 -6.06 -6.97 3.67
N GLY A 604 -6.73 -7.74 2.79
CA GLY A 604 -6.59 -7.64 1.33
C GLY A 604 -7.14 -6.32 0.76
N GLN A 605 -7.93 -5.58 1.53
CA GLN A 605 -8.58 -4.30 1.09
C GLN A 605 -7.74 -3.09 1.57
N VAL A 606 -6.67 -3.32 2.32
CA VAL A 606 -5.74 -2.28 2.84
C VAL A 606 -5.14 -1.53 1.67
N PRO A 607 -5.12 -0.17 1.67
CA PRO A 607 -5.78 0.64 2.69
C PRO A 607 -7.26 0.89 2.35
N VAL A 608 -8.09 1.07 3.38
CA VAL A 608 -9.48 1.61 3.26
C VAL A 608 -9.60 2.77 4.25
N TYR A 609 -10.14 3.89 3.80
CA TYR A 609 -10.32 5.12 4.61
C TYR A 609 -11.39 5.99 3.94
N TYR A 610 -12.22 6.64 4.76
CA TYR A 610 -13.44 7.35 4.33
C TYR A 610 -13.08 8.46 3.33
N ASN A 611 -12.02 9.24 3.59
CA ASN A 611 -11.68 10.45 2.78
C ASN A 611 -10.74 10.03 1.64
N HIS A 612 -11.21 9.13 0.78
CA HIS A 612 -10.51 8.64 -0.43
C HIS A 612 -10.96 9.49 -1.63
N LEU A 613 -10.19 9.45 -2.71
CA LEU A 613 -10.55 10.12 -3.99
C LEU A 613 -11.60 9.26 -4.71
N ASN A 614 -12.48 9.90 -5.49
CA ASN A 614 -13.64 9.25 -6.14
C ASN A 614 -13.16 8.30 -7.24
N THR A 615 -12.12 8.69 -7.97
CA THR A 615 -11.61 8.03 -9.21
C THR A 615 -12.62 8.25 -10.35
N GLY A 616 -12.25 7.92 -11.59
CA GLY A 616 -13.09 8.11 -12.79
C GLY A 616 -14.17 7.04 -12.91
N ARG A 617 -14.08 5.98 -12.09
CA ARG A 617 -15.02 4.82 -12.10
C ARG A 617 -15.28 4.38 -10.67
N PRO A 618 -15.99 5.22 -9.88
CA PRO A 618 -16.30 4.89 -8.48
C PRO A 618 -17.24 3.69 -8.39
N MET A 619 -16.92 2.76 -7.48
CA MET A 619 -17.80 1.59 -7.16
C MET A 619 -18.99 2.10 -6.35
N ASP A 620 -20.17 1.55 -6.63
CA ASP A 620 -21.50 1.98 -6.14
C ASP A 620 -21.93 1.08 -4.98
N GLY A 625 -21.41 -2.45 -10.29
CA GLY A 625 -20.84 -2.39 -11.65
C GLY A 625 -19.55 -3.16 -11.74
N LYS A 626 -19.29 -3.83 -12.88
CA LYS A 626 -18.11 -4.74 -13.04
C LYS A 626 -16.86 -3.87 -13.25
N TYR A 627 -16.96 -2.83 -14.08
CA TYR A 627 -15.82 -1.98 -14.51
C TYR A 627 -15.81 -0.70 -13.66
N THR A 628 -15.69 -0.87 -12.35
CA THR A 628 -15.47 0.21 -11.36
C THR A 628 -14.26 -0.15 -10.51
N SER A 629 -13.81 0.75 -9.64
CA SER A 629 -12.63 0.57 -8.75
C SER A 629 -13.03 -0.25 -7.51
N ARG A 630 -12.73 -1.54 -7.52
CA ARG A 630 -13.29 -2.51 -6.53
C ARG A 630 -12.56 -3.85 -6.60
N TYR A 631 -12.79 -4.67 -5.56
CA TYR A 631 -12.46 -6.11 -5.51
C TYR A 631 -13.66 -6.88 -6.07
N PHE A 632 -13.45 -8.08 -6.62
CA PHE A 632 -14.54 -8.96 -7.10
C PHE A 632 -14.76 -10.14 -6.16
N ASP A 633 -13.76 -10.49 -5.35
CA ASP A 633 -13.76 -11.76 -4.56
C ASP A 633 -14.19 -11.47 -3.12
N GLU A 634 -14.81 -10.32 -2.86
CA GLU A 634 -15.29 -9.90 -1.53
C GLU A 634 -16.22 -8.69 -1.66
N ALA A 635 -17.17 -8.54 -0.74
CA ALA A 635 -18.00 -7.32 -0.58
C ALA A 635 -17.04 -6.12 -0.50
N ASN A 636 -17.45 -4.96 -1.03
CA ASN A 636 -16.58 -3.76 -1.12
C ASN A 636 -16.97 -2.77 -0.02
N GLY A 637 -16.16 -1.72 0.15
CA GLY A 637 -16.27 -0.76 1.27
C GLY A 637 -15.80 -1.40 2.56
N PRO A 638 -15.71 -0.60 3.66
CA PRO A 638 -15.31 -1.14 4.96
C PRO A 638 -16.47 -1.90 5.59
N LEU A 639 -16.21 -2.78 6.56
CA LEU A 639 -17.31 -3.45 7.33
C LEU A 639 -17.99 -2.40 8.21
N TYR A 640 -17.18 -1.65 8.95
CA TYR A 640 -17.62 -0.47 9.74
C TYR A 640 -16.89 0.75 9.21
N PRO A 641 -17.60 1.84 8.87
CA PRO A 641 -16.97 3.05 8.34
C PRO A 641 -16.47 3.96 9.47
N PHE A 642 -15.65 4.96 9.11
CA PHE A 642 -15.26 6.11 9.97
C PHE A 642 -16.55 6.71 10.57
N GLY A 643 -16.52 7.06 11.85
CA GLY A 643 -17.62 7.76 12.54
C GLY A 643 -18.72 6.82 13.00
N TYR A 644 -18.61 5.53 12.74
CA TYR A 644 -19.66 4.52 13.06
C TYR A 644 -19.64 4.16 14.55
N GLY A 645 -20.83 3.95 15.13
CA GLY A 645 -20.99 3.46 16.50
C GLY A 645 -22.45 3.49 16.94
N LEU A 646 -22.93 2.38 17.52
CA LEU A 646 -24.35 2.21 17.96
C LEU A 646 -24.51 2.65 19.42
N SER A 647 -25.77 2.77 19.83
CA SER A 647 -26.23 3.25 21.15
C SER A 647 -27.37 2.32 21.62
N TYR A 648 -27.73 2.40 22.91
CA TYR A 648 -28.91 1.70 23.48
C TYR A 648 -30.19 2.50 23.16
N THR A 649 -30.05 3.71 22.62
CA THR A 649 -31.20 4.56 22.20
C THR A 649 -31.03 4.93 20.73
N GLU A 650 -32.06 5.59 20.17
CA GLU A 650 -32.17 5.97 18.74
C GLU A 650 -32.17 7.50 18.64
N PHE A 651 -31.43 8.05 17.69
CA PHE A 651 -31.33 9.52 17.42
C PHE A 651 -31.86 9.83 16.03
N SER A 652 -32.40 11.03 15.83
CA SER A 652 -32.76 11.55 14.48
C SER A 652 -32.25 12.99 14.33
N LEU A 653 -31.98 13.38 13.08
CA LEU A 653 -31.57 14.73 12.64
C LEU A 653 -32.69 15.31 11.77
N SER A 654 -33.04 16.58 11.96
CA SER A 654 -33.94 17.34 11.05
C SER A 654 -33.19 17.62 9.76
N PRO A 655 -33.87 18.03 8.67
CA PRO A 655 -33.19 18.47 7.45
C PRO A 655 -32.01 19.43 7.71
N LEU A 656 -30.89 19.25 7.00
CA LEU A 656 -29.74 20.19 7.01
C LEU A 656 -30.16 21.48 6.32
N ARG A 657 -29.93 22.63 6.98
CA ARG A 657 -30.25 23.99 6.47
C ARG A 657 -28.99 24.85 6.49
N LEU A 658 -28.56 25.37 5.34
CA LEU A 658 -27.46 26.37 5.24
C LEU A 658 -28.07 27.78 5.34
N SER A 659 -27.35 28.72 5.94
CA SER A 659 -27.81 30.12 6.16
C SER A 659 -27.89 30.86 4.82
N SER A 660 -27.18 30.40 3.78
CA SER A 660 -27.31 30.91 2.39
C SER A 660 -26.74 29.89 1.39
N GLU A 661 -26.91 30.17 0.08
CA GLU A 661 -26.47 29.34 -1.06
C GLU A 661 -25.27 29.99 -1.78
N ARG A 662 -24.89 31.20 -1.37
CA ARG A 662 -23.65 31.88 -1.81
C ARG A 662 -22.87 32.30 -0.56
N LEU A 663 -21.55 32.19 -0.59
CA LEU A 663 -20.65 32.65 0.50
C LEU A 663 -19.63 33.63 -0.09
N ALA A 664 -19.60 34.85 0.44
CA ALA A 664 -18.65 35.92 0.04
C ALA A 664 -17.30 35.65 0.70
N ARG A 665 -16.20 36.01 0.03
CA ARG A 665 -14.83 35.96 0.59
C ARG A 665 -14.80 36.75 1.90
N GLY A 666 -14.31 36.14 2.98
CA GLY A 666 -14.20 36.77 4.31
C GLY A 666 -15.49 36.71 5.12
N ALA A 667 -16.56 36.13 4.58
CA ALA A 667 -17.85 35.92 5.27
C ALA A 667 -17.88 34.52 5.88
N THR A 668 -18.94 34.20 6.63
CA THR A 668 -19.04 32.95 7.40
C THR A 668 -20.46 32.38 7.27
N LEU A 669 -20.54 31.11 6.88
CA LEU A 669 -21.78 30.36 6.60
C LEU A 669 -22.20 29.58 7.86
N GLU A 670 -23.50 29.29 8.00
CA GLU A 670 -24.05 28.50 9.13
C GLU A 670 -24.82 27.29 8.61
N ALA A 671 -24.31 26.09 8.88
CA ALA A 671 -25.00 24.79 8.70
C ALA A 671 -25.71 24.45 10.02
N ARG A 672 -27.04 24.31 9.98
CA ARG A 672 -27.90 24.16 11.18
C ARG A 672 -28.73 22.88 11.04
N VAL A 673 -28.73 22.04 12.09
CA VAL A 673 -29.46 20.74 12.14
C VAL A 673 -29.95 20.56 13.58
N THR A 674 -31.05 19.85 13.79
CA THR A 674 -31.63 19.59 15.13
C THR A 674 -31.56 18.10 15.43
N LEU A 675 -30.76 17.73 16.44
CA LEU A 675 -30.56 16.33 16.91
C LEU A 675 -31.53 16.04 18.05
N SER A 676 -32.25 14.91 17.96
CA SER A 676 -33.24 14.45 18.97
C SER A 676 -32.81 13.09 19.51
N ASN A 677 -33.13 12.81 20.77
CA ASN A 677 -33.20 11.43 21.32
C ASN A 677 -34.63 10.95 21.10
N SER A 678 -34.83 10.12 20.07
CA SER A 678 -36.15 9.53 19.67
C SER A 678 -36.27 8.09 20.19
N GLY A 679 -35.61 7.77 21.30
CA GLY A 679 -35.66 6.46 21.96
C GLY A 679 -35.96 6.58 23.44
N LYS A 680 -35.79 5.49 24.20
CA LYS A 680 -36.27 5.35 25.60
C LYS A 680 -35.17 5.64 26.61
N ARG A 681 -33.89 5.56 26.23
CA ARG A 681 -32.75 5.74 27.18
C ARG A 681 -32.01 7.05 26.90
N ALA A 682 -31.49 7.68 27.95
CA ALA A 682 -30.53 8.79 27.89
C ALA A 682 -29.23 8.29 27.27
N GLY A 683 -28.52 9.13 26.52
CA GLY A 683 -27.26 8.75 25.86
C GLY A 683 -26.73 9.83 24.93
N ALA A 684 -25.50 9.64 24.46
CA ALA A 684 -24.78 10.60 23.60
C ALA A 684 -24.55 10.00 22.21
N THR A 685 -24.51 10.86 21.19
CA THR A 685 -24.04 10.55 19.82
C THR A 685 -23.09 11.67 19.41
N VAL A 686 -22.47 11.55 18.23
CA VAL A 686 -21.54 12.56 17.66
C VAL A 686 -22.08 12.99 16.30
N VAL A 687 -22.49 14.26 16.18
CA VAL A 687 -22.95 14.86 14.90
C VAL A 687 -21.70 15.36 14.18
N GLN A 688 -21.46 14.82 12.98
CA GLN A 688 -20.20 15.00 12.21
C GLN A 688 -20.52 15.82 10.97
N LEU A 689 -19.78 16.90 10.74
CA LEU A 689 -19.89 17.72 9.50
C LEU A 689 -18.73 17.35 8.57
N TYR A 690 -19.05 16.93 7.35
CA TYR A 690 -18.08 16.62 6.27
C TYR A 690 -18.27 17.63 5.13
N LEU A 691 -17.23 17.76 4.31
CA LEU A 691 -17.14 18.79 3.24
C LEU A 691 -16.52 18.18 1.98
N GLN A 692 -17.07 18.52 0.80
CA GLN A 692 -16.55 18.07 -0.52
C GLN A 692 -16.43 19.28 -1.46
N ASP A 693 -15.28 19.39 -2.11
CA ASP A 693 -14.99 20.32 -3.24
C ASP A 693 -15.03 19.47 -4.50
N PRO A 694 -16.23 19.32 -5.13
CA PRO A 694 -16.40 18.38 -6.24
C PRO A 694 -15.70 18.80 -7.53
N VAL A 695 -15.31 20.06 -7.64
CA VAL A 695 -14.54 20.61 -8.80
C VAL A 695 -13.35 21.41 -8.25
N ALA A 696 -12.13 21.03 -8.64
CA ALA A 696 -10.86 21.55 -8.08
C ALA A 696 -9.66 21.18 -8.98
N SER A 697 -8.54 21.91 -8.83
CA SER A 697 -7.28 21.74 -9.61
CA SER A 697 -7.30 21.73 -9.63
C SER A 697 -6.67 20.36 -9.33
N LEU A 698 -6.88 19.83 -8.12
CA LEU A 698 -6.57 18.42 -7.77
C LEU A 698 -7.90 17.70 -7.59
N SER A 699 -7.94 16.39 -7.88
CA SER A 699 -9.03 15.50 -7.42
C SER A 699 -9.02 15.50 -5.89
N ARG A 700 -10.06 16.08 -5.28
CA ARG A 700 -10.22 16.22 -3.81
C ARG A 700 -10.92 14.98 -3.30
N PRO A 701 -10.86 14.68 -1.97
CA PRO A 701 -11.56 13.52 -1.42
C PRO A 701 -13.08 13.67 -1.55
N VAL A 702 -13.78 12.53 -1.53
CA VAL A 702 -15.26 12.43 -1.67
C VAL A 702 -15.92 13.17 -0.50
N LYS A 703 -15.29 13.13 0.67
CA LYS A 703 -15.62 14.03 1.80
C LYS A 703 -14.44 14.06 2.79
N GLU A 704 -14.35 15.16 3.55
CA GLU A 704 -13.34 15.41 4.61
C GLU A 704 -14.07 15.94 5.85
N LEU A 705 -13.86 15.35 7.02
CA LEU A 705 -14.39 15.86 8.31
C LEU A 705 -13.90 17.29 8.53
N ARG A 706 -14.79 18.22 8.93
CA ARG A 706 -14.45 19.64 9.17
C ARG A 706 -15.07 20.18 10.48
N GLY A 707 -15.97 19.44 11.12
CA GLY A 707 -16.48 19.75 12.47
C GLY A 707 -17.19 18.57 13.10
N PHE A 708 -17.53 18.67 14.39
CA PHE A 708 -18.42 17.71 15.10
C PHE A 708 -18.89 18.28 16.44
N ARG A 709 -20.05 17.81 16.93
CA ARG A 709 -20.49 17.94 18.34
C ARG A 709 -20.80 16.54 18.88
N LYS A 710 -20.22 16.17 20.01
CA LYS A 710 -20.72 15.08 20.89
C LYS A 710 -21.82 15.69 21.75
N VAL A 711 -23.03 15.12 21.75
CA VAL A 711 -24.18 15.68 22.53
C VAL A 711 -24.83 14.57 23.35
N MET A 712 -24.89 14.77 24.68
CA MET A 712 -25.69 13.97 25.63
C MET A 712 -27.14 14.49 25.59
N LEU A 713 -28.10 13.63 25.28
CA LEU A 713 -29.54 13.99 25.28
C LEU A 713 -30.30 12.98 26.15
N GLU A 714 -31.23 13.47 26.97
CA GLU A 714 -32.26 12.65 27.65
C GLU A 714 -33.29 12.23 26.58
N PRO A 715 -34.09 11.17 26.80
CA PRO A 715 -35.17 10.83 25.87
C PRO A 715 -36.10 12.01 25.58
N GLY A 716 -36.37 12.32 24.31
CA GLY A 716 -37.22 13.44 23.88
C GLY A 716 -36.47 14.76 23.83
N GLU A 717 -35.24 14.84 24.35
CA GLU A 717 -34.47 16.10 24.39
C GLU A 717 -34.05 16.44 22.96
N SER A 718 -33.98 17.73 22.65
CA SER A 718 -33.54 18.28 21.35
C SER A 718 -32.43 19.31 21.57
N ARG A 719 -31.40 19.31 20.71
CA ARG A 719 -30.36 20.36 20.66
C ARG A 719 -30.21 20.82 19.22
N GLU A 720 -30.52 22.09 18.96
CA GLU A 720 -30.14 22.78 17.70
C GLU A 720 -28.62 22.86 17.67
N ILE A 721 -27.98 22.13 16.75
CA ILE A 721 -26.53 22.21 16.48
C ILE A 721 -26.32 23.24 15.38
N VAL A 722 -25.32 24.11 15.55
CA VAL A 722 -24.95 25.18 14.57
C VAL A 722 -23.47 25.03 14.26
N PHE A 723 -23.12 24.67 13.02
CA PHE A 723 -21.71 24.67 12.52
C PHE A 723 -21.44 25.99 11.80
N ARG A 724 -20.34 26.63 12.17
CA ARG A 724 -19.76 27.82 11.51
C ARG A 724 -18.77 27.34 10.45
N LEU A 725 -18.96 27.76 9.19
CA LEU A 725 -18.08 27.40 8.06
C LEU A 725 -17.55 28.69 7.45
N GLY A 726 -16.23 28.78 7.28
CA GLY A 726 -15.55 29.90 6.61
C GLY A 726 -14.65 29.39 5.50
N GLU A 727 -13.89 30.31 4.91
CA GLU A 727 -12.93 30.05 3.80
C GLU A 727 -11.82 29.10 4.28
N ALA A 728 -11.44 29.14 5.57
CA ALA A 728 -10.35 28.33 6.15
C ALA A 728 -10.63 26.83 5.96
N ASP A 729 -11.90 26.42 6.08
CA ASP A 729 -12.35 25.00 6.06
C ASP A 729 -12.42 24.46 4.62
N LEU A 730 -12.33 25.34 3.62
CA LEU A 730 -12.54 25.01 2.17
C LEU A 730 -11.20 24.84 1.44
N LYS A 731 -10.08 25.15 2.10
CA LYS A 731 -8.73 25.26 1.48
C LYS A 731 -8.10 23.88 1.30
N PHE A 732 -7.09 23.80 0.44
CA PHE A 732 -6.27 22.60 0.17
C PHE A 732 -4.94 23.00 -0.47
N TYR A 733 -3.94 22.13 -0.35
CA TYR A 733 -2.62 22.28 -1.02
C TYR A 733 -2.72 21.75 -2.45
N ASP A 734 -2.46 22.62 -3.44
CA ASP A 734 -2.62 22.32 -4.89
C ASP A 734 -1.33 21.67 -5.39
N SER A 735 -1.21 21.48 -6.71
CA SER A 735 -0.01 20.89 -7.37
C SER A 735 1.27 21.58 -6.89
N GLN A 736 1.24 22.90 -6.68
CA GLN A 736 2.41 23.73 -6.31
C GLN A 736 2.33 24.17 -4.84
N LEU A 737 1.54 23.47 -4.02
CA LEU A 737 1.41 23.66 -2.55
C LEU A 737 0.87 25.06 -2.23
N ARG A 738 0.11 25.66 -3.15
CA ARG A 738 -0.67 26.90 -2.89
C ARG A 738 -1.83 26.51 -1.97
N HIS A 739 -1.87 27.06 -0.75
CA HIS A 739 -2.95 26.80 0.24
C HIS A 739 -4.10 27.77 -0.04
N THR A 740 -5.12 27.30 -0.77
CA THR A 740 -6.12 28.12 -1.48
C THR A 740 -7.52 27.49 -1.40
N ALA A 741 -8.56 28.29 -1.17
CA ALA A 741 -9.96 27.97 -1.52
C ALA A 741 -10.25 28.57 -2.90
N GLU A 742 -10.63 27.72 -3.86
CA GLU A 742 -11.05 28.14 -5.22
C GLU A 742 -12.54 28.43 -5.19
N PRO A 743 -13.02 29.41 -5.99
CA PRO A 743 -14.45 29.70 -6.06
C PRO A 743 -15.18 28.50 -6.69
N GLY A 744 -16.47 28.36 -6.39
CA GLY A 744 -17.33 27.31 -6.96
C GLY A 744 -18.13 26.58 -5.89
N GLU A 745 -18.68 25.42 -6.25
CA GLU A 745 -19.60 24.64 -5.40
C GLU A 745 -18.83 24.01 -4.24
N PHE A 746 -19.45 23.99 -3.06
CA PHE A 746 -19.04 23.18 -1.88
C PHE A 746 -20.28 22.44 -1.39
N LYS A 747 -20.12 21.15 -1.10
CA LYS A 747 -21.18 20.27 -0.56
C LYS A 747 -20.91 20.02 0.93
N VAL A 748 -21.88 20.35 1.78
CA VAL A 748 -21.84 20.15 3.26
C VAL A 748 -22.63 18.89 3.59
N PHE A 749 -22.01 17.91 4.25
CA PHE A 749 -22.67 16.66 4.72
C PHE A 749 -22.83 16.74 6.24
N VAL A 750 -23.91 16.15 6.76
CA VAL A 750 -24.17 16.03 8.23
C VAL A 750 -24.83 14.68 8.49
N GLY A 751 -24.32 13.95 9.49
CA GLY A 751 -24.85 12.63 9.89
C GLY A 751 -24.14 12.10 11.11
N LEU A 752 -24.54 10.90 11.56
CA LEU A 752 -24.00 10.26 12.79
C LEU A 752 -22.92 9.24 12.44
N ASP A 753 -22.58 9.10 11.15
CA ASP A 753 -21.34 8.46 10.66
C ASP A 753 -21.08 8.91 9.22
N SER A 754 -19.90 8.61 8.67
CA SER A 754 -19.44 9.04 7.33
C SER A 754 -20.26 8.35 6.21
N ALA A 755 -20.94 7.23 6.50
CA ALA A 755 -21.80 6.49 5.57
C ALA A 755 -23.18 7.17 5.45
N GLN A 756 -23.85 7.39 6.59
CA GLN A 756 -25.29 7.79 6.66
C GLN A 756 -25.43 9.31 6.87
N THR A 757 -25.37 10.09 5.79
CA THR A 757 -25.34 11.58 5.79
C THR A 757 -26.32 12.16 4.76
N GLU A 758 -26.61 13.46 4.89
CA GLU A 758 -27.31 14.31 3.90
C GLU A 758 -26.39 15.45 3.48
N SER A 759 -26.42 15.85 2.20
CA SER A 759 -25.64 17.00 1.67
C SER A 759 -26.56 18.14 1.22
N ARG A 760 -26.09 19.36 1.38
CA ARG A 760 -26.65 20.61 0.81
C ARG A 760 -25.46 21.44 0.32
N SER A 761 -25.62 22.14 -0.79
CA SER A 761 -24.51 22.86 -1.48
C SER A 761 -24.66 24.38 -1.30
N PHE A 762 -23.53 25.07 -1.34
CA PHE A 762 -23.41 26.54 -1.45
C PHE A 762 -22.35 26.83 -2.50
N THR A 763 -22.11 28.11 -2.77
CA THR A 763 -21.09 28.58 -3.74
C THR A 763 -20.20 29.61 -3.04
N LEU A 764 -18.89 29.46 -3.18
CA LEU A 764 -17.88 30.49 -2.83
C LEU A 764 -17.71 31.41 -4.05
N LEU A 765 -17.53 32.72 -3.82
CA LEU A 765 -17.43 33.75 -4.91
C LEU A 765 -15.97 34.15 -5.15
N THR B 33 11.43 16.30 -43.67
CA THR B 33 10.67 17.54 -44.06
C THR B 33 9.72 17.24 -45.25
N ASP B 34 9.91 16.12 -45.96
CA ASP B 34 8.91 15.57 -46.93
C ASP B 34 7.55 15.46 -46.22
N LYS B 35 7.56 14.83 -45.04
CA LYS B 35 6.37 14.62 -44.17
C LYS B 35 5.84 15.97 -43.68
N GLU B 36 6.72 16.82 -43.10
CA GLU B 36 6.35 18.16 -42.57
C GLU B 36 5.68 18.97 -43.69
N ARG B 37 6.29 19.03 -44.88
CA ARG B 37 5.75 19.74 -46.08
C ARG B 37 4.34 19.23 -46.38
N PHE B 38 4.22 17.90 -46.59
CA PHE B 38 2.97 17.19 -46.91
C PHE B 38 1.87 17.55 -45.90
N ILE B 39 2.17 17.43 -44.60
CA ILE B 39 1.21 17.68 -43.48
C ILE B 39 0.79 19.16 -43.47
N ALA B 40 1.76 20.08 -43.56
CA ALA B 40 1.53 21.55 -43.49
C ALA B 40 0.53 21.98 -44.56
N SER B 41 0.68 21.46 -45.78
CA SER B 41 -0.15 21.84 -46.97
C SER B 41 -1.53 21.18 -46.92
N LEU B 42 -1.65 20.00 -46.32
CA LEU B 42 -2.96 19.32 -46.10
C LEU B 42 -3.75 20.12 -45.05
N MET B 43 -3.09 20.55 -43.98
CA MET B 43 -3.73 21.25 -42.84
C MET B 43 -4.10 22.68 -43.23
N ALA B 44 -3.39 23.28 -44.19
CA ALA B 44 -3.72 24.63 -44.75
C ALA B 44 -5.01 24.53 -45.56
N ARG B 45 -5.29 23.34 -46.12
CA ARG B 45 -6.53 23.06 -46.90
C ARG B 45 -7.72 22.80 -45.97
N MET B 46 -7.49 22.47 -44.69
CA MET B 46 -8.51 21.84 -43.80
C MET B 46 -9.30 22.90 -43.03
N SER B 47 -10.59 22.64 -42.82
CA SER B 47 -11.48 23.40 -41.90
C SER B 47 -11.26 22.86 -40.47
N ASN B 48 -11.72 23.61 -39.46
CA ASN B 48 -11.68 23.18 -38.04
C ASN B 48 -12.57 21.96 -37.86
N ALA B 49 -13.72 21.91 -38.53
CA ALA B 49 -14.66 20.75 -38.51
C ALA B 49 -13.92 19.48 -38.95
N GLU B 50 -13.14 19.58 -40.03
CA GLU B 50 -12.35 18.47 -40.61
C GLU B 50 -11.22 18.07 -39.65
N LYS B 51 -10.56 19.06 -39.02
CA LYS B 51 -9.43 18.85 -38.06
C LYS B 51 -9.96 18.14 -36.80
N ILE B 52 -11.06 18.63 -36.23
CA ILE B 52 -11.71 18.05 -35.03
C ILE B 52 -12.17 16.62 -35.36
N GLY B 53 -12.63 16.38 -36.59
CA GLY B 53 -13.04 15.05 -37.06
C GLY B 53 -11.92 14.04 -36.95
N GLN B 54 -10.67 14.47 -37.17
CA GLN B 54 -9.46 13.60 -37.16
C GLN B 54 -9.16 13.10 -35.75
N LEU B 55 -9.69 13.77 -34.72
CA LEU B 55 -9.38 13.49 -33.30
C LEU B 55 -10.40 12.49 -32.72
N ARG B 56 -11.38 12.06 -33.52
CA ARG B 56 -12.48 11.17 -33.06
C ARG B 56 -12.13 9.70 -33.33
N LEU B 57 -11.89 8.93 -32.26
CA LEU B 57 -11.60 7.47 -32.26
C LEU B 57 -12.82 6.73 -31.67
N VAL B 58 -13.47 5.86 -32.45
CA VAL B 58 -14.76 5.19 -32.06
C VAL B 58 -14.71 3.70 -32.43
N SER B 59 -15.58 2.90 -31.81
CA SER B 59 -15.86 1.49 -32.18
C SER B 59 -17.36 1.28 -32.42
N VAL B 60 -17.70 0.28 -33.22
CA VAL B 60 -19.11 -0.13 -33.51
C VAL B 60 -19.69 -0.72 -32.23
N GLY B 61 -20.85 -0.22 -31.79
CA GLY B 61 -21.55 -0.72 -30.60
C GLY B 61 -22.86 0.00 -30.37
N ALA B 62 -23.41 -0.10 -29.15
CA ALA B 62 -24.63 0.61 -28.71
C ALA B 62 -24.44 2.13 -28.95
N ASP B 63 -23.33 2.70 -28.48
CA ASP B 63 -23.04 4.16 -28.55
C ASP B 63 -22.94 4.63 -30.01
N HIS B 64 -22.49 3.76 -30.92
CA HIS B 64 -22.23 4.09 -32.35
C HIS B 64 -22.70 2.95 -33.25
N PRO B 65 -24.01 2.88 -33.61
CA PRO B 65 -24.50 1.90 -34.57
C PRO B 65 -23.69 1.93 -35.89
N LYS B 66 -23.44 0.76 -36.48
CA LYS B 66 -22.54 0.56 -37.64
C LYS B 66 -22.83 1.60 -38.74
N GLU B 67 -24.10 1.83 -39.09
CA GLU B 67 -24.47 2.54 -40.35
C GLU B 67 -24.40 4.06 -40.16
N ALA B 68 -24.74 4.59 -38.98
CA ALA B 68 -24.57 6.02 -38.64
C ALA B 68 -23.07 6.36 -38.56
N LEU B 69 -22.24 5.37 -38.20
CA LEU B 69 -20.76 5.50 -38.13
C LEU B 69 -20.21 5.64 -39.57
N MET B 70 -20.66 4.79 -40.49
CA MET B 70 -20.25 4.81 -41.92
C MET B 70 -20.60 6.18 -42.51
N ALA B 71 -21.78 6.71 -42.19
CA ALA B 71 -22.27 8.05 -42.60
C ALA B 71 -21.34 9.14 -42.07
N ASP B 72 -20.88 8.99 -40.82
CA ASP B 72 -19.94 9.94 -40.16
C ASP B 72 -18.59 9.90 -40.87
N ILE B 73 -18.11 8.73 -41.28
CA ILE B 73 -16.81 8.57 -42.00
C ILE B 73 -16.91 9.32 -43.34
N ARG B 74 -18.00 9.11 -44.08
CA ARG B 74 -18.28 9.75 -45.39
C ARG B 74 -18.27 11.28 -45.27
N ALA B 75 -18.66 11.82 -44.11
CA ALA B 75 -18.79 13.27 -43.85
C ALA B 75 -17.50 13.84 -43.23
N GLY B 76 -16.41 13.06 -43.21
CA GLY B 76 -15.08 13.46 -42.72
C GLY B 76 -15.06 13.71 -41.23
N LYS B 77 -15.86 12.96 -40.47
CA LYS B 77 -16.12 13.20 -39.02
C LYS B 77 -15.59 12.06 -38.16
N VAL B 78 -14.71 11.21 -38.69
CA VAL B 78 -14.08 10.09 -37.94
C VAL B 78 -12.59 10.03 -38.32
N GLY B 79 -11.71 10.05 -37.32
CA GLY B 79 -10.24 9.99 -37.51
C GLY B 79 -9.74 8.57 -37.51
N ALA B 80 -10.33 7.69 -36.70
CA ALA B 80 -9.87 6.28 -36.57
C ALA B 80 -10.95 5.41 -35.94
N ILE B 81 -10.76 4.10 -36.09
CA ILE B 81 -11.65 3.00 -35.62
C ILE B 81 -10.82 2.09 -34.71
N PHE B 82 -11.41 1.59 -33.63
CA PHE B 82 -10.87 0.46 -32.83
C PHE B 82 -11.95 -0.62 -32.72
N ASN B 83 -11.53 -1.88 -32.61
CA ASN B 83 -12.36 -3.09 -32.39
C ASN B 83 -13.04 -3.57 -33.69
N THR B 84 -12.62 -3.09 -34.88
CA THR B 84 -13.03 -3.68 -36.18
C THR B 84 -11.80 -4.38 -36.76
N VAL B 85 -11.88 -5.72 -36.91
CA VAL B 85 -10.69 -6.63 -36.82
C VAL B 85 -10.66 -7.67 -37.95
N THR B 86 -11.47 -7.53 -39.01
CA THR B 86 -11.42 -8.40 -40.22
C THR B 86 -11.29 -7.55 -41.48
N ARG B 87 -10.64 -8.10 -42.53
CA ARG B 87 -10.38 -7.38 -43.81
C ARG B 87 -11.70 -6.89 -44.40
N PRO B 88 -12.67 -7.77 -44.73
CA PRO B 88 -13.93 -7.30 -45.33
C PRO B 88 -14.54 -6.14 -44.52
N ASP B 89 -14.49 -6.21 -43.19
CA ASP B 89 -15.09 -5.21 -42.26
C ASP B 89 -14.28 -3.90 -42.27
N ILE B 90 -12.95 -3.98 -42.35
CA ILE B 90 -12.05 -2.78 -42.35
C ILE B 90 -12.08 -2.15 -43.75
N ARG B 91 -12.03 -2.95 -44.81
CA ARG B 91 -12.23 -2.47 -46.21
C ARG B 91 -13.49 -1.61 -46.26
N ALA B 92 -14.61 -2.14 -45.74
CA ALA B 92 -15.95 -1.51 -45.77
C ALA B 92 -15.86 -0.08 -45.21
N MET B 93 -15.03 0.14 -44.18
CA MET B 93 -14.86 1.43 -43.49
C MET B 93 -14.03 2.38 -44.36
N GLN B 94 -12.85 1.93 -44.79
CA GLN B 94 -11.89 2.72 -45.62
C GLN B 94 -12.57 3.14 -46.93
N ASP B 95 -13.47 2.31 -47.44
CA ASP B 95 -14.29 2.58 -48.66
C ASP B 95 -15.13 3.86 -48.48
N GLN B 96 -15.52 4.18 -47.24
CA GLN B 96 -16.40 5.35 -46.94
C GLN B 96 -15.61 6.66 -47.04
N VAL B 97 -14.27 6.59 -46.98
CA VAL B 97 -13.37 7.78 -46.89
C VAL B 97 -13.39 8.55 -48.22
N ARG B 98 -13.51 7.85 -49.35
CA ARG B 98 -13.53 8.45 -50.71
C ARG B 98 -14.68 9.47 -50.81
N HIS B 99 -15.73 9.33 -49.98
CA HIS B 99 -16.93 10.21 -49.99
C HIS B 99 -16.67 11.51 -49.20
N SER B 100 -15.67 11.54 -48.31
CA SER B 100 -15.23 12.78 -47.60
C SER B 100 -14.52 13.70 -48.60
N ARG B 101 -14.45 15.00 -48.29
CA ARG B 101 -13.86 16.04 -49.20
C ARG B 101 -12.39 15.73 -49.45
N LEU B 102 -11.56 15.62 -48.41
CA LEU B 102 -10.09 15.47 -48.53
C LEU B 102 -9.68 14.00 -48.58
N LYS B 103 -10.61 13.06 -48.35
CA LYS B 103 -10.37 11.60 -48.47
C LYS B 103 -9.21 11.19 -47.55
N ILE B 104 -9.15 11.77 -46.34
CA ILE B 104 -8.13 11.40 -45.32
C ILE B 104 -8.45 9.98 -44.85
N PRO B 105 -7.52 9.01 -45.03
CA PRO B 105 -7.78 7.62 -44.65
C PRO B 105 -7.93 7.44 -43.13
N LEU B 106 -8.70 6.43 -42.71
CA LEU B 106 -8.73 5.94 -41.31
C LEU B 106 -7.47 5.10 -41.05
N PHE B 107 -7.01 5.06 -39.81
CA PHE B 107 -6.22 3.92 -39.27
C PHE B 107 -7.18 3.10 -38.39
N HIS B 108 -6.88 1.80 -38.23
CA HIS B 108 -7.69 0.83 -37.47
C HIS B 108 -6.84 0.23 -36.35
N ALA B 109 -7.34 0.23 -35.11
CA ALA B 109 -6.61 -0.24 -33.92
C ALA B 109 -7.33 -1.41 -33.26
N TYR B 110 -6.62 -2.14 -32.41
CA TYR B 110 -7.14 -3.28 -31.60
C TYR B 110 -6.18 -3.54 -30.43
N ASP B 111 -6.64 -4.31 -29.44
CA ASP B 111 -5.86 -4.70 -28.24
C ASP B 111 -5.14 -6.02 -28.54
N VAL B 112 -4.06 -5.92 -29.31
CA VAL B 112 -3.18 -7.08 -29.64
C VAL B 112 -2.08 -7.11 -28.57
N ALA B 113 -2.41 -7.63 -27.39
CA ALA B 113 -1.59 -7.52 -26.15
C ALA B 113 -0.52 -8.61 -26.12
N HIS B 114 -0.92 -9.85 -26.38
CA HIS B 114 -0.03 -11.05 -26.41
C HIS B 114 -0.54 -12.02 -27.48
N GLY B 115 -0.77 -11.51 -28.69
CA GLY B 115 -1.30 -12.27 -29.83
C GLY B 115 -2.58 -11.65 -30.37
N HIS B 116 -2.89 -11.93 -31.64
CA HIS B 116 -4.12 -11.45 -32.33
C HIS B 116 -5.09 -12.62 -32.49
N ARG B 117 -4.73 -13.64 -33.28
CA ARG B 117 -5.53 -14.87 -33.49
C ARG B 117 -4.78 -16.06 -32.88
N THR B 118 -3.49 -16.23 -33.17
CA THR B 118 -2.56 -17.14 -32.44
C THR B 118 -2.12 -16.43 -31.15
N ILE B 119 -2.58 -16.91 -30.00
CA ILE B 119 -2.37 -16.26 -28.68
C ILE B 119 -1.10 -16.85 -28.03
N PHE B 120 -0.12 -15.99 -27.77
CA PHE B 120 1.11 -16.29 -26.99
C PHE B 120 0.82 -16.16 -25.51
N PRO B 121 1.75 -16.53 -24.60
CA PRO B 121 1.50 -16.39 -23.17
C PRO B 121 1.20 -14.92 -22.82
N ILE B 122 0.46 -14.68 -21.75
CA ILE B 122 0.27 -13.32 -21.17
C ILE B 122 1.67 -12.73 -20.92
N SER B 123 1.79 -11.39 -21.00
CA SER B 123 3.07 -10.64 -20.93
C SER B 123 3.89 -11.07 -19.71
N LEU B 124 3.24 -11.20 -18.54
CA LEU B 124 3.89 -11.64 -17.29
C LEU B 124 4.60 -12.98 -17.53
N GLY B 125 4.00 -13.85 -18.34
CA GLY B 125 4.57 -15.15 -18.75
C GLY B 125 5.75 -14.96 -19.70
N LEU B 126 5.60 -14.09 -20.71
CA LEU B 126 6.65 -13.75 -21.72
C LEU B 126 7.90 -13.23 -21.00
N ALA B 127 7.73 -12.26 -20.10
CA ALA B 127 8.81 -11.66 -19.29
C ALA B 127 9.68 -12.78 -18.69
N ALA B 128 9.02 -13.84 -18.21
CA ALA B 128 9.62 -14.96 -17.45
C ALA B 128 10.62 -15.75 -18.32
N SER B 129 10.62 -15.52 -19.63
CA SER B 129 11.58 -16.14 -20.60
C SER B 129 12.95 -15.47 -20.52
N TRP B 130 13.03 -14.22 -20.03
CA TRP B 130 14.29 -13.45 -19.86
C TRP B 130 15.06 -13.37 -21.19
N ASP B 131 14.33 -13.38 -22.32
CA ASP B 131 14.91 -13.53 -23.68
C ASP B 131 14.25 -12.55 -24.63
N PRO B 132 14.87 -11.37 -24.88
CA PRO B 132 14.36 -10.41 -25.85
C PRO B 132 13.88 -10.99 -27.20
N GLU B 133 14.61 -11.97 -27.75
CA GLU B 133 14.31 -12.54 -29.09
C GLU B 133 12.98 -13.32 -29.04
N VAL B 134 12.72 -14.03 -27.94
CA VAL B 134 11.43 -14.75 -27.71
C VAL B 134 10.30 -13.72 -27.61
N VAL B 135 10.47 -12.68 -26.80
CA VAL B 135 9.45 -11.60 -26.61
C VAL B 135 9.20 -10.90 -27.96
N ALA B 136 10.27 -10.65 -28.73
CA ALA B 136 10.23 -9.99 -30.06
C ALA B 136 9.41 -10.84 -31.04
N ARG B 137 9.64 -12.15 -31.05
CA ARG B 137 8.98 -13.11 -31.97
C ARG B 137 7.47 -13.09 -31.75
N SER B 138 7.02 -12.91 -30.50
CA SER B 138 5.57 -12.88 -30.14
C SER B 138 4.94 -11.59 -30.67
N ALA B 139 5.66 -10.47 -30.59
CA ALA B 139 5.24 -9.14 -31.07
C ALA B 139 5.23 -9.11 -32.61
N ARG B 140 6.30 -9.61 -33.24
CA ARG B 140 6.44 -9.67 -34.72
C ARG B 140 5.24 -10.42 -35.31
N ILE B 141 4.93 -11.60 -34.75
CA ILE B 141 3.87 -12.51 -35.28
C ILE B 141 2.49 -11.92 -34.96
N SER B 142 2.35 -11.26 -33.81
CA SER B 142 1.15 -10.48 -33.44
C SER B 142 0.90 -9.40 -34.51
N ALA B 143 1.93 -8.62 -34.83
CA ALA B 143 1.89 -7.54 -35.85
C ALA B 143 1.52 -8.14 -37.21
N LEU B 144 2.21 -9.22 -37.59
CA LEU B 144 2.03 -9.95 -38.86
C LEU B 144 0.56 -10.35 -39.03
N GLU B 145 -0.02 -11.02 -38.02
CA GLU B 145 -1.41 -11.54 -38.04
C GLU B 145 -2.44 -10.40 -38.06
N ALA B 146 -2.24 -9.37 -37.23
CA ALA B 146 -3.17 -8.22 -37.07
C ALA B 146 -3.16 -7.39 -38.35
N SER B 147 -1.97 -7.08 -38.88
CA SER B 147 -1.77 -6.37 -40.18
C SER B 147 -2.45 -7.15 -41.31
N ALA B 148 -2.25 -8.48 -41.33
CA ALA B 148 -2.83 -9.41 -42.33
C ALA B 148 -4.36 -9.33 -42.31
N ASP B 149 -4.96 -8.96 -41.18
CA ASP B 149 -6.43 -8.85 -41.02
C ASP B 149 -6.89 -7.41 -41.32
N GLY B 150 -5.96 -6.46 -41.47
CA GLY B 150 -6.25 -5.07 -41.88
C GLY B 150 -5.87 -4.03 -40.82
N LEU B 151 -5.44 -4.45 -39.63
CA LEU B 151 -5.16 -3.52 -38.49
C LEU B 151 -3.84 -2.78 -38.72
N ASP B 152 -3.79 -1.51 -38.31
CA ASP B 152 -2.64 -0.57 -38.48
C ASP B 152 -1.93 -0.35 -37.15
N MET B 153 -2.63 -0.53 -36.03
CA MET B 153 -2.18 -0.12 -34.66
C MET B 153 -2.63 -1.16 -33.65
N SER B 154 -1.80 -1.43 -32.64
CA SER B 154 -2.20 -2.15 -31.41
C SER B 154 -1.96 -1.26 -30.20
N PHE B 155 -2.96 -1.14 -29.34
CA PHE B 155 -2.83 -0.59 -27.96
C PHE B 155 -1.97 -1.56 -27.17
N SER B 156 -0.65 -1.47 -27.41
CA SER B 156 0.40 -2.38 -26.88
CA SER B 156 0.41 -2.34 -26.83
C SER B 156 1.77 -1.81 -27.27
N PRO B 157 2.86 -2.04 -26.50
CA PRO B 157 2.85 -2.85 -25.28
C PRO B 157 2.34 -2.13 -24.03
N MET B 158 1.71 -2.88 -23.11
CA MET B 158 1.44 -2.46 -21.72
C MET B 158 2.73 -2.70 -20.93
N VAL B 159 3.31 -1.65 -20.34
CA VAL B 159 4.68 -1.67 -19.75
C VAL B 159 4.65 -1.04 -18.34
N ASP B 160 3.51 -1.13 -17.66
CA ASP B 160 3.31 -0.56 -16.30
C ASP B 160 4.02 -1.43 -15.27
N ILE B 161 4.87 -0.83 -14.44
CA ILE B 161 5.54 -1.51 -13.30
C ILE B 161 4.47 -1.91 -12.27
N THR B 162 4.53 -3.16 -11.80
CA THR B 162 3.55 -3.80 -10.87
C THR B 162 4.27 -4.40 -9.66
N ARG B 163 4.08 -3.79 -8.48
CA ARG B 163 4.59 -4.30 -7.18
C ARG B 163 3.43 -4.80 -6.31
N ASP B 164 2.20 -4.76 -6.82
CA ASP B 164 0.94 -5.10 -6.09
C ASP B 164 0.22 -6.25 -6.80
N ALA B 165 0.39 -7.47 -6.31
CA ALA B 165 -0.14 -8.72 -6.92
C ALA B 165 -1.68 -8.73 -6.91
N ARG B 166 -2.34 -7.89 -6.12
CA ARG B 166 -3.82 -7.81 -6.03
C ARG B 166 -4.43 -7.25 -7.32
N TRP B 167 -3.70 -6.36 -8.01
CA TRP B 167 -4.17 -5.61 -9.21
C TRP B 167 -4.52 -6.58 -10.34
N GLY B 168 -5.68 -6.40 -10.96
CA GLY B 168 -6.20 -7.27 -12.03
C GLY B 168 -5.24 -7.42 -13.20
N ARG B 169 -4.52 -6.35 -13.56
CA ARG B 169 -3.87 -6.19 -14.88
C ARG B 169 -2.37 -6.45 -14.80
N VAL B 170 -1.88 -7.14 -13.77
CA VAL B 170 -0.42 -7.46 -13.65
C VAL B 170 -0.07 -8.49 -14.73
N SER B 171 -1.05 -9.26 -15.20
CA SER B 171 -0.94 -10.26 -16.29
C SER B 171 -0.46 -9.59 -17.57
N GLU B 172 -0.80 -8.32 -17.78
CA GLU B 172 -0.53 -7.55 -19.03
C GLU B 172 0.88 -6.93 -19.03
N GLY B 173 1.51 -6.80 -17.86
CA GLY B 173 2.86 -6.21 -17.70
C GLY B 173 3.96 -7.25 -17.71
N PHE B 174 5.20 -6.83 -17.43
CA PHE B 174 6.42 -7.67 -17.46
C PHE B 174 6.99 -7.88 -16.04
N GLY B 175 6.23 -7.52 -15.01
CA GLY B 175 6.59 -7.74 -13.59
C GLY B 175 7.00 -6.45 -12.89
N GLU B 176 7.92 -6.56 -11.93
CA GLU B 176 8.18 -5.50 -10.92
C GLU B 176 9.49 -4.77 -11.19
N ASP B 177 10.37 -5.30 -12.05
CA ASP B 177 11.75 -4.75 -12.22
C ASP B 177 11.76 -3.73 -13.36
N THR B 178 12.30 -2.54 -13.06
CA THR B 178 12.38 -1.36 -13.96
C THR B 178 13.28 -1.66 -15.17
N TYR B 179 14.42 -2.31 -14.94
CA TYR B 179 15.44 -2.58 -15.98
C TYR B 179 14.86 -3.54 -17.03
N LEU B 180 14.27 -4.64 -16.58
CA LEU B 180 13.72 -5.72 -17.45
C LEU B 180 12.51 -5.18 -18.22
N THR B 181 11.58 -4.51 -17.54
CA THR B 181 10.33 -3.97 -18.15
C THR B 181 10.71 -2.89 -19.17
N SER B 182 11.68 -2.02 -18.85
CA SER B 182 12.20 -0.97 -19.76
C SER B 182 12.80 -1.60 -21.03
N LEU B 183 13.63 -2.65 -20.88
CA LEU B 183 14.27 -3.35 -22.01
C LEU B 183 13.19 -3.97 -22.92
N LEU B 184 12.30 -4.79 -22.36
CA LEU B 184 11.23 -5.48 -23.12
C LEU B 184 10.25 -4.47 -23.74
N SER B 185 10.07 -3.29 -23.13
CA SER B 185 9.24 -2.19 -23.70
C SER B 185 9.82 -1.79 -25.07
N GLY B 186 11.12 -1.50 -25.10
CA GLY B 186 11.90 -1.26 -26.34
C GLY B 186 11.79 -2.42 -27.33
N VAL B 187 11.94 -3.67 -26.86
CA VAL B 187 11.93 -4.88 -27.73
C VAL B 187 10.57 -4.97 -28.46
N MET B 188 9.48 -4.88 -27.69
CA MET B 188 8.07 -5.01 -28.19
C MET B 188 7.82 -3.96 -29.27
N VAL B 189 8.17 -2.70 -29.00
CA VAL B 189 7.92 -1.54 -29.92
C VAL B 189 8.62 -1.78 -31.26
N ARG B 190 9.90 -2.15 -31.24
CA ARG B 190 10.72 -2.33 -32.47
C ARG B 190 10.22 -3.55 -33.26
N ALA B 191 9.76 -4.60 -32.58
CA ALA B 191 9.20 -5.83 -33.20
C ALA B 191 7.90 -5.48 -33.96
N TYR B 192 6.95 -4.85 -33.28
CA TYR B 192 5.65 -4.42 -33.85
C TYR B 192 5.88 -3.55 -35.09
N GLN B 193 6.61 -2.45 -34.92
CA GLN B 193 6.74 -1.36 -35.93
C GLN B 193 7.73 -1.77 -37.02
N GLY B 194 8.61 -2.75 -36.75
CA GLY B 194 9.58 -3.28 -37.73
C GLY B 194 10.55 -2.20 -38.18
N SER B 195 11.06 -2.31 -39.41
CA SER B 195 12.09 -1.42 -40.00
C SER B 195 11.44 -0.17 -40.62
N ASN B 196 10.15 -0.27 -40.96
CA ASN B 196 9.37 0.79 -41.63
C ASN B 196 7.89 0.60 -41.27
N LEU B 197 7.25 1.66 -40.75
CA LEU B 197 5.82 1.63 -40.31
C LEU B 197 4.89 1.57 -41.54
N ALA B 198 5.40 1.86 -42.74
CA ALA B 198 4.67 1.74 -44.02
C ALA B 198 4.50 0.27 -44.40
N ALA B 199 5.44 -0.59 -43.99
CA ALA B 199 5.48 -2.03 -44.37
C ALA B 199 4.10 -2.65 -44.17
N PRO B 200 3.64 -3.55 -45.08
CA PRO B 200 2.31 -4.15 -44.97
C PRO B 200 2.15 -5.11 -43.77
N ASP B 201 3.25 -5.57 -43.18
CA ASP B 201 3.25 -6.56 -42.05
C ASP B 201 3.75 -5.89 -40.77
N SER B 202 3.84 -4.55 -40.75
CA SER B 202 4.19 -3.72 -39.58
C SER B 202 2.93 -3.02 -39.06
N ILE B 203 2.83 -2.83 -37.75
CA ILE B 203 1.77 -2.01 -37.10
C ILE B 203 2.43 -1.00 -36.15
N MET B 204 1.71 0.07 -35.81
CA MET B 204 2.18 1.11 -34.86
C MET B 204 1.96 0.61 -33.43
N ALA B 205 2.99 0.75 -32.59
CA ALA B 205 2.94 0.49 -31.13
C ALA B 205 2.34 1.73 -30.46
N ALA B 206 1.22 1.56 -29.77
CA ALA B 206 0.63 2.59 -28.88
C ALA B 206 0.88 2.14 -27.44
N VAL B 207 2.05 2.48 -26.89
CA VAL B 207 2.50 2.07 -25.54
C VAL B 207 1.50 2.60 -24.50
N LYS B 208 1.30 1.84 -23.42
CA LYS B 208 0.30 2.15 -22.35
C LYS B 208 0.75 1.54 -21.03
N HIS B 209 0.17 2.00 -19.91
CA HIS B 209 -0.71 3.14 -19.82
C HIS B 209 0.04 4.30 -19.14
N PHE B 210 0.23 5.40 -19.85
CA PHE B 210 0.99 6.59 -19.39
C PHE B 210 0.11 7.42 -18.45
N ALA B 211 0.37 7.38 -17.14
CA ALA B 211 1.48 6.66 -16.52
C ALA B 211 1.14 6.26 -15.08
N LEU B 212 1.92 5.32 -14.51
CA LEU B 212 1.97 4.98 -13.06
C LEU B 212 0.77 4.10 -12.68
N TYR B 213 0.08 3.51 -13.65
CA TYR B 213 -1.25 2.84 -13.53
C TYR B 213 -1.14 1.59 -12.62
N GLY B 214 0.01 0.92 -12.61
CA GLY B 214 0.25 -0.31 -11.82
C GLY B 214 0.32 -0.07 -10.32
N ALA B 215 0.37 1.18 -9.87
CA ALA B 215 0.60 1.55 -8.46
C ALA B 215 -0.71 2.02 -7.80
N ALA B 216 -1.86 1.57 -8.30
CA ALA B 216 -3.20 1.89 -7.74
C ALA B 216 -3.21 1.53 -6.23
N GLU B 217 -3.75 2.40 -5.39
CA GLU B 217 -3.93 2.13 -3.94
C GLU B 217 -4.83 0.91 -3.76
N GLY B 218 -4.41 -0.02 -2.90
CA GLY B 218 -5.17 -1.23 -2.55
C GLY B 218 -5.20 -2.23 -3.68
N GLY B 219 -4.50 -1.96 -4.78
CA GLY B 219 -4.55 -2.76 -6.02
C GLY B 219 -5.93 -2.75 -6.66
N ARG B 220 -6.80 -1.81 -6.25
CA ARG B 220 -8.12 -1.57 -6.87
C ARG B 220 -7.89 -0.85 -8.20
N ASP B 221 -8.39 -1.40 -9.31
CA ASP B 221 -8.16 -0.85 -10.68
C ASP B 221 -8.72 0.57 -10.73
N TYR B 222 -8.11 1.45 -11.53
CA TYR B 222 -8.52 2.86 -11.78
C TYR B 222 -8.23 3.75 -10.56
N ASN B 223 -7.77 3.17 -9.45
CA ASN B 223 -7.71 3.87 -8.14
C ASN B 223 -6.48 4.78 -8.06
N THR B 224 -6.57 5.79 -7.20
CA THR B 224 -5.53 6.80 -6.86
C THR B 224 -4.12 6.18 -6.88
N VAL B 225 -3.19 6.84 -7.56
CA VAL B 225 -1.72 6.61 -7.47
C VAL B 225 -1.10 7.88 -6.89
N ASP B 226 -0.29 7.73 -5.84
CA ASP B 226 0.36 8.87 -5.17
C ASP B 226 1.79 8.47 -4.79
N MET B 227 2.79 9.11 -5.39
CA MET B 227 4.21 8.82 -5.11
C MET B 227 5.08 10.07 -5.32
N SER B 228 6.27 10.03 -4.71
CA SER B 228 7.36 11.04 -4.81
C SER B 228 7.88 11.08 -6.25
N LEU B 229 8.53 12.17 -6.64
CA LEU B 229 9.10 12.33 -8.00
C LEU B 229 10.37 11.49 -8.15
N PRO B 230 11.23 11.35 -7.12
CA PRO B 230 12.34 10.39 -7.18
C PRO B 230 11.94 8.94 -7.50
N ARG B 231 10.88 8.42 -6.87
CA ARG B 231 10.40 7.03 -7.12
C ARG B 231 9.84 6.95 -8.54
N MET B 232 9.08 7.96 -8.94
CA MET B 232 8.44 8.10 -10.27
C MET B 232 9.50 7.98 -11.37
N PHE B 233 10.54 8.81 -11.30
CA PHE B 233 11.60 8.93 -12.35
C PHE B 233 12.50 7.70 -12.31
N GLN B 234 12.83 7.18 -11.13
CA GLN B 234 13.80 6.06 -10.97
C GLN B 234 13.15 4.74 -11.39
N ASP B 235 11.94 4.45 -10.90
CA ASP B 235 11.34 3.07 -10.91
C ASP B 235 10.24 2.94 -11.96
N TYR B 236 9.31 3.89 -12.06
CA TYR B 236 7.98 3.70 -12.71
C TYR B 236 7.97 4.23 -14.16
N LEU B 237 8.66 5.34 -14.44
CA LEU B 237 8.56 6.04 -15.75
C LEU B 237 9.44 5.39 -16.82
N PRO B 238 10.67 4.90 -16.53
CA PRO B 238 11.58 4.43 -17.59
C PRO B 238 10.99 3.56 -18.69
N PRO B 239 10.06 2.60 -18.42
CA PRO B 239 9.47 1.80 -19.49
C PRO B 239 8.72 2.61 -20.57
N TYR B 240 8.05 3.70 -20.20
CA TYR B 240 7.35 4.61 -21.14
C TYR B 240 8.41 5.31 -22.00
N LYS B 241 9.49 5.78 -21.38
CA LYS B 241 10.59 6.50 -22.07
C LYS B 241 11.29 5.56 -23.06
N ALA B 242 11.38 4.26 -22.74
CA ALA B 242 12.03 3.23 -23.59
C ALA B 242 11.22 3.05 -24.88
N ALA B 243 9.89 2.98 -24.75
CA ALA B 243 8.94 2.92 -25.88
C ALA B 243 9.14 4.12 -26.81
N VAL B 244 9.20 5.33 -26.24
CA VAL B 244 9.45 6.61 -26.96
C VAL B 244 10.80 6.51 -27.69
N ASP B 245 11.86 6.15 -26.95
CA ASP B 245 13.24 6.03 -27.48
C ASP B 245 13.31 4.95 -28.58
N ALA B 246 12.50 3.89 -28.51
CA ALA B 246 12.44 2.81 -29.52
C ALA B 246 11.62 3.27 -30.74
N GLY B 247 10.92 4.41 -30.65
CA GLY B 247 10.21 5.05 -31.77
C GLY B 247 8.72 4.79 -31.76
N ALA B 248 8.11 4.56 -30.60
CA ALA B 248 6.65 4.37 -30.47
C ALA B 248 5.95 5.52 -31.20
N GLY B 249 5.07 5.20 -32.14
CA GLY B 249 4.30 6.19 -32.92
C GLY B 249 3.17 6.80 -32.10
N ALA B 250 2.78 6.14 -31.00
CA ALA B 250 1.63 6.54 -30.15
C ALA B 250 1.87 6.18 -28.68
N VAL B 251 1.19 6.92 -27.79
CA VAL B 251 1.15 6.71 -26.32
C VAL B 251 -0.32 6.80 -25.91
N MET B 252 -0.82 5.81 -25.16
CA MET B 252 -2.20 5.83 -24.59
C MET B 252 -2.12 6.35 -23.16
N VAL B 253 -2.96 7.32 -22.80
CA VAL B 253 -2.96 8.00 -21.48
C VAL B 253 -3.83 7.19 -20.52
N SER B 254 -3.41 7.10 -19.26
CA SER B 254 -3.98 6.24 -18.20
C SER B 254 -5.22 6.90 -17.57
N LEU B 255 -6.01 6.09 -16.87
CA LEU B 255 -7.32 6.49 -16.27
C LEU B 255 -7.12 7.03 -14.84
N ASN B 256 -5.95 6.73 -14.24
CA ASN B 256 -5.62 6.99 -12.80
C ASN B 256 -5.15 8.44 -12.60
N THR B 257 -5.37 8.98 -11.39
CA THR B 257 -4.75 10.25 -10.94
C THR B 257 -3.24 10.02 -10.72
N ILE B 258 -2.44 11.05 -10.98
CA ILE B 258 -1.01 11.14 -10.55
C ILE B 258 -0.89 12.32 -9.59
N ASN B 259 -0.72 12.03 -8.29
CA ASN B 259 -0.54 13.02 -7.20
C ASN B 259 -1.64 14.07 -7.25
N GLY B 260 -2.88 13.65 -7.49
CA GLY B 260 -4.09 14.50 -7.42
C GLY B 260 -4.66 14.83 -8.80
N VAL B 261 -3.85 14.71 -9.85
CA VAL B 261 -4.23 15.15 -11.24
C VAL B 261 -4.41 13.92 -12.13
N PRO B 262 -5.63 13.68 -12.65
CA PRO B 262 -5.85 12.66 -13.67
C PRO B 262 -4.87 12.85 -14.82
N ALA B 263 -4.22 11.77 -15.26
CA ALA B 263 -3.22 11.77 -16.37
C ALA B 263 -3.84 12.45 -17.60
N THR B 264 -5.15 12.28 -17.79
CA THR B 264 -5.91 12.79 -18.95
C THR B 264 -6.00 14.33 -18.92
N ALA B 265 -5.85 14.95 -17.74
CA ALA B 265 -5.84 16.43 -17.58
C ALA B 265 -4.49 16.90 -17.03
N ASN B 266 -3.45 16.07 -17.10
CA ASN B 266 -2.13 16.32 -16.46
C ASN B 266 -1.20 16.94 -17.50
N ARG B 267 -1.21 18.27 -17.62
CA ARG B 267 -0.37 19.01 -18.60
C ARG B 267 1.11 18.68 -18.36
N TRP B 268 1.55 18.64 -17.10
CA TRP B 268 2.96 18.34 -16.72
C TRP B 268 3.39 17.01 -17.35
N LEU B 269 2.55 15.97 -17.23
CA LEU B 269 2.89 14.58 -17.66
C LEU B 269 2.95 14.51 -19.18
N LEU B 270 1.97 15.09 -19.88
CA LEU B 270 1.75 14.90 -21.34
C LEU B 270 2.49 15.96 -22.16
N THR B 271 2.77 17.14 -21.60
CA THR B 271 3.40 18.28 -22.31
C THR B 271 4.85 18.47 -21.82
N ASP B 272 5.03 18.82 -20.54
CA ASP B 272 6.36 19.15 -19.96
C ASP B 272 7.27 17.92 -20.04
N LEU B 273 6.81 16.76 -19.55
CA LEU B 273 7.64 15.51 -19.57
C LEU B 273 7.64 14.92 -20.99
N LEU B 274 6.50 14.39 -21.43
CA LEU B 274 6.40 13.53 -22.64
C LEU B 274 6.99 14.25 -23.87
N ARG B 275 6.60 15.50 -24.11
CA ARG B 275 6.93 16.20 -25.38
C ARG B 275 8.18 17.05 -25.19
N GLN B 276 8.17 17.98 -24.24
CA GLN B 276 9.23 19.03 -24.11
C GLN B 276 10.54 18.39 -23.60
N GLN B 277 10.49 17.34 -22.79
CA GLN B 277 11.68 16.77 -22.10
C GLN B 277 12.14 15.48 -22.80
N TRP B 278 11.22 14.55 -23.11
CA TRP B 278 11.53 13.25 -23.76
C TRP B 278 11.55 13.41 -25.29
N GLY B 279 10.97 14.49 -25.81
CA GLY B 279 11.00 14.81 -27.25
C GLY B 279 10.10 13.91 -28.07
N PHE B 280 9.05 13.36 -27.46
CA PHE B 280 8.02 12.53 -28.14
C PHE B 280 7.40 13.37 -29.27
N LYS B 281 7.22 12.75 -30.44
CA LYS B 281 6.79 13.44 -31.68
C LYS B 281 5.61 12.71 -32.32
N GLY B 282 4.94 11.85 -31.55
CA GLY B 282 3.83 11.00 -32.04
C GLY B 282 2.48 11.48 -31.53
N LEU B 283 1.56 10.53 -31.36
CA LEU B 283 0.11 10.77 -31.11
C LEU B 283 -0.23 10.32 -29.67
N THR B 284 -0.92 11.17 -28.89
CA THR B 284 -1.50 10.80 -27.58
C THR B 284 -2.95 10.37 -27.80
N ILE B 285 -3.36 9.27 -27.16
CA ILE B 285 -4.71 8.65 -27.30
C ILE B 285 -5.33 8.52 -25.90
N SER B 286 -6.51 9.11 -25.68
CA SER B 286 -7.26 9.01 -24.40
C SER B 286 -7.61 7.53 -24.14
N ASN B 287 -7.94 7.20 -22.90
CA ASN B 287 -8.46 5.85 -22.55
C ASN B 287 -9.97 5.87 -22.73
N HIS B 288 -10.63 4.72 -22.63
CA HIS B 288 -12.07 4.53 -22.99
C HIS B 288 -12.95 5.40 -22.09
N GLY B 289 -13.42 6.54 -22.60
CA GLY B 289 -14.32 7.48 -21.91
C GLY B 289 -13.59 8.34 -20.88
N ALA B 290 -12.27 8.47 -21.01
CA ALA B 290 -11.35 9.06 -20.00
C ALA B 290 -11.54 10.57 -19.86
N VAL B 291 -11.90 11.26 -20.95
CA VAL B 291 -12.14 12.74 -20.96
C VAL B 291 -13.37 13.02 -20.10
N LYS B 292 -14.47 12.30 -20.34
CA LYS B 292 -15.77 12.49 -19.62
C LYS B 292 -15.60 12.15 -18.14
N GLU B 293 -14.71 11.20 -17.81
CA GLU B 293 -14.50 10.71 -16.42
C GLU B 293 -13.81 11.78 -15.56
N LEU B 294 -13.23 12.83 -16.18
CA LEU B 294 -12.64 14.00 -15.46
C LEU B 294 -13.72 14.65 -14.58
N ILE B 295 -14.99 14.39 -14.87
CA ILE B 295 -16.15 14.88 -14.06
C ILE B 295 -16.19 14.10 -12.74
N LYS B 296 -16.05 12.77 -12.79
CA LYS B 296 -16.12 11.89 -11.60
C LYS B 296 -14.83 11.98 -10.79
N HIS B 297 -13.70 12.27 -11.46
CA HIS B 297 -12.41 12.58 -10.81
C HIS B 297 -12.54 13.86 -9.97
N GLY B 298 -13.55 14.70 -10.26
CA GLY B 298 -13.81 15.96 -9.55
C GLY B 298 -12.92 17.09 -10.03
N LEU B 299 -12.50 17.02 -11.30
CA LEU B 299 -11.64 18.01 -12.01
C LEU B 299 -12.50 18.95 -12.87
N ALA B 300 -13.76 18.60 -13.13
CA ALA B 300 -14.67 19.36 -14.03
C ALA B 300 -16.14 19.12 -13.64
N GLY B 301 -16.94 20.18 -13.64
CA GLY B 301 -18.38 20.15 -13.33
C GLY B 301 -19.21 19.68 -14.52
N ASN B 302 -18.63 19.66 -15.73
CA ASN B 302 -19.37 19.38 -16.98
C ASN B 302 -18.43 18.93 -18.10
N GLU B 303 -19.00 18.54 -19.24
CA GLU B 303 -18.29 17.94 -20.40
C GLU B 303 -17.52 19.03 -21.17
N ARG B 304 -18.05 20.25 -21.20
CA ARG B 304 -17.40 21.43 -21.86
C ARG B 304 -16.02 21.64 -21.23
N ASP B 305 -15.95 21.73 -19.90
CA ASP B 305 -14.71 21.99 -19.14
C ASP B 305 -13.80 20.76 -19.17
N ALA B 306 -14.36 19.55 -19.16
CA ALA B 306 -13.62 18.28 -19.21
C ALA B 306 -12.84 18.19 -20.52
N THR B 307 -13.47 18.61 -21.62
CA THR B 307 -12.85 18.64 -22.97
C THR B 307 -11.66 19.61 -22.96
N ARG B 308 -11.84 20.84 -22.46
CA ARG B 308 -10.79 21.90 -22.46
C ARG B 308 -9.55 21.38 -21.74
N LEU B 309 -9.72 20.77 -20.56
CA LEU B 309 -8.59 20.31 -19.72
C LEU B 309 -7.76 19.28 -20.51
N ALA B 310 -8.45 18.35 -21.19
CA ALA B 310 -7.82 17.18 -21.85
C ALA B 310 -7.02 17.64 -23.08
N ILE B 311 -7.61 18.46 -23.96
CA ILE B 311 -6.91 18.90 -25.21
C ILE B 311 -5.75 19.85 -24.86
N GLN B 312 -5.90 20.69 -23.83
CA GLN B 312 -4.85 21.67 -23.42
C GLN B 312 -3.76 20.97 -22.58
N ALA B 313 -4.06 19.84 -21.94
CA ALA B 313 -3.06 19.02 -21.19
C ALA B 313 -2.14 18.31 -22.19
N GLY B 314 -2.69 17.93 -23.35
CA GLY B 314 -1.93 17.29 -24.45
C GLY B 314 -2.50 15.95 -24.87
N VAL B 315 -3.82 15.76 -24.79
CA VAL B 315 -4.53 14.56 -25.30
C VAL B 315 -5.01 14.89 -26.72
N ASP B 316 -4.44 14.24 -27.73
CA ASP B 316 -4.77 14.53 -29.15
C ASP B 316 -6.11 13.86 -29.49
N MET B 317 -6.21 12.55 -29.26
CA MET B 317 -7.29 11.68 -29.82
C MET B 317 -8.22 11.21 -28.70
N ASN B 318 -9.54 11.33 -28.91
CA ASN B 318 -10.61 11.13 -27.91
C ASN B 318 -11.36 9.83 -28.20
N MET B 319 -11.35 8.89 -27.25
CA MET B 319 -11.87 7.51 -27.45
C MET B 319 -13.32 7.42 -26.93
N ASN B 320 -14.28 7.36 -27.86
CA ASN B 320 -15.68 6.85 -27.70
C ASN B 320 -16.64 7.92 -27.14
N ASP B 321 -16.25 8.71 -26.13
CA ASP B 321 -17.25 9.58 -25.42
C ASP B 321 -17.67 10.75 -26.31
N ASP B 322 -16.85 11.11 -27.32
CA ASP B 322 -17.17 12.06 -28.42
C ASP B 322 -17.35 13.48 -27.86
N LEU B 323 -16.75 13.78 -26.70
CA LEU B 323 -16.81 15.12 -26.08
C LEU B 323 -16.05 16.12 -26.96
N TYR B 324 -15.01 15.67 -27.69
CA TYR B 324 -14.15 16.50 -28.57
C TYR B 324 -14.98 17.06 -29.73
N SER B 325 -15.77 16.22 -30.41
CA SER B 325 -16.64 16.62 -31.55
C SER B 325 -17.77 17.54 -31.04
N THR B 326 -18.31 17.26 -29.85
CA THR B 326 -19.46 17.98 -29.24
C THR B 326 -19.04 19.39 -28.78
N TRP B 327 -17.79 19.61 -28.35
CA TRP B 327 -17.42 20.79 -27.53
C TRP B 327 -16.25 21.63 -28.10
N LEU B 328 -15.36 21.07 -28.91
CA LEU B 328 -14.13 21.79 -29.37
C LEU B 328 -14.51 23.03 -30.18
N PRO B 329 -15.52 22.98 -31.08
CA PRO B 329 -16.00 24.18 -31.77
C PRO B 329 -16.36 25.35 -30.85
N LYS B 330 -17.18 25.09 -29.82
CA LYS B 330 -17.72 26.13 -28.89
C LYS B 330 -16.61 26.69 -28.01
N LEU B 331 -15.71 25.83 -27.52
CA LEU B 331 -14.52 26.24 -26.72
C LEU B 331 -13.66 27.20 -27.54
N LEU B 332 -13.49 26.94 -28.84
CA LEU B 332 -12.64 27.80 -29.71
C LEU B 332 -13.36 29.13 -29.95
N ALA B 333 -14.65 29.09 -30.32
CA ALA B 333 -15.52 30.27 -30.53
C ALA B 333 -15.42 31.25 -29.35
N ALA B 334 -15.36 30.73 -28.10
CA ALA B 334 -15.37 31.52 -26.84
C ALA B 334 -13.95 31.80 -26.33
N GLY B 335 -12.91 31.37 -27.07
CA GLY B 335 -11.50 31.67 -26.76
C GLY B 335 -10.95 30.85 -25.59
N GLU B 336 -11.69 29.86 -25.10
CA GLU B 336 -11.30 29.03 -23.93
C GLU B 336 -10.15 28.08 -24.32
N ILE B 337 -9.99 27.81 -25.62
CA ILE B 337 -8.84 27.06 -26.19
C ILE B 337 -8.29 27.86 -27.39
N ASP B 338 -7.05 27.56 -27.79
CA ASP B 338 -6.32 28.19 -28.92
C ASP B 338 -6.40 27.27 -30.14
N GLN B 339 -6.32 27.85 -31.34
CA GLN B 339 -6.21 27.11 -32.63
C GLN B 339 -5.05 26.12 -32.55
N ALA B 340 -3.93 26.53 -31.93
CA ALA B 340 -2.71 25.71 -31.76
C ALA B 340 -3.01 24.42 -30.99
N ASP B 341 -4.00 24.44 -30.08
CA ASP B 341 -4.49 23.24 -29.35
C ASP B 341 -5.09 22.24 -30.35
N ILE B 342 -5.96 22.71 -31.25
CA ILE B 342 -6.60 21.88 -32.31
C ILE B 342 -5.51 21.37 -33.27
N ASP B 343 -4.62 22.25 -33.72
CA ASP B 343 -3.61 21.96 -34.77
C ASP B 343 -2.62 20.91 -34.26
N ARG B 344 -2.14 21.05 -33.02
CA ARG B 344 -1.20 20.09 -32.40
C ARG B 344 -1.78 18.68 -32.53
N ALA B 345 -3.02 18.49 -32.08
CA ALA B 345 -3.72 17.18 -32.03
C ALA B 345 -3.90 16.64 -33.46
N CYS B 346 -4.37 17.48 -34.38
CA CYS B 346 -4.65 17.08 -35.78
C CYS B 346 -3.34 16.68 -36.48
N ARG B 347 -2.29 17.50 -36.37
CA ARG B 347 -0.97 17.25 -37.00
C ARG B 347 -0.44 15.89 -36.52
N ASP B 348 -0.63 15.60 -35.23
CA ASP B 348 -0.20 14.32 -34.59
C ASP B 348 -0.95 13.16 -35.25
N VAL B 349 -2.27 13.26 -35.42
CA VAL B 349 -3.09 12.19 -36.07
C VAL B 349 -2.58 11.96 -37.50
N LEU B 350 -2.34 13.05 -38.25
CA LEU B 350 -1.96 12.99 -39.69
C LEU B 350 -0.55 12.38 -39.80
N ALA B 351 0.37 12.77 -38.91
CA ALA B 351 1.78 12.28 -38.88
C ALA B 351 1.77 10.76 -38.68
N ALA B 352 0.88 10.27 -37.81
CA ALA B 352 0.73 8.84 -37.49
C ALA B 352 0.26 8.11 -38.75
N LYS B 353 -0.79 8.63 -39.36
CA LYS B 353 -1.42 8.10 -40.60
C LYS B 353 -0.39 8.08 -41.74
N TYR B 354 0.45 9.13 -41.83
CA TYR B 354 1.50 9.28 -42.85
C TYR B 354 2.53 8.14 -42.73
N ASP B 355 3.12 7.98 -41.55
CA ASP B 355 4.20 7.00 -41.25
C ASP B 355 3.69 5.57 -41.47
N LEU B 356 2.38 5.35 -41.37
CA LEU B 356 1.75 4.02 -41.60
C LEU B 356 1.62 3.78 -43.11
N GLY B 357 1.86 4.81 -43.91
CA GLY B 357 1.85 4.77 -45.39
C GLY B 357 0.43 4.85 -45.95
N LEU B 358 -0.54 5.28 -45.14
CA LEU B 358 -1.99 5.23 -45.50
C LEU B 358 -2.31 6.36 -46.50
N PHE B 359 -1.53 7.45 -46.52
CA PHE B 359 -1.65 8.55 -47.53
C PHE B 359 -1.10 8.09 -48.88
N ALA B 360 -0.14 7.16 -48.89
CA ALA B 360 0.42 6.56 -50.13
C ALA B 360 -0.51 5.46 -50.65
N ASP B 361 -1.14 4.68 -49.76
CA ASP B 361 -2.06 3.58 -50.15
C ASP B 361 -2.92 3.18 -48.95
N PRO B 362 -4.14 3.73 -48.81
CA PRO B 362 -5.02 3.37 -47.69
C PRO B 362 -5.27 1.85 -47.58
N TYR B 363 -5.16 1.11 -48.69
CA TYR B 363 -5.50 -0.34 -48.78
C TYR B 363 -4.23 -1.21 -48.74
N ARG B 364 -3.11 -0.70 -48.23
CA ARG B 364 -1.79 -1.40 -48.27
C ARG B 364 -1.79 -2.61 -47.32
N ARG B 365 -2.67 -2.65 -46.32
CA ARG B 365 -2.82 -3.81 -45.39
C ARG B 365 -4.18 -4.50 -45.60
N LEU B 366 -4.91 -4.16 -46.67
CA LEU B 366 -6.26 -4.69 -46.95
C LEU B 366 -6.28 -5.47 -48.28
N GLY B 367 -5.10 -5.79 -48.82
CA GLY B 367 -4.96 -6.51 -50.11
C GLY B 367 -5.36 -5.62 -51.27
N LYS B 368 -5.94 -6.22 -52.32
CA LYS B 368 -6.35 -5.56 -53.59
C LYS B 368 -7.82 -5.84 -53.82
N PRO B 369 -8.55 -4.97 -54.57
CA PRO B 369 -10.00 -5.06 -54.67
C PRO B 369 -10.48 -6.37 -55.34
N ASP B 370 -9.60 -7.00 -56.14
CA ASP B 370 -9.83 -8.29 -56.85
C ASP B 370 -9.76 -9.50 -55.90
N ASP B 371 -9.00 -9.37 -54.81
CA ASP B 371 -8.50 -10.52 -53.99
C ASP B 371 -9.66 -11.40 -53.56
N PRO B 372 -9.47 -12.74 -53.58
CA PRO B 372 -10.55 -13.67 -53.22
C PRO B 372 -10.86 -13.64 -51.72
N PRO B 373 -12.14 -13.74 -51.31
CA PRO B 373 -12.49 -13.84 -49.89
C PRO B 373 -11.88 -15.07 -49.20
N PHE B 374 -11.81 -15.08 -47.86
CA PHE B 374 -11.25 -16.20 -47.05
C PHE B 374 -11.94 -16.27 -45.68
N ASP B 375 -11.81 -17.43 -45.00
CA ASP B 375 -12.20 -17.64 -43.58
C ASP B 375 -11.09 -17.04 -42.70
N THR B 376 -11.39 -15.95 -41.97
CA THR B 376 -10.43 -15.23 -41.09
C THR B 376 -9.79 -16.24 -40.13
N ASN B 377 -10.62 -17.09 -39.51
CA ASN B 377 -10.21 -18.02 -38.44
C ASN B 377 -9.80 -19.36 -39.04
N ALA B 378 -9.29 -19.37 -40.29
CA ALA B 378 -8.77 -20.58 -40.96
C ALA B 378 -7.54 -21.07 -40.19
N GLU B 379 -7.45 -22.39 -40.01
CA GLU B 379 -6.36 -23.11 -39.29
C GLU B 379 -5.00 -22.72 -39.90
N SER B 380 -4.95 -22.47 -41.21
CA SER B 380 -3.71 -22.22 -41.99
C SER B 380 -3.16 -20.81 -41.74
N ARG B 381 -3.95 -19.91 -41.14
CA ARG B 381 -3.55 -18.50 -40.86
C ARG B 381 -2.95 -18.38 -39.45
N LEU B 382 -2.93 -19.47 -38.68
CA LEU B 382 -2.36 -19.53 -37.30
C LEU B 382 -0.85 -19.79 -37.38
N HIS B 383 -0.14 -19.62 -36.26
CA HIS B 383 1.33 -19.82 -36.12
C HIS B 383 1.61 -20.70 -34.90
N ARG B 384 1.12 -21.95 -34.94
CA ARG B 384 1.17 -22.92 -33.81
C ARG B 384 2.63 -23.26 -33.44
N GLN B 385 3.53 -23.36 -34.42
CA GLN B 385 4.97 -23.66 -34.18
C GLN B 385 5.54 -22.56 -33.27
N ALA B 386 5.32 -21.30 -33.66
CA ALA B 386 5.84 -20.10 -32.94
C ALA B 386 5.28 -20.07 -31.51
N ALA B 387 3.96 -20.25 -31.37
CA ALA B 387 3.24 -20.15 -30.07
C ALA B 387 3.77 -21.19 -29.08
N ARG B 388 3.94 -22.43 -29.55
CA ARG B 388 4.45 -23.58 -28.76
C ARG B 388 5.91 -23.31 -28.33
N GLU B 389 6.75 -22.83 -29.26
CA GLU B 389 8.19 -22.58 -29.00
C GLU B 389 8.37 -21.40 -28.02
N VAL B 390 7.49 -20.40 -28.08
CA VAL B 390 7.54 -19.20 -27.18
C VAL B 390 7.03 -19.60 -25.79
N ALA B 391 5.96 -20.40 -25.74
CA ALA B 391 5.24 -20.80 -24.51
C ALA B 391 6.15 -21.61 -23.57
N ARG B 392 7.10 -22.37 -24.12
CA ARG B 392 8.06 -23.22 -23.36
C ARG B 392 8.98 -22.35 -22.49
N GLU B 393 9.45 -21.22 -23.05
CA GLU B 393 10.58 -20.43 -22.49
C GLU B 393 10.18 -19.78 -21.15
N GLY B 394 8.89 -19.47 -20.97
CA GLY B 394 8.38 -18.72 -19.81
C GLY B 394 7.81 -19.59 -18.69
N LEU B 395 7.61 -20.89 -18.94
CA LEU B 395 7.18 -21.84 -17.88
C LEU B 395 8.26 -21.87 -16.80
N VAL B 396 7.88 -21.74 -15.53
CA VAL B 396 8.81 -21.60 -14.37
C VAL B 396 8.62 -22.81 -13.46
N LEU B 397 9.67 -23.63 -13.29
CA LEU B 397 9.68 -24.78 -12.36
C LEU B 397 9.98 -24.24 -10.95
N LEU B 398 8.97 -24.23 -10.07
CA LEU B 398 9.05 -23.64 -8.70
C LEU B 398 9.48 -24.70 -7.69
N LYS B 399 9.09 -25.96 -7.88
CA LYS B 399 9.42 -27.08 -6.95
C LYS B 399 9.54 -28.40 -7.72
N ASN B 400 10.50 -29.25 -7.35
CA ASN B 400 10.75 -30.59 -7.94
C ASN B 400 11.44 -31.49 -6.91
N ARG B 401 10.67 -32.02 -5.96
CA ARG B 401 11.14 -32.97 -4.91
C ARG B 401 11.64 -34.27 -5.58
N ASP B 402 12.92 -34.61 -5.35
CA ASP B 402 13.54 -35.90 -5.74
C ASP B 402 13.32 -36.20 -7.23
N GLY B 403 13.61 -35.22 -8.10
CA GLY B 403 13.60 -35.38 -9.57
C GLY B 403 12.36 -36.12 -10.09
N LEU B 404 11.19 -35.84 -9.52
CA LEU B 404 9.87 -36.38 -9.99
C LEU B 404 9.70 -35.98 -11.45
N LEU B 405 9.80 -34.69 -11.76
CA LEU B 405 9.89 -34.17 -13.14
C LEU B 405 11.34 -34.28 -13.61
N PRO B 406 11.59 -34.59 -14.91
CA PRO B 406 10.54 -34.85 -15.88
C PRO B 406 9.88 -36.22 -15.68
N LEU B 407 8.61 -36.35 -16.09
CA LEU B 407 7.83 -37.62 -16.10
C LEU B 407 8.31 -38.48 -17.27
N LYS B 408 8.17 -39.80 -17.14
CA LYS B 408 8.27 -40.76 -18.27
C LYS B 408 6.88 -40.96 -18.86
N LYS B 409 6.80 -41.32 -20.15
CA LYS B 409 5.53 -41.56 -20.88
C LYS B 409 5.09 -43.02 -20.70
N GLN B 410 4.82 -43.42 -19.45
CA GLN B 410 4.37 -44.80 -19.09
C GLN B 410 3.31 -44.72 -17.98
N GLY B 411 2.70 -45.87 -17.66
CA GLY B 411 1.80 -46.05 -16.51
C GLY B 411 0.51 -45.23 -16.63
N ARG B 412 -0.13 -44.99 -15.49
CA ARG B 412 -1.44 -44.30 -15.36
C ARG B 412 -1.23 -42.94 -14.67
N ILE B 413 -1.58 -41.84 -15.36
CA ILE B 413 -1.47 -40.45 -14.85
C ILE B 413 -2.88 -39.88 -14.70
N ALA B 414 -3.30 -39.59 -13.46
CA ALA B 414 -4.55 -38.86 -13.16
C ALA B 414 -4.34 -37.38 -13.51
N VAL B 415 -5.14 -36.81 -14.41
CA VAL B 415 -5.13 -35.36 -14.74
C VAL B 415 -6.42 -34.76 -14.17
N ILE B 416 -6.31 -34.02 -13.07
CA ILE B 416 -7.46 -33.58 -12.23
C ILE B 416 -7.41 -32.06 -12.09
N GLY B 417 -8.56 -31.40 -12.20
CA GLY B 417 -8.73 -29.97 -11.87
C GLY B 417 -9.62 -29.24 -12.86
N PRO B 418 -10.16 -28.06 -12.47
CA PRO B 418 -11.06 -27.29 -13.32
C PRO B 418 -10.39 -26.57 -14.50
N LEU B 419 -9.05 -26.51 -14.53
CA LEU B 419 -8.32 -25.81 -15.60
C LEU B 419 -7.61 -26.80 -16.52
N ALA B 420 -7.77 -28.11 -16.25
CA ALA B 420 -7.16 -29.20 -17.05
C ALA B 420 -7.73 -29.19 -18.47
N LYS B 421 -9.06 -29.09 -18.62
CA LYS B 421 -9.74 -29.14 -19.94
C LYS B 421 -10.34 -27.77 -20.29
N SER B 422 -9.79 -26.67 -19.76
CA SER B 422 -10.28 -25.29 -20.00
C SER B 422 -9.54 -24.64 -21.17
N GLN B 423 -10.25 -24.36 -22.27
CA GLN B 423 -9.71 -23.69 -23.47
C GLN B 423 -9.78 -22.16 -23.28
N ARG B 424 -10.86 -21.67 -22.69
CA ARG B 424 -11.14 -20.22 -22.55
C ARG B 424 -10.06 -19.59 -21.66
N ASP B 425 -9.64 -20.28 -20.60
CA ASP B 425 -8.70 -19.72 -19.59
C ASP B 425 -7.26 -19.74 -20.12
N VAL B 426 -6.84 -20.83 -20.78
CA VAL B 426 -5.41 -21.03 -21.18
C VAL B 426 -4.96 -19.90 -22.12
N ILE B 427 -5.88 -19.25 -22.85
CA ILE B 427 -5.53 -18.10 -23.75
C ILE B 427 -5.49 -16.78 -22.96
N GLY B 428 -5.88 -16.78 -21.68
CA GLY B 428 -5.71 -15.65 -20.76
C GLY B 428 -6.65 -14.48 -21.05
N SER B 429 -6.51 -13.40 -20.28
CA SER B 429 -7.21 -12.11 -20.49
C SER B 429 -6.57 -11.38 -21.68
N TRP B 430 -7.28 -10.37 -22.21
CA TRP B 430 -6.88 -9.60 -23.43
C TRP B 430 -6.38 -10.58 -24.48
N SER B 431 -7.27 -11.49 -24.92
CA SER B 431 -7.00 -12.58 -25.89
C SER B 431 -7.39 -12.16 -27.30
N ALA B 432 -7.62 -10.86 -27.56
CA ALA B 432 -7.81 -10.28 -28.91
C ALA B 432 -8.83 -11.11 -29.70
N ALA B 433 -8.47 -11.56 -30.92
CA ALA B 433 -9.31 -12.36 -31.84
C ALA B 433 -9.12 -13.87 -31.58
N GLY B 434 -8.35 -14.24 -30.56
CA GLY B 434 -8.10 -15.66 -30.18
C GLY B 434 -9.40 -16.42 -30.00
N VAL B 435 -9.50 -17.60 -30.61
CA VAL B 435 -10.68 -18.50 -30.53
C VAL B 435 -10.40 -19.60 -29.49
N PRO B 436 -11.17 -19.64 -28.38
CA PRO B 436 -11.09 -20.75 -27.41
C PRO B 436 -11.01 -22.15 -28.04
N ARG B 437 -11.94 -22.45 -28.94
CA ARG B 437 -12.09 -23.76 -29.64
C ARG B 437 -10.75 -24.23 -30.26
N GLN B 438 -9.88 -23.31 -30.68
CA GLN B 438 -8.63 -23.62 -31.42
C GLN B 438 -7.47 -23.85 -30.43
N ALA B 439 -7.70 -23.64 -29.13
CA ALA B 439 -6.63 -23.69 -28.09
C ALA B 439 -6.41 -25.13 -27.62
N VAL B 440 -5.15 -25.52 -27.40
CA VAL B 440 -4.74 -26.83 -26.82
C VAL B 440 -4.78 -26.70 -25.29
N THR B 441 -5.72 -27.41 -24.64
CA THR B 441 -5.81 -27.52 -23.16
C THR B 441 -4.60 -28.28 -22.62
N VAL B 442 -4.39 -28.26 -21.31
CA VAL B 442 -3.31 -29.04 -20.62
C VAL B 442 -3.59 -30.52 -20.80
N TYR B 443 -4.85 -30.94 -20.72
CA TYR B 443 -5.26 -32.37 -20.87
C TYR B 443 -4.88 -32.85 -22.26
N GLN B 444 -5.28 -32.09 -23.28
CA GLN B 444 -5.04 -32.38 -24.72
C GLN B 444 -3.53 -32.41 -24.96
N GLY B 445 -2.79 -31.48 -24.37
CA GLY B 445 -1.33 -31.40 -24.46
C GLY B 445 -0.68 -32.71 -24.04
N LEU B 446 -1.14 -33.27 -22.92
CA LEU B 446 -0.64 -34.54 -22.33
C LEU B 446 -1.10 -35.70 -23.21
N ALA B 447 -2.34 -35.67 -23.69
CA ALA B 447 -2.94 -36.70 -24.59
C ALA B 447 -2.04 -36.87 -25.82
N ASN B 448 -1.67 -35.76 -26.47
CA ASN B 448 -0.83 -35.73 -27.71
C ASN B 448 0.59 -36.22 -27.38
N ALA B 449 1.10 -35.88 -26.20
CA ALA B 449 2.50 -36.12 -25.80
C ALA B 449 2.72 -37.58 -25.40
N VAL B 450 1.70 -38.28 -24.90
CA VAL B 450 1.80 -39.72 -24.49
C VAL B 450 1.22 -40.62 -25.59
N GLY B 451 0.48 -40.06 -26.56
CA GLY B 451 -0.24 -40.85 -27.56
C GLY B 451 -0.88 -42.06 -26.90
N GLU B 452 -0.39 -43.27 -27.20
CA GLU B 452 -0.96 -44.56 -26.73
C GLU B 452 -0.05 -45.21 -25.68
N ARG B 453 1.05 -44.55 -25.29
CA ARG B 453 2.14 -45.10 -24.42
C ARG B 453 1.76 -45.07 -22.93
N ALA B 454 0.95 -44.10 -22.49
CA ALA B 454 0.50 -43.96 -21.08
C ALA B 454 -1.03 -43.84 -21.05
N THR B 455 -1.64 -44.11 -19.90
CA THR B 455 -3.10 -43.93 -19.66
C THR B 455 -3.31 -42.66 -18.84
N LEU B 456 -4.00 -41.67 -19.41
CA LEU B 456 -4.50 -40.47 -18.68
C LEU B 456 -5.90 -40.77 -18.16
N LEU B 457 -6.14 -40.58 -16.87
CA LEU B 457 -7.51 -40.58 -16.29
C LEU B 457 -7.90 -39.15 -15.95
N TYR B 458 -9.12 -38.73 -16.33
CA TYR B 458 -9.64 -37.35 -16.13
C TYR B 458 -10.71 -37.33 -15.03
N ALA B 459 -10.72 -36.24 -14.29
CA ALA B 459 -11.73 -35.88 -13.27
C ALA B 459 -11.62 -34.37 -13.02
N LYS B 460 -12.72 -33.62 -13.09
CA LYS B 460 -12.72 -32.15 -12.92
C LYS B 460 -12.30 -31.80 -11.49
N GLY B 461 -12.86 -32.49 -10.49
CA GLY B 461 -12.39 -32.45 -9.09
C GLY B 461 -13.03 -31.32 -8.31
N ALA B 462 -13.13 -30.13 -8.91
CA ALA B 462 -13.81 -28.95 -8.32
C ALA B 462 -14.17 -27.95 -9.43
N ASN B 463 -15.12 -27.05 -9.14
CA ASN B 463 -15.37 -25.84 -9.97
C ASN B 463 -14.30 -24.81 -9.62
N VAL B 464 -14.01 -23.87 -10.54
CA VAL B 464 -12.89 -22.90 -10.39
C VAL B 464 -13.08 -22.15 -9.06
N SER B 465 -14.30 -21.73 -8.75
CA SER B 465 -14.70 -21.17 -7.44
C SER B 465 -15.86 -21.99 -6.87
N GLY B 466 -15.95 -22.05 -5.54
CA GLY B 466 -17.10 -22.63 -4.79
C GLY B 466 -18.04 -21.54 -4.28
N ASP B 467 -17.78 -20.28 -4.64
CA ASP B 467 -18.56 -19.09 -4.21
C ASP B 467 -19.46 -18.64 -5.37
N GLN B 468 -20.78 -18.76 -5.22
CA GLN B 468 -21.77 -18.51 -6.31
C GLN B 468 -21.69 -17.04 -6.75
N ALA B 469 -21.35 -16.12 -5.84
CA ALA B 469 -21.20 -14.67 -6.11
C ALA B 469 -20.03 -14.42 -7.08
N ILE B 470 -18.91 -15.11 -6.87
CA ILE B 470 -17.70 -15.03 -7.75
C ILE B 470 -18.07 -15.64 -9.11
N LEU B 471 -18.79 -16.76 -9.13
CA LEU B 471 -19.23 -17.44 -10.39
C LEU B 471 -20.17 -16.49 -11.14
N ASP B 472 -21.09 -15.82 -10.42
CA ASP B 472 -22.02 -14.82 -11.00
C ASP B 472 -21.20 -13.73 -11.71
N TYR B 473 -20.19 -13.18 -11.02
CA TYR B 473 -19.29 -12.11 -11.55
C TYR B 473 -18.57 -12.61 -12.81
N LEU B 474 -17.97 -13.79 -12.75
CA LEU B 474 -17.13 -14.36 -13.85
C LEU B 474 -17.99 -14.67 -15.08
N ASN B 475 -19.27 -15.01 -14.88
CA ASN B 475 -20.22 -15.43 -15.95
C ASN B 475 -21.25 -14.32 -16.24
N SER B 476 -20.95 -13.06 -15.86
CA SER B 476 -21.93 -11.94 -15.82
C SER B 476 -22.32 -11.49 -17.24
N TYR B 477 -21.36 -11.20 -18.13
CA TYR B 477 -21.63 -10.79 -19.53
C TYR B 477 -21.66 -12.00 -20.46
N ASN B 478 -20.66 -12.87 -20.35
CA ASN B 478 -20.50 -14.09 -21.18
C ASN B 478 -20.24 -15.27 -20.25
N PRO B 479 -20.50 -16.52 -20.68
CA PRO B 479 -20.18 -17.69 -19.87
C PRO B 479 -18.69 -18.02 -20.06
N GLU B 480 -17.85 -17.48 -19.19
CA GLU B 480 -16.35 -17.62 -19.23
C GLU B 480 -15.93 -18.87 -18.45
N VAL B 481 -16.78 -19.34 -17.54
CA VAL B 481 -16.47 -20.38 -16.53
C VAL B 481 -17.58 -21.43 -16.55
N GLU B 482 -17.25 -22.65 -16.98
CA GLU B 482 -18.20 -23.80 -17.04
C GLU B 482 -18.37 -24.35 -15.63
N VAL B 483 -19.58 -24.23 -15.09
CA VAL B 483 -19.97 -24.75 -13.74
C VAL B 483 -20.56 -26.14 -13.92
N ASP B 484 -19.93 -27.15 -13.30
CA ASP B 484 -20.43 -28.55 -13.27
C ASP B 484 -21.64 -28.56 -12.35
N PRO B 485 -22.78 -29.15 -12.78
CA PRO B 485 -24.01 -29.14 -11.99
C PRO B 485 -23.99 -30.10 -10.79
N ARG B 486 -22.95 -30.93 -10.65
CA ARG B 486 -22.76 -31.86 -9.51
C ARG B 486 -22.30 -31.08 -8.27
N SER B 487 -22.36 -31.71 -7.10
CA SER B 487 -21.89 -31.17 -5.80
C SER B 487 -20.36 -31.24 -5.74
N ALA B 488 -19.75 -30.34 -4.95
CA ALA B 488 -18.31 -30.36 -4.61
C ALA B 488 -17.92 -31.76 -4.14
N GLU B 489 -18.74 -32.37 -3.27
CA GLU B 489 -18.47 -33.68 -2.60
C GLU B 489 -18.43 -34.79 -3.65
N ALA B 490 -19.39 -34.78 -4.57
CA ALA B 490 -19.51 -35.75 -5.69
C ALA B 490 -18.24 -35.70 -6.56
N MET B 491 -17.82 -34.47 -6.93
CA MET B 491 -16.62 -34.22 -7.77
C MET B 491 -15.37 -34.70 -7.02
N LEU B 492 -15.28 -34.45 -5.71
CA LEU B 492 -14.12 -34.83 -4.86
C LEU B 492 -13.99 -36.35 -4.82
N GLU B 493 -15.10 -37.06 -4.55
CA GLU B 493 -15.15 -38.55 -4.51
C GLU B 493 -14.62 -39.09 -5.84
N GLU B 494 -15.09 -38.52 -6.96
CA GLU B 494 -14.72 -38.95 -8.33
C GLU B 494 -13.22 -38.71 -8.54
N ALA B 495 -12.73 -37.54 -8.14
CA ALA B 495 -11.30 -37.15 -8.22
C ALA B 495 -10.45 -38.11 -7.38
N LEU B 496 -10.87 -38.35 -6.13
CA LEU B 496 -10.16 -39.26 -5.18
C LEU B 496 -10.09 -40.68 -5.77
N ARG B 497 -11.19 -41.14 -6.38
CA ARG B 497 -11.30 -42.48 -6.99
C ARG B 497 -10.34 -42.59 -8.18
N THR B 498 -10.18 -41.50 -8.95
CA THR B 498 -9.27 -41.39 -10.13
C THR B 498 -7.81 -41.43 -9.64
N ALA B 499 -7.50 -40.70 -8.56
CA ALA B 499 -6.14 -40.64 -7.96
C ALA B 499 -5.73 -42.05 -7.51
N ARG B 500 -6.65 -42.78 -6.89
CA ARG B 500 -6.50 -44.17 -6.40
C ARG B 500 -6.11 -45.10 -7.56
N ASP B 501 -6.72 -44.92 -8.74
CA ASP B 501 -6.50 -45.74 -9.96
C ASP B 501 -5.14 -45.45 -10.58
N ALA B 502 -4.46 -44.38 -10.16
CA ALA B 502 -3.33 -43.75 -10.90
C ALA B 502 -2.00 -43.96 -10.18
N ASP B 503 -0.90 -43.82 -10.94
CA ASP B 503 0.50 -43.88 -10.45
C ASP B 503 0.90 -42.52 -9.88
N LEU B 504 0.38 -41.42 -10.46
CA LEU B 504 0.57 -40.04 -9.92
C LEU B 504 -0.53 -39.10 -10.42
N VAL B 505 -0.85 -38.09 -9.60
CA VAL B 505 -1.83 -37.02 -9.92
C VAL B 505 -1.07 -35.84 -10.51
N VAL B 506 -1.56 -35.28 -11.62
CA VAL B 506 -1.15 -33.95 -12.15
C VAL B 506 -2.36 -33.03 -11.98
N ALA B 507 -2.38 -32.23 -10.92
CA ALA B 507 -3.46 -31.29 -10.57
C ALA B 507 -3.28 -30.01 -11.39
N VAL B 508 -4.27 -29.66 -12.20
CA VAL B 508 -4.26 -28.41 -13.01
C VAL B 508 -5.22 -27.43 -12.35
N VAL B 509 -4.67 -26.42 -11.71
CA VAL B 509 -5.40 -25.54 -10.75
C VAL B 509 -4.94 -24.09 -10.93
N GLY B 510 -5.62 -23.17 -10.24
CA GLY B 510 -5.29 -21.73 -10.20
C GLY B 510 -6.49 -20.87 -10.50
N GLU B 511 -6.29 -19.78 -11.25
CA GLU B 511 -7.29 -18.74 -11.56
C GLU B 511 -7.96 -19.04 -12.92
N SER B 512 -9.23 -18.67 -13.07
CA SER B 512 -9.87 -18.41 -14.39
C SER B 512 -9.31 -17.09 -14.91
N GLN B 513 -9.20 -16.92 -16.23
CA GLN B 513 -8.61 -15.71 -16.87
C GLN B 513 -9.43 -14.47 -16.50
N GLY B 514 -10.70 -14.64 -16.15
CA GLY B 514 -11.60 -13.55 -15.70
C GLY B 514 -11.21 -12.96 -14.36
N MET B 515 -10.32 -13.63 -13.62
CA MET B 515 -9.83 -13.19 -12.28
C MET B 515 -8.61 -12.28 -12.42
N ALA B 516 -7.89 -12.34 -13.55
CA ALA B 516 -6.75 -11.45 -13.89
C ALA B 516 -7.10 -10.63 -15.13
N HIS B 517 -8.24 -9.95 -15.08
CA HIS B 517 -8.71 -8.97 -16.10
C HIS B 517 -8.66 -7.56 -15.51
N GLU B 518 -8.86 -6.56 -16.36
CA GLU B 518 -9.21 -5.17 -15.98
C GLU B 518 -10.34 -5.22 -14.93
N ALA B 519 -10.15 -4.59 -13.77
CA ALA B 519 -11.16 -4.40 -12.69
C ALA B 519 -11.31 -5.66 -11.82
N SER B 520 -10.61 -6.75 -12.13
CA SER B 520 -10.62 -8.02 -11.35
C SER B 520 -9.54 -7.97 -10.25
N SER B 521 -9.58 -6.96 -9.37
CA SER B 521 -8.71 -6.89 -8.18
C SER B 521 -9.17 -7.92 -7.14
N ARG B 522 -8.21 -8.57 -6.48
CA ARG B 522 -8.44 -9.64 -5.47
C ARG B 522 -7.96 -9.19 -4.09
N THR B 523 -8.68 -9.60 -3.04
CA THR B 523 -8.30 -9.47 -1.60
C THR B 523 -7.59 -10.74 -1.15
N ASP B 524 -7.51 -11.77 -1.99
CA ASP B 524 -6.94 -13.09 -1.63
C ASP B 524 -6.06 -13.57 -2.79
N LEU B 525 -4.78 -13.87 -2.49
CA LEU B 525 -3.78 -14.25 -3.53
C LEU B 525 -3.63 -15.77 -3.60
N ARG B 526 -4.37 -16.54 -2.80
CA ARG B 526 -4.29 -18.02 -2.81
C ARG B 526 -5.05 -18.59 -4.02
N ILE B 527 -4.82 -19.86 -4.32
CA ILE B 527 -5.70 -20.70 -5.19
C ILE B 527 -7.10 -20.66 -4.56
N PRO B 528 -8.17 -20.53 -5.37
CA PRO B 528 -9.54 -20.55 -4.87
C PRO B 528 -9.85 -21.76 -3.95
N ALA B 529 -10.66 -21.52 -2.91
CA ALA B 529 -10.89 -22.43 -1.77
C ALA B 529 -11.40 -23.82 -2.22
N SER B 530 -12.24 -23.86 -3.25
CA SER B 530 -12.81 -25.11 -3.82
C SER B 530 -11.68 -26.01 -4.35
N GLN B 531 -10.64 -25.42 -4.94
CA GLN B 531 -9.49 -26.16 -5.54
C GLN B 531 -8.49 -26.54 -4.44
N ARG B 532 -8.37 -25.71 -3.39
CA ARG B 532 -7.48 -25.98 -2.24
C ARG B 532 -8.03 -27.17 -1.46
N ARG B 533 -9.36 -27.26 -1.34
CA ARG B 533 -10.07 -28.40 -0.72
C ARG B 533 -9.75 -29.67 -1.53
N LEU B 534 -9.75 -29.55 -2.86
CA LEU B 534 -9.40 -30.65 -3.80
C LEU B 534 -7.94 -31.08 -3.57
N LEU B 535 -7.01 -30.13 -3.52
CA LEU B 535 -5.56 -30.39 -3.40
C LEU B 535 -5.24 -31.12 -2.09
N LYS B 536 -5.95 -30.80 -1.01
CA LYS B 536 -5.73 -31.39 0.34
C LYS B 536 -6.21 -32.84 0.33
N ALA B 537 -7.39 -33.08 -0.24
CA ALA B 537 -7.95 -34.43 -0.47
C ALA B 537 -6.95 -35.28 -1.27
N LEU B 538 -6.43 -34.73 -2.38
CA LEU B 538 -5.48 -35.43 -3.29
C LEU B 538 -4.16 -35.73 -2.56
N LYS B 539 -3.62 -34.74 -1.84
CA LYS B 539 -2.42 -34.90 -0.99
C LYS B 539 -2.59 -36.12 -0.06
N ALA B 540 -3.79 -36.26 0.53
CA ALA B 540 -4.12 -37.26 1.57
C ALA B 540 -4.16 -38.68 0.99
N THR B 541 -4.23 -38.85 -0.33
CA THR B 541 -4.18 -40.18 -1.00
C THR B 541 -2.75 -40.73 -0.98
N GLY B 542 -1.74 -39.88 -0.74
CA GLY B 542 -0.32 -40.28 -0.67
C GLY B 542 0.33 -40.41 -2.05
N LYS B 543 -0.43 -40.19 -3.13
CA LYS B 543 0.08 -40.27 -4.53
C LYS B 543 0.99 -39.08 -4.83
N PRO B 544 2.11 -39.25 -5.55
CA PRO B 544 2.91 -38.10 -6.00
C PRO B 544 1.99 -37.04 -6.62
N LEU B 545 2.09 -35.79 -6.15
CA LEU B 545 1.20 -34.68 -6.58
C LEU B 545 2.03 -33.62 -7.34
N VAL B 546 1.82 -33.52 -8.66
CA VAL B 546 2.38 -32.44 -9.52
C VAL B 546 1.31 -31.34 -9.67
N LEU B 547 1.67 -30.09 -9.35
CA LEU B 547 0.80 -28.90 -9.56
C LEU B 547 1.21 -28.20 -10.85
N VAL B 548 0.29 -28.15 -11.80
CA VAL B 548 0.32 -27.24 -12.98
C VAL B 548 -0.54 -26.03 -12.61
N LEU B 549 0.10 -24.87 -12.38
CA LEU B 549 -0.59 -23.62 -11.97
C LEU B 549 -0.98 -22.81 -13.21
N MET B 550 -2.20 -22.28 -13.22
CA MET B 550 -2.61 -21.19 -14.15
C MET B 550 -3.06 -19.98 -13.35
N ASN B 551 -2.57 -18.80 -13.72
CA ASN B 551 -2.72 -17.55 -12.94
C ASN B 551 -2.21 -16.38 -13.77
N GLY B 552 -2.79 -15.19 -13.55
CA GLY B 552 -2.38 -13.93 -14.20
C GLY B 552 -1.67 -13.00 -13.23
N ARG B 553 -1.24 -13.51 -12.08
CA ARG B 553 -0.61 -12.72 -10.98
C ARG B 553 0.15 -13.66 -10.06
N PRO B 554 1.10 -13.14 -9.24
CA PRO B 554 1.69 -13.92 -8.17
C PRO B 554 0.58 -14.49 -7.26
N LEU B 555 0.67 -15.78 -6.92
CA LEU B 555 -0.26 -16.46 -5.98
C LEU B 555 0.43 -16.68 -4.63
N SER B 556 -0.38 -16.90 -3.60
CA SER B 556 0.07 -17.34 -2.25
CA SER B 556 0.06 -17.34 -2.24
C SER B 556 0.09 -18.87 -2.22
N LEU B 557 1.28 -19.45 -2.10
CA LEU B 557 1.53 -20.91 -2.29
C LEU B 557 2.33 -21.48 -1.11
N GLY B 558 2.18 -20.90 0.08
CA GLY B 558 2.74 -21.46 1.31
C GLY B 558 2.47 -22.95 1.38
N TRP B 559 1.20 -23.35 1.34
CA TRP B 559 0.76 -24.76 1.56
C TRP B 559 1.31 -25.64 0.45
N GLU B 560 1.19 -25.19 -0.80
CA GLU B 560 1.59 -25.95 -2.01
C GLU B 560 3.10 -26.18 -1.97
N GLN B 561 3.87 -25.23 -1.40
CA GLN B 561 5.35 -25.31 -1.31
C GLN B 561 5.74 -26.40 -0.31
N GLU B 562 4.96 -26.59 0.76
CA GLU B 562 5.25 -27.62 1.82
C GLU B 562 4.79 -29.01 1.37
N ASN B 563 3.78 -29.10 0.49
CA ASN B 563 2.94 -30.32 0.33
C ASN B 563 3.05 -30.90 -1.08
N ALA B 564 3.03 -30.10 -2.14
CA ALA B 564 3.15 -30.58 -3.53
C ALA B 564 4.55 -31.17 -3.73
N ASP B 565 4.65 -32.24 -4.51
CA ASP B 565 5.95 -32.91 -4.82
C ASP B 565 6.68 -32.12 -5.91
N ALA B 566 5.94 -31.46 -6.80
CA ALA B 566 6.50 -30.55 -7.83
C ALA B 566 5.45 -29.52 -8.21
N ILE B 567 5.92 -28.30 -8.53
CA ILE B 567 5.06 -27.16 -8.96
C ILE B 567 5.63 -26.57 -10.26
N LEU B 568 4.77 -26.39 -11.26
CA LEU B 568 5.11 -25.72 -12.55
C LEU B 568 4.20 -24.50 -12.71
N GLU B 569 4.80 -23.31 -12.79
CA GLU B 569 4.10 -22.03 -13.09
C GLU B 569 3.95 -21.90 -14.60
N THR B 570 2.72 -21.96 -15.12
CA THR B 570 2.41 -21.92 -16.57
C THR B 570 1.65 -20.64 -16.94
N TRP B 571 1.37 -19.77 -15.95
CA TRP B 571 0.64 -18.49 -16.17
C TRP B 571 -0.66 -18.82 -16.92
N PHE B 572 -0.99 -18.04 -17.95
CA PHE B 572 -1.83 -18.46 -19.10
C PHE B 572 -0.89 -18.53 -20.30
N SER B 573 -0.69 -19.72 -20.89
CA SER B 573 0.40 -20.01 -21.87
CA SER B 573 0.40 -20.02 -21.86
C SER B 573 -0.13 -19.99 -23.32
N GLY B 574 -1.41 -19.67 -23.51
CA GLY B 574 -1.97 -19.29 -24.82
C GLY B 574 -2.47 -20.47 -25.65
N THR B 575 -2.62 -20.23 -26.97
CA THR B 575 -3.29 -21.13 -27.94
C THR B 575 -2.62 -22.50 -27.90
N GLU B 576 -1.28 -22.54 -27.84
CA GLU B 576 -0.49 -23.81 -27.83
C GLU B 576 0.10 -24.06 -26.44
N GLY B 577 -0.56 -23.56 -25.39
CA GLY B 577 -0.12 -23.72 -23.99
C GLY B 577 0.03 -25.17 -23.60
N GLY B 578 -1.02 -25.97 -23.82
CA GLY B 578 -1.08 -27.39 -23.41
C GLY B 578 0.13 -28.17 -23.92
N ASN B 579 0.47 -27.99 -25.19
CA ASN B 579 1.59 -28.69 -25.85
C ASN B 579 2.90 -28.28 -25.17
N ALA B 580 3.15 -26.98 -25.01
CA ALA B 580 4.36 -26.40 -24.39
C ALA B 580 4.53 -26.90 -22.94
N ILE B 581 3.41 -27.02 -22.20
CA ILE B 581 3.39 -27.52 -20.79
C ILE B 581 3.74 -29.01 -20.77
N ALA B 582 3.15 -29.79 -21.69
CA ALA B 582 3.42 -31.23 -21.88
C ALA B 582 4.90 -31.44 -22.25
N ASP B 583 5.48 -30.57 -23.09
CA ASP B 583 6.90 -30.66 -23.53
C ASP B 583 7.81 -30.52 -22.30
N VAL B 584 7.49 -29.61 -21.39
CA VAL B 584 8.29 -29.33 -20.16
C VAL B 584 8.07 -30.45 -19.14
N LEU B 585 6.84 -30.99 -19.04
CA LEU B 585 6.48 -32.06 -18.06
C LEU B 585 7.18 -33.37 -18.43
N PHE B 586 7.44 -33.63 -19.71
CA PHE B 586 8.00 -34.90 -20.21
C PHE B 586 9.45 -34.73 -20.66
N GLY B 587 10.04 -33.55 -20.47
CA GLY B 587 11.49 -33.32 -20.56
C GLY B 587 11.96 -33.05 -21.98
N GLU B 588 11.05 -32.90 -22.95
CA GLU B 588 11.35 -32.42 -24.33
C GLU B 588 11.99 -31.03 -24.24
N HIS B 589 11.57 -30.23 -23.26
CA HIS B 589 12.16 -28.92 -22.89
C HIS B 589 12.56 -28.95 -21.41
N ASN B 590 13.68 -28.34 -21.06
CA ASN B 590 14.19 -28.20 -19.67
C ASN B 590 13.75 -26.84 -19.17
N PRO B 591 12.88 -26.75 -18.14
CA PRO B 591 12.40 -25.45 -17.66
C PRO B 591 13.55 -24.45 -17.48
N SER B 592 13.45 -23.32 -18.20
CA SER B 592 14.43 -22.20 -18.23
C SER B 592 13.83 -20.91 -17.66
N GLY B 593 12.49 -20.85 -17.53
CA GLY B 593 11.77 -19.62 -17.12
C GLY B 593 12.04 -19.25 -15.67
N LYS B 594 12.13 -17.94 -15.39
CA LYS B 594 12.39 -17.38 -14.04
C LYS B 594 11.42 -16.21 -13.78
N LEU B 595 10.98 -16.04 -12.52
CA LEU B 595 9.98 -15.01 -12.11
C LEU B 595 10.55 -13.60 -12.33
N THR B 596 9.72 -12.68 -12.81
CA THR B 596 10.04 -11.23 -12.98
C THR B 596 9.25 -10.42 -11.95
N MET B 597 8.49 -11.08 -11.09
CA MET B 597 7.65 -10.45 -10.04
C MET B 597 7.70 -11.34 -8.79
N SER B 598 7.95 -10.74 -7.63
CA SER B 598 8.11 -11.44 -6.34
C SER B 598 6.77 -12.07 -5.94
N PHE B 599 6.80 -13.31 -5.45
CA PHE B 599 5.61 -14.06 -4.97
C PHE B 599 5.49 -13.86 -3.47
N PRO B 600 4.46 -13.12 -2.98
CA PRO B 600 4.27 -12.94 -1.55
C PRO B 600 3.78 -14.24 -0.88
N ARG B 601 4.10 -14.41 0.40
CA ARG B 601 3.59 -15.52 1.26
C ARG B 601 2.08 -15.36 1.44
N SER B 602 1.61 -14.13 1.69
CA SER B 602 0.16 -13.79 1.78
C SER B 602 -0.07 -12.36 1.28
N VAL B 603 -1.32 -12.06 0.95
CA VAL B 603 -1.80 -10.71 0.52
C VAL B 603 -1.45 -9.67 1.60
N GLY B 604 -1.31 -10.11 2.86
CA GLY B 604 -0.99 -9.22 4.00
C GLY B 604 0.40 -8.62 3.93
N GLN B 605 1.29 -9.15 3.08
CA GLN B 605 2.70 -8.69 2.94
C GLN B 605 2.85 -7.71 1.77
N VAL B 606 1.78 -7.48 1.02
CA VAL B 606 1.74 -6.54 -0.15
C VAL B 606 2.11 -5.13 0.32
N PRO B 607 3.03 -4.41 -0.36
CA PRO B 607 3.82 -4.94 -1.46
C PRO B 607 5.09 -5.65 -0.98
N VAL B 608 5.57 -6.64 -1.74
CA VAL B 608 6.92 -7.24 -1.59
C VAL B 608 7.58 -7.21 -2.97
N TYR B 609 8.84 -6.78 -3.02
CA TYR B 609 9.63 -6.64 -4.27
C TYR B 609 11.12 -6.59 -3.90
N TYR B 610 11.96 -7.22 -4.72
CA TYR B 610 13.39 -7.49 -4.43
C TYR B 610 14.13 -6.15 -4.20
N ASN B 611 13.90 -5.14 -5.04
CA ASN B 611 14.67 -3.87 -5.02
C ASN B 611 13.98 -2.88 -4.07
N HIS B 612 13.88 -3.26 -2.79
CA HIS B 612 13.34 -2.44 -1.68
C HIS B 612 14.51 -1.74 -0.98
N LEU B 613 14.21 -0.69 -0.20
CA LEU B 613 15.21 0.02 0.63
C LEU B 613 15.49 -0.81 1.88
N ASN B 614 16.70 -0.70 2.43
CA ASN B 614 17.21 -1.51 3.57
C ASN B 614 16.45 -1.13 4.85
N THR B 615 16.13 0.17 5.01
CA THR B 615 15.57 0.79 6.24
C THR B 615 16.66 0.84 7.32
N GLY B 616 16.42 1.55 8.42
CA GLY B 616 17.38 1.72 9.53
C GLY B 616 17.42 0.51 10.45
N ARG B 617 16.48 -0.44 10.27
CA ARG B 617 16.37 -1.66 11.10
C ARG B 617 15.99 -2.85 10.22
N PRO B 618 16.91 -3.27 9.31
CA PRO B 618 16.65 -4.43 8.45
C PRO B 618 16.57 -5.72 9.28
N MET B 619 15.61 -6.59 8.95
CA MET B 619 15.52 -7.96 9.52
C MET B 619 16.64 -8.80 8.91
N ASP B 620 17.30 -9.63 9.72
CA ASP B 620 18.42 -10.52 9.31
C ASP B 620 17.88 -11.96 9.29
N HIS B 621 17.60 -12.53 8.10
CA HIS B 621 17.07 -13.90 7.91
C HIS B 621 18.07 -14.93 8.46
N ASN B 623 19.49 -14.25 11.76
CA ASN B 623 19.38 -13.78 13.18
C ASN B 623 18.22 -12.81 13.31
N PRO B 624 16.96 -13.28 13.18
CA PRO B 624 15.79 -12.41 13.40
C PRO B 624 15.91 -11.57 14.67
N GLY B 625 15.45 -10.31 14.61
CA GLY B 625 15.22 -9.46 15.79
C GLY B 625 13.74 -9.10 15.90
N LYS B 626 13.30 -8.74 17.11
CA LYS B 626 11.90 -8.29 17.35
C LYS B 626 11.73 -6.87 16.80
N TYR B 627 12.72 -6.00 17.01
CA TYR B 627 12.68 -4.55 16.67
C TYR B 627 13.41 -4.34 15.34
N THR B 628 12.93 -5.00 14.29
CA THR B 628 13.34 -4.82 12.87
C THR B 628 12.09 -4.59 12.04
N SER B 629 12.23 -4.26 10.76
CA SER B 629 11.11 -3.94 9.84
C SER B 629 10.54 -5.23 9.25
N ARG B 630 9.43 -5.72 9.82
CA ARG B 630 8.91 -7.09 9.56
C ARG B 630 7.50 -7.26 10.12
N TYR B 631 6.84 -8.35 9.69
CA TYR B 631 5.61 -8.92 10.30
C TYR B 631 6.05 -9.89 11.39
N PHE B 632 5.21 -10.14 12.40
CA PHE B 632 5.50 -11.09 13.50
C PHE B 632 4.65 -12.37 13.36
N ASP B 633 3.52 -12.28 12.65
CA ASP B 633 2.49 -13.37 12.62
C ASP B 633 2.68 -14.21 11.35
N GLU B 634 3.83 -14.11 10.68
CA GLU B 634 4.13 -14.89 9.45
C GLU B 634 5.63 -14.81 9.16
N ALA B 635 6.20 -15.85 8.53
CA ALA B 635 7.57 -15.84 7.96
C ALA B 635 7.70 -14.59 7.07
N ASN B 636 8.89 -13.97 7.02
CA ASN B 636 9.09 -12.69 6.30
C ASN B 636 9.80 -12.94 4.96
N GLY B 637 9.92 -11.91 4.13
CA GLY B 637 10.40 -12.03 2.74
C GLY B 637 9.38 -12.72 1.85
N PRO B 638 9.63 -12.80 0.52
CA PRO B 638 8.73 -13.47 -0.39
C PRO B 638 8.88 -14.99 -0.27
N LEU B 639 7.88 -15.78 -0.71
CA LEU B 639 8.01 -17.26 -0.76
C LEU B 639 9.00 -17.61 -1.87
N TYR B 640 8.81 -17.02 -3.06
CA TYR B 640 9.74 -17.09 -4.20
C TYR B 640 10.20 -15.68 -4.54
N PRO B 641 11.52 -15.44 -4.63
CA PRO B 641 12.04 -14.11 -4.93
C PRO B 641 12.08 -13.85 -6.44
N PHE B 642 12.28 -12.59 -6.82
CA PHE B 642 12.60 -12.16 -8.20
C PHE B 642 13.77 -13.01 -8.71
N GLY B 643 13.70 -13.43 -9.98
CA GLY B 643 14.80 -14.13 -10.68
C GLY B 643 14.81 -15.63 -10.37
N TYR B 644 13.89 -16.11 -9.53
CA TYR B 644 13.86 -17.52 -9.05
C TYR B 644 13.28 -18.43 -10.12
N GLY B 645 13.84 -19.63 -10.26
CA GLY B 645 13.30 -20.67 -11.15
C GLY B 645 14.23 -21.86 -11.27
N LEU B 646 13.71 -23.08 -11.12
CA LEU B 646 14.50 -24.34 -11.07
C LEU B 646 14.62 -24.95 -12.47
N SER B 647 15.51 -25.94 -12.60
CA SER B 647 15.86 -26.67 -13.84
C SER B 647 15.90 -28.17 -13.57
N TYR B 648 15.89 -28.99 -14.61
CA TYR B 648 16.08 -30.46 -14.53
C TYR B 648 17.57 -30.80 -14.42
N THR B 649 18.46 -29.82 -14.60
CA THR B 649 19.92 -29.99 -14.43
C THR B 649 20.43 -29.01 -13.39
N GLU B 650 21.71 -29.15 -13.02
CA GLU B 650 22.41 -28.37 -11.98
C GLU B 650 23.48 -27.49 -12.65
N PHE B 651 23.56 -26.22 -12.24
CA PHE B 651 24.53 -25.22 -12.73
C PHE B 651 25.44 -24.79 -11.58
N SER B 652 26.68 -24.39 -11.90
CA SER B 652 27.60 -23.74 -10.93
C SER B 652 28.19 -22.48 -11.57
N LEU B 653 28.49 -21.49 -10.73
CA LEU B 653 29.21 -20.22 -11.07
C LEU B 653 30.56 -20.24 -10.36
N SER B 654 31.64 -19.85 -11.03
CA SER B 654 32.96 -19.59 -10.40
C SER B 654 32.86 -18.29 -9.61
N PRO B 655 33.82 -17.99 -8.71
CA PRO B 655 33.89 -16.67 -8.06
C PRO B 655 33.75 -15.51 -9.05
N LEU B 656 33.03 -14.46 -8.65
CA LEU B 656 32.92 -13.17 -9.38
C LEU B 656 34.28 -12.47 -9.37
N ARG B 657 34.77 -12.04 -10.54
CA ARG B 657 36.04 -11.31 -10.73
C ARG B 657 35.75 -9.98 -11.44
N LEU B 658 36.08 -8.84 -10.81
CA LEU B 658 36.02 -7.51 -11.46
C LEU B 658 37.37 -7.21 -12.11
N SER B 659 37.37 -6.49 -13.23
CA SER B 659 38.60 -6.16 -14.00
C SER B 659 39.47 -5.16 -13.21
N SER B 660 38.89 -4.43 -12.25
CA SER B 660 39.64 -3.55 -11.32
C SER B 660 38.79 -3.21 -10.09
N GLU B 661 39.39 -2.51 -9.11
CA GLU B 661 38.78 -2.08 -7.83
C GLU B 661 38.52 -0.56 -7.84
N ARG B 662 39.01 0.14 -8.86
CA ARG B 662 38.71 1.57 -9.12
C ARG B 662 38.20 1.70 -10.56
N LEU B 663 37.21 2.55 -10.78
CA LEU B 663 36.66 2.87 -12.13
C LEU B 663 36.76 4.38 -12.35
N ALA B 664 37.47 4.79 -13.40
CA ALA B 664 37.63 6.21 -13.81
C ALA B 664 36.36 6.67 -14.53
N ARG B 665 36.03 7.95 -14.40
CA ARG B 665 34.92 8.60 -15.15
C ARG B 665 35.14 8.36 -16.66
N GLY B 666 34.13 7.84 -17.35
CA GLY B 666 34.16 7.59 -18.80
C GLY B 666 34.82 6.28 -19.17
N ALA B 667 35.27 5.50 -18.19
CA ALA B 667 35.90 4.17 -18.39
C ALA B 667 34.85 3.08 -18.21
N THR B 668 35.21 1.82 -18.43
CA THR B 668 34.25 0.69 -18.42
C THR B 668 34.85 -0.50 -17.67
N LEU B 669 34.10 -1.01 -16.69
CA LEU B 669 34.48 -2.11 -15.78
C LEU B 669 33.96 -3.43 -16.35
N GLU B 670 34.64 -4.55 -16.05
CA GLU B 670 34.25 -5.90 -16.52
C GLU B 670 34.05 -6.83 -15.31
N ALA B 671 32.81 -7.24 -15.07
CA ALA B 671 32.42 -8.31 -14.13
C ALA B 671 32.36 -9.64 -14.90
N ARG B 672 33.19 -10.61 -14.50
CA ARG B 672 33.41 -11.87 -15.24
C ARG B 672 33.13 -13.06 -14.30
N VAL B 673 32.33 -14.01 -14.76
CA VAL B 673 31.95 -15.24 -14.01
C VAL B 673 31.89 -16.39 -15.03
N THR B 674 32.13 -17.63 -14.59
CA THR B 674 32.10 -18.84 -15.47
C THR B 674 30.96 -19.76 -15.04
N LEU B 675 29.96 -19.91 -15.91
CA LEU B 675 28.76 -20.76 -15.70
C LEU B 675 29.01 -22.14 -16.32
N SER B 676 28.74 -23.21 -15.55
CA SER B 676 28.88 -24.62 -15.98
C SER B 676 27.52 -25.32 -15.91
N ASN B 677 27.29 -26.29 -16.80
CA ASN B 677 26.27 -27.35 -16.62
C ASN B 677 26.99 -28.49 -15.90
N SER B 678 26.80 -28.60 -14.59
CA SER B 678 27.41 -29.63 -13.70
C SER B 678 26.39 -30.74 -13.41
N GLY B 679 25.42 -30.96 -14.31
CA GLY B 679 24.39 -32.02 -14.20
C GLY B 679 24.32 -32.87 -15.46
N LYS B 680 23.28 -33.70 -15.60
CA LYS B 680 23.20 -34.78 -16.62
C LYS B 680 22.41 -34.35 -17.85
N ARG B 681 21.57 -33.31 -17.76
CA ARG B 681 20.69 -32.88 -18.88
C ARG B 681 21.16 -31.54 -19.43
N ALA B 682 20.97 -31.35 -20.74
CA ALA B 682 21.09 -30.05 -21.43
C ALA B 682 19.99 -29.12 -20.90
N GLY B 683 20.27 -27.82 -20.83
CA GLY B 683 19.29 -26.83 -20.39
C GLY B 683 19.88 -25.44 -20.24
N ALA B 684 19.00 -24.47 -20.00
CA ALA B 684 19.32 -23.04 -19.90
C ALA B 684 19.02 -22.55 -18.48
N THR B 685 19.78 -21.55 -18.05
CA THR B 685 19.54 -20.73 -16.83
C THR B 685 19.75 -19.27 -17.23
N VAL B 686 19.46 -18.33 -16.34
CA VAL B 686 19.62 -16.87 -16.54
C VAL B 686 20.58 -16.34 -15.47
N VAL B 687 21.77 -15.90 -15.88
CA VAL B 687 22.79 -15.30 -14.98
C VAL B 687 22.47 -13.80 -14.89
N GLN B 688 22.19 -13.33 -13.68
CA GLN B 688 21.63 -11.98 -13.39
C GLN B 688 22.70 -11.15 -12.66
N LEU B 689 22.97 -9.95 -13.15
CA LEU B 689 23.88 -8.98 -12.49
C LEU B 689 23.04 -7.93 -11.76
N TYR B 690 23.24 -7.79 -10.46
CA TYR B 690 22.60 -6.75 -9.60
C TYR B 690 23.68 -5.80 -9.07
N LEU B 691 23.24 -4.61 -8.69
CA LEU B 691 24.12 -3.47 -8.32
C LEU B 691 23.54 -2.75 -7.10
N GLN B 692 24.41 -2.37 -6.15
CA GLN B 692 24.03 -1.60 -4.93
C GLN B 692 24.98 -0.41 -4.78
N ASP B 693 24.39 0.77 -4.52
CA ASP B 693 25.08 2.02 -4.12
C ASP B 693 24.84 2.15 -2.62
N PRO B 694 25.71 1.56 -1.76
CA PRO B 694 25.45 1.49 -0.33
C PRO B 694 25.53 2.83 0.41
N VAL B 695 26.14 3.84 -0.22
CA VAL B 695 26.23 5.23 0.32
C VAL B 695 25.85 6.20 -0.81
N ALA B 696 24.84 7.04 -0.57
CA ALA B 696 24.23 7.94 -1.59
C ALA B 696 23.39 9.04 -0.92
N SER B 697 23.08 10.11 -1.66
CA SER B 697 22.27 11.28 -1.18
C SER B 697 20.82 10.84 -0.92
N LEU B 698 20.34 9.80 -1.60
CA LEU B 698 19.10 9.07 -1.22
C LEU B 698 19.47 7.69 -0.69
N SER B 699 18.65 7.11 0.18
CA SER B 699 18.68 5.65 0.49
C SER B 699 18.33 4.90 -0.80
N ARG B 700 19.32 4.19 -1.37
CA ARG B 700 19.16 3.42 -2.64
C ARG B 700 18.68 2.02 -2.30
N PRO B 701 18.13 1.26 -3.28
CA PRO B 701 17.68 -0.11 -3.01
C PRO B 701 18.84 -1.03 -2.63
N VAL B 702 18.52 -2.12 -1.93
CA VAL B 702 19.50 -3.14 -1.45
C VAL B 702 20.18 -3.78 -2.65
N LYS B 703 19.47 -3.94 -3.76
CA LYS B 703 20.06 -4.23 -5.09
C LYS B 703 19.07 -3.89 -6.21
N GLU B 704 19.60 -3.61 -7.41
CA GLU B 704 18.87 -3.30 -8.65
C GLU B 704 19.46 -4.15 -9.79
N LEU B 705 18.63 -4.89 -10.53
CA LEU B 705 19.06 -5.60 -11.77
C LEU B 705 19.67 -4.59 -12.76
N ARG B 706 20.83 -4.91 -13.33
CA ARG B 706 21.52 -4.04 -14.32
C ARG B 706 22.01 -4.81 -15.55
N GLY B 707 21.98 -6.16 -15.54
CA GLY B 707 22.24 -7.00 -16.73
C GLY B 707 21.76 -8.43 -16.52
N PHE B 708 21.79 -9.25 -17.58
CA PHE B 708 21.60 -10.72 -17.52
C PHE B 708 22.03 -11.40 -18.83
N ARG B 709 22.40 -12.67 -18.75
CA ARG B 709 22.52 -13.59 -19.91
C ARG B 709 21.66 -14.83 -19.64
N LYS B 710 20.78 -15.17 -20.57
CA LYS B 710 20.18 -16.52 -20.68
C LYS B 710 21.17 -17.38 -21.45
N VAL B 711 21.61 -18.52 -20.90
CA VAL B 711 22.64 -19.38 -21.56
C VAL B 711 22.15 -20.84 -21.58
N MET B 712 22.05 -21.41 -22.79
CA MET B 712 21.86 -22.86 -23.02
C MET B 712 23.23 -23.54 -22.93
N LEU B 713 23.38 -24.52 -22.04
CA LEU B 713 24.63 -25.34 -21.93
C LEU B 713 24.26 -26.82 -22.03
N GLU B 714 25.04 -27.60 -22.79
CA GLU B 714 25.03 -29.09 -22.75
C GLU B 714 25.70 -29.53 -21.45
N PRO B 715 25.46 -30.76 -20.95
CA PRO B 715 26.18 -31.25 -19.77
C PRO B 715 27.71 -31.13 -19.93
N GLY B 716 28.39 -30.56 -18.93
CA GLY B 716 29.85 -30.36 -18.92
C GLY B 716 30.26 -29.07 -19.61
N GLU B 717 29.36 -28.42 -20.33
CA GLU B 717 29.69 -27.20 -21.12
C GLU B 717 29.98 -26.06 -20.14
N SER B 718 30.91 -25.18 -20.49
CA SER B 718 31.31 -23.98 -19.70
C SER B 718 31.30 -22.75 -20.59
N ARG B 719 30.77 -21.63 -20.08
CA ARG B 719 30.81 -20.33 -20.79
C ARG B 719 31.24 -19.23 -19.82
N GLU B 720 32.40 -18.62 -20.09
CA GLU B 720 32.82 -17.34 -19.49
C GLU B 720 31.79 -16.27 -19.88
N ILE B 721 31.01 -15.79 -18.92
CA ILE B 721 30.11 -14.62 -19.09
C ILE B 721 30.89 -13.37 -18.70
N VAL B 722 30.77 -12.31 -19.49
CA VAL B 722 31.43 -10.99 -19.26
C VAL B 722 30.35 -9.90 -19.28
N PHE B 723 30.11 -9.24 -18.15
CA PHE B 723 29.25 -8.02 -18.07
C PHE B 723 30.15 -6.79 -18.17
N ARG B 724 29.76 -5.86 -19.04
CA ARG B 724 30.34 -4.50 -19.12
C ARG B 724 29.52 -3.57 -18.25
N LEU B 725 30.18 -2.86 -17.32
CA LEU B 725 29.55 -1.82 -16.47
C LEU B 725 30.23 -0.49 -16.73
N GLY B 726 29.42 0.54 -16.97
CA GLY B 726 29.88 1.94 -17.07
C GLY B 726 29.14 2.85 -16.11
N GLU B 727 29.36 4.15 -16.26
CA GLU B 727 28.80 5.22 -15.39
C GLU B 727 27.28 5.28 -15.56
N ALA B 728 26.73 4.94 -16.74
CA ALA B 728 25.28 4.99 -17.05
C ALA B 728 24.50 4.08 -16.10
N ASP B 729 25.07 2.92 -15.73
CA ASP B 729 24.41 1.86 -14.92
C ASP B 729 24.44 2.23 -13.43
N LEU B 730 25.20 3.25 -13.03
CA LEU B 730 25.44 3.63 -11.61
C LEU B 730 24.56 4.82 -11.19
N LYS B 731 23.85 5.44 -12.13
CA LYS B 731 23.14 6.74 -11.93
C LYS B 731 21.80 6.50 -11.22
N PHE B 732 21.22 7.58 -10.67
CA PHE B 732 19.88 7.59 -10.04
C PHE B 732 19.37 9.04 -9.98
N TYR B 733 18.05 9.20 -9.85
CA TYR B 733 17.38 10.52 -9.64
C TYR B 733 17.43 10.83 -8.14
N ASP B 734 18.05 11.96 -7.77
CA ASP B 734 18.24 12.39 -6.36
C ASP B 734 16.98 13.15 -5.91
N SER B 735 17.02 13.77 -4.73
CA SER B 735 15.92 14.57 -4.15
C SER B 735 15.39 15.59 -5.18
N GLN B 736 16.28 16.19 -5.98
CA GLN B 736 15.94 17.26 -6.96
C GLN B 736 15.99 16.72 -8.40
N LEU B 737 15.92 15.39 -8.57
CA LEU B 737 15.88 14.69 -9.89
C LEU B 737 17.16 14.95 -10.70
N ARG B 738 18.28 15.23 -10.03
CA ARG B 738 19.64 15.23 -10.66
C ARG B 738 19.98 13.78 -11.03
N HIS B 739 20.12 13.47 -12.32
CA HIS B 739 20.44 12.12 -12.82
C HIS B 739 21.96 11.98 -12.91
N THR B 740 22.62 11.52 -11.84
CA THR B 740 24.10 11.34 -11.83
C THR B 740 24.54 10.16 -10.96
N ALA B 741 25.75 9.71 -11.27
CA ALA B 741 26.56 8.73 -10.51
C ALA B 741 27.48 9.53 -9.58
N GLU B 742 27.37 9.30 -8.27
CA GLU B 742 28.26 9.91 -7.24
C GLU B 742 29.49 9.02 -7.08
N PRO B 743 30.67 9.60 -6.78
CA PRO B 743 31.87 8.81 -6.53
C PRO B 743 31.68 7.99 -5.24
N GLY B 744 32.38 6.86 -5.15
CA GLY B 744 32.34 5.98 -3.97
C GLY B 744 32.13 4.54 -4.34
N GLU B 745 31.79 3.72 -3.34
CA GLU B 745 31.70 2.24 -3.44
C GLU B 745 30.48 1.85 -4.29
N PHE B 746 30.64 0.83 -5.12
CA PHE B 746 29.54 0.10 -5.80
C PHE B 746 29.77 -1.41 -5.60
N LYS B 747 28.72 -2.12 -5.22
CA LYS B 747 28.73 -3.58 -4.96
C LYS B 747 28.04 -4.28 -6.13
N VAL B 748 28.75 -5.21 -6.79
CA VAL B 748 28.26 -6.01 -7.94
C VAL B 748 27.88 -7.40 -7.40
N PHE B 749 26.63 -7.82 -7.63
CA PHE B 749 26.14 -9.19 -7.28
C PHE B 749 25.96 -9.98 -8.58
N VAL B 750 26.18 -11.29 -8.53
CA VAL B 750 25.97 -12.23 -9.66
C VAL B 750 25.47 -13.56 -9.11
N GLY B 751 24.39 -14.10 -9.70
CA GLY B 751 23.75 -15.36 -9.26
C GLY B 751 22.60 -15.74 -10.18
N LEU B 752 21.94 -16.85 -9.89
CA LEU B 752 20.85 -17.42 -10.72
C LEU B 752 19.48 -17.02 -10.16
N ASP B 753 19.46 -16.23 -9.09
CA ASP B 753 18.26 -15.47 -8.61
C ASP B 753 18.72 -14.36 -7.67
N SER B 754 17.81 -13.44 -7.32
CA SER B 754 18.11 -12.23 -6.51
C SER B 754 18.47 -12.59 -5.07
N ALA B 755 18.09 -13.79 -4.60
CA ALA B 755 18.38 -14.31 -3.25
C ALA B 755 19.82 -14.82 -3.18
N GLN B 756 20.19 -15.76 -4.06
CA GLN B 756 21.45 -16.57 -3.95
C GLN B 756 22.51 -16.01 -4.92
N THR B 757 23.28 -15.04 -4.43
CA THR B 757 24.29 -14.26 -5.20
C THR B 757 25.60 -14.14 -4.42
N GLU B 758 26.67 -13.75 -5.11
CA GLU B 758 27.98 -13.32 -4.52
C GLU B 758 28.27 -11.88 -4.95
N SER B 759 28.85 -11.08 -4.05
CA SER B 759 29.16 -9.65 -4.29
C SER B 759 30.67 -9.40 -4.26
N ARG B 760 31.11 -8.43 -5.04
CA ARG B 760 32.48 -7.85 -5.05
C ARG B 760 32.31 -6.35 -5.32
N SER B 761 33.15 -5.52 -4.71
CA SER B 761 33.02 -4.03 -4.77
C SER B 761 34.12 -3.41 -5.63
N PHE B 762 33.83 -2.25 -6.20
CA PHE B 762 34.78 -1.32 -6.85
C PHE B 762 34.45 0.07 -6.37
N THR B 763 35.23 1.06 -6.80
CA THR B 763 35.06 2.49 -6.46
C THR B 763 35.02 3.31 -7.75
N LEU B 764 34.06 4.21 -7.84
CA LEU B 764 34.01 5.27 -8.88
C LEU B 764 34.80 6.47 -8.36
N LEU B 765 35.54 7.17 -9.22
CA LEU B 765 36.44 8.30 -8.84
C LEU B 765 35.77 9.64 -9.18
C2 BGC C . 10.37 4.97 19.97
C3 BGC C . 9.83 6.29 20.39
C4 BGC C . 9.76 6.21 21.86
C5 BGC C . 11.21 6.24 22.29
C6 BGC C . 11.33 6.41 23.79
C1 BGC C . 11.75 4.77 20.52
O1 BGC C . 12.10 3.40 20.42
O2 BGC C . 10.47 4.98 18.55
O3 BGC C . 8.52 6.50 19.89
O4 BGC C . 8.98 7.28 22.36
O5 BGC C . 11.75 5.01 21.89
O6 BGC C . 11.73 5.26 24.50
MG MG D . -14.46 24.64 -6.41
C2 BGC E . -8.26 0.10 -21.69
C3 BGC E . -7.06 -0.03 -22.60
C4 BGC E . -7.57 -0.61 -23.85
C5 BGC E . -8.58 0.34 -24.43
C6 BGC E . -9.16 -0.26 -25.68
C1 BGC E . -9.16 1.12 -22.29
O1 BGC E . -10.26 1.23 -21.40
O2 BGC E . -7.89 0.55 -20.42
O3 BGC E . -6.12 -0.94 -22.10
O4 BGC E . -6.46 -0.77 -24.70
O5 BGC E . -9.61 0.58 -23.50
O6 BGC E . -10.13 -1.23 -25.34
MG MG F . 28.23 5.90 -3.63
#